data_3JWD
#
_entry.id   3JWD
#
_cell.length_a   83.112
_cell.length_b   172.954
_cell.length_c   193.144
_cell.angle_alpha   90.00
_cell.angle_beta   90.00
_cell.angle_gamma   90.00
#
_symmetry.space_group_name_H-M   'P 21 21 21'
#
loop_
_entity.id
_entity.type
_entity.pdbx_description
1 polymer 'HIV-1 GP120 ENVELOPE GLYCOPROTEIN'
2 polymer 'T-cell surface glycoprotein CD4'
3 polymer 'FAB 48D LIGHT CHAIN'
4 polymer 'FAB 48D HEAVY CHAIN'
5 non-polymer 2-acetamido-2-deoxy-beta-D-glucopyranose
6 non-polymer GLYCEROL
7 water water
#
loop_
_entity_poly.entity_id
_entity_poly.type
_entity_poly.pdbx_seq_one_letter_code
_entity_poly.pdbx_strand_id
1 'polypeptide(L)'
;TEKLWVTVYYGVPVWKEATTTLFCASDAKAYDTEVHNVWATHACVPTDPNPQEVVLVNVTENFNMWKNDMVEQMHEDIIS
LWDQSLKPCVKLTGGSVITQACPKVSFEPIPIHYCAPAGFAILKCNNKTFNGTGPCTNVSTVQCTHGIRPVVSSQLLLNG
SLAEEEVVIRSVNFTDNAKTIIVQLNTSVEINCTGAGHCNIARAKWNNTLKQIASKLREQFGNNKTIIFKQSSGGDPEIV
THWFNCGGEFFYCNSTQLFNSTWFNSTWSTEGSNNTEGSDTITLPCRIKQIINMWQKVGKAMYAPPISGQIRCSSNITGL
LLTRDGGNSNNESEIFRPGGGDMRDNWRSELYKYKVVKIEPLGVAPTKAKRRVVQSEKS
;
A,B
2 'polypeptide(L)'
;MKKVVLGKKGDTVELTCTASQKKSIQFHWKNSNQIKILGNQGSFLTKGPSKLNDRADSRRSLWDQGNFPLIIKNLKIEDS
DTYICEVEDQKEEVQLLVFGLTANSDTHLLQGQSLTLTLESPPGSSPSVQCRSPRGKNIQGGKTLSVSQLELQDSGTWTC
TVLQNQKKVEFKIDIVVLAFQKAS
;
C,D
3 'polypeptide(L)'
;DIQMTQSPSSVSASVGDRVTITCRASQDISTWLAWYQQKPGKAPKLLIYAASTLQSGVPSRFSGSGSGTDFSLTINSLQP
EDFATYYCQQANSFFTFGGGTKVEIKRTVAAPSVFIFPPSDEQLKSGTASVVCLLNNFYPREAKVQWKVDNALQSGNSQE
SVTEQDSKDSTYSLSSTLTLSKADYEKHKLYACEVTHQGLSSPVTKSFNRGE(YCM)
;
L,O
4 'polypeptide(L)'
;EVQLVQSGAEVKKPGATVKISCKASGYTFSDFYMYWVRQAPGKGLEWMGLIDPEDADTMYAEKFRGRVTITADTSTDTGY
LELSSLRSEDTAVYYCAADPWELNAFNVWGQGTLVSVSSASTKGPSVFPLAPSSKSTSGGTAALGCLVKDYFPEPVTVSW
NSGALTSGVHTFPAVLQSSGLYSLSSVVTVPSSSLGTQTYICNVNHKPSNTKVDKKVEPK
;
H,P
#
# COMPACT_ATOMS: atom_id res chain seq x y z
N THR A 1 34.56 16.76 -7.92
CA THR A 1 35.46 16.34 -8.99
C THR A 1 34.81 15.27 -9.86
N GLU A 2 34.67 15.55 -11.15
CA GLU A 2 34.08 14.61 -12.09
C GLU A 2 35.04 14.35 -13.25
N LYS A 3 34.73 13.35 -14.08
CA LYS A 3 35.56 13.02 -15.24
C LYS A 3 34.78 12.94 -16.55
N LEU A 4 34.45 11.73 -16.97
CA LEU A 4 33.83 11.52 -18.28
C LEU A 4 32.43 10.91 -18.20
N TRP A 5 32.38 9.60 -17.97
CA TRP A 5 31.09 8.88 -17.92
C TRP A 5 30.28 9.22 -16.67
N VAL A 6 29.00 9.56 -16.90
CA VAL A 6 28.11 9.95 -15.81
C VAL A 6 27.86 8.79 -14.86
N THR A 7 28.29 8.96 -13.60
CA THR A 7 28.07 7.93 -12.60
C THR A 7 26.60 7.89 -12.18
N VAL A 8 26.06 6.67 -12.07
CA VAL A 8 24.67 6.46 -11.71
C VAL A 8 24.54 5.83 -10.32
N TYR A 9 23.65 6.40 -9.51
CA TYR A 9 23.38 5.85 -8.19
C TYR A 9 22.12 4.99 -8.24
N TYR A 10 22.27 3.71 -7.91
CA TYR A 10 21.16 2.77 -7.99
C TYR A 10 20.51 2.49 -6.63
N GLY A 11 19.19 2.41 -6.62
CA GLY A 11 18.47 1.97 -5.44
C GLY A 11 18.06 0.52 -5.59
N VAL A 12 18.89 -0.37 -5.06
CA VAL A 12 18.70 -1.81 -5.19
C VAL A 12 17.66 -2.32 -4.19
N PRO A 13 16.78 -3.23 -4.63
CA PRO A 13 15.73 -3.77 -3.75
C PRO A 13 16.30 -4.75 -2.72
N VAL A 14 15.63 -4.84 -1.57
CA VAL A 14 16.02 -5.79 -0.53
C VAL A 14 14.80 -6.51 0.06
N TRP A 15 14.87 -7.83 0.11
CA TRP A 15 13.78 -8.63 0.64
C TRP A 15 14.30 -9.74 1.56
N LYS A 16 13.38 -10.45 2.21
CA LYS A 16 13.75 -11.56 3.07
C LYS A 16 12.61 -12.58 3.18
N GLU A 17 12.95 -13.86 3.21
CA GLU A 17 11.95 -14.91 3.41
C GLU A 17 11.02 -14.56 4.58
N ALA A 18 9.72 -14.75 4.39
CA ALA A 18 8.76 -14.45 5.43
C ALA A 18 7.46 -15.22 5.26
N THR A 19 6.57 -15.07 6.24
CA THR A 19 5.27 -15.72 6.22
C THR A 19 4.16 -14.76 6.64
N THR A 20 3.08 -14.75 5.86
CA THR A 20 1.95 -13.90 6.15
C THR A 20 0.70 -14.53 5.57
N THR A 21 -0.46 -14.08 6.04
CA THR A 21 -1.73 -14.55 5.49
C THR A 21 -2.00 -13.91 4.13
N LEU A 22 -2.02 -14.73 3.09
CA LEU A 22 -2.31 -14.25 1.74
C LEU A 22 -3.82 -14.22 1.50
N PHE A 23 -4.25 -13.42 0.53
CA PHE A 23 -5.63 -13.45 0.07
C PHE A 23 -5.68 -14.15 -1.27
N CYS A 24 -6.87 -14.22 -1.86
CA CYS A 24 -7.03 -14.98 -3.10
C CYS A 24 -7.97 -14.29 -4.09
N ALA A 25 -7.82 -14.64 -5.36
CA ALA A 25 -8.63 -14.05 -6.41
C ALA A 25 -9.14 -15.13 -7.35
N SER A 26 -10.38 -14.96 -7.82
CA SER A 26 -11.02 -15.96 -8.66
C SER A 26 -12.01 -15.34 -9.64
N ASP A 27 -12.31 -16.08 -10.70
CA ASP A 27 -13.33 -15.66 -11.67
C ASP A 27 -14.68 -16.25 -11.27
N ALA A 28 -14.94 -16.28 -9.97
CA ALA A 28 -16.19 -16.81 -9.44
C ALA A 28 -17.37 -15.97 -9.88
N LYS A 29 -18.55 -16.60 -9.94
CA LYS A 29 -19.77 -15.91 -10.33
C LYS A 29 -20.75 -15.88 -9.16
N ALA A 30 -21.31 -14.70 -8.90
CA ALA A 30 -22.24 -14.53 -7.79
C ALA A 30 -23.63 -15.08 -8.11
N TYR A 31 -23.79 -15.63 -9.30
CA TYR A 31 -25.07 -16.22 -9.69
C TYR A 31 -25.00 -17.74 -9.79
N ASP A 32 -23.79 -18.28 -9.67
CA ASP A 32 -23.61 -19.73 -9.67
C ASP A 32 -23.73 -20.28 -8.26
N THR A 33 -24.57 -21.30 -8.10
CA THR A 33 -24.87 -21.85 -6.78
C THR A 33 -24.01 -23.08 -6.46
N GLU A 34 -22.97 -23.31 -7.26
CA GLU A 34 -22.05 -24.39 -6.97
C GLU A 34 -21.07 -23.96 -5.88
N VAL A 35 -20.61 -24.92 -5.09
CA VAL A 35 -19.89 -24.63 -3.85
C VAL A 35 -18.61 -23.81 -4.01
N HIS A 36 -17.78 -24.15 -5.00
CA HIS A 36 -16.54 -23.41 -5.21
C HIS A 36 -16.82 -21.94 -5.53
N ASN A 37 -17.73 -21.69 -6.45
CA ASN A 37 -18.11 -20.32 -6.81
C ASN A 37 -18.68 -19.58 -5.60
N VAL A 38 -19.51 -20.26 -4.83
CA VAL A 38 -20.11 -19.68 -3.64
C VAL A 38 -19.06 -19.30 -2.60
N TRP A 39 -18.11 -20.20 -2.38
CA TRP A 39 -17.06 -19.96 -1.40
C TRP A 39 -16.13 -18.86 -1.87
N ALA A 40 -15.69 -18.97 -3.11
CA ALA A 40 -14.76 -18.01 -3.70
C ALA A 40 -15.33 -16.60 -3.66
N THR A 41 -16.60 -16.46 -4.00
CA THR A 41 -17.27 -15.17 -3.97
C THR A 41 -17.22 -14.56 -2.57
N HIS A 42 -17.38 -15.40 -1.56
CA HIS A 42 -17.43 -14.95 -0.18
C HIS A 42 -16.07 -14.67 0.44
N ALA A 43 -15.00 -15.11 -0.22
CA ALA A 43 -13.67 -14.97 0.38
C ALA A 43 -12.56 -14.57 -0.60
N CYS A 44 -12.94 -14.12 -1.80
CA CYS A 44 -11.94 -13.77 -2.80
C CYS A 44 -12.17 -12.44 -3.51
N VAL A 45 -11.27 -12.12 -4.42
CA VAL A 45 -11.30 -10.85 -5.12
C VAL A 45 -11.41 -11.09 -6.62
N PRO A 46 -12.05 -10.16 -7.35
CA PRO A 46 -12.02 -10.24 -8.81
C PRO A 46 -10.60 -10.39 -9.36
N THR A 47 -10.49 -10.67 -10.64
CA THR A 47 -9.24 -11.14 -11.22
C THR A 47 -8.37 -10.04 -11.84
N ASP A 48 -7.46 -10.47 -12.72
CA ASP A 48 -6.25 -9.73 -13.09
C ASP A 48 -6.40 -8.38 -13.83
N PRO A 49 -6.80 -8.39 -15.12
CA PRO A 49 -7.00 -9.46 -16.10
C PRO A 49 -5.79 -9.62 -17.02
N ASN A 50 -4.85 -8.67 -16.93
CA ASN A 50 -3.59 -8.75 -17.67
C ASN A 50 -2.40 -8.82 -16.73
N PRO A 51 -2.05 -10.02 -16.26
CA PRO A 51 -0.99 -10.21 -15.28
C PRO A 51 0.40 -9.97 -15.86
N GLN A 52 1.27 -9.33 -15.07
CA GLN A 52 2.65 -9.11 -15.46
C GLN A 52 3.59 -9.33 -14.29
N GLU A 53 4.81 -9.79 -14.61
CA GLU A 53 5.82 -10.05 -13.60
C GLU A 53 7.05 -9.16 -13.80
N VAL A 54 7.77 -8.90 -12.72
CA VAL A 54 9.00 -8.12 -12.80
C VAL A 54 10.22 -9.02 -12.82
N VAL A 55 10.69 -9.38 -14.00
CA VAL A 55 11.93 -10.14 -14.15
C VAL A 55 13.07 -9.43 -13.44
N LEU A 56 13.84 -10.17 -12.65
CA LEU A 56 14.98 -9.62 -11.92
C LEU A 56 16.29 -10.14 -12.51
N VAL A 57 16.95 -9.31 -13.31
CA VAL A 57 18.12 -9.73 -14.09
C VAL A 57 19.29 -10.21 -13.23
N ASN A 58 19.93 -11.29 -13.67
CA ASN A 58 21.10 -11.85 -13.00
C ASN A 58 20.94 -11.99 -11.47
N VAL A 59 19.79 -12.50 -11.07
CA VAL A 59 19.49 -12.75 -9.66
C VAL A 59 19.28 -14.24 -9.42
N THR A 60 19.91 -14.76 -8.36
CA THR A 60 19.74 -16.16 -7.99
C THR A 60 19.07 -16.27 -6.63
N GLU A 61 18.09 -17.17 -6.54
CA GLU A 61 17.31 -17.34 -5.33
C GLU A 61 17.09 -18.81 -5.05
N ASN A 62 17.09 -19.18 -3.77
CA ASN A 62 16.89 -20.57 -3.37
C ASN A 62 15.45 -20.87 -2.99
N PHE A 63 14.93 -21.98 -3.48
CA PHE A 63 13.55 -22.39 -3.17
C PHE A 63 13.51 -23.69 -2.39
N ASN A 64 12.32 -24.03 -1.91
CA ASN A 64 12.11 -25.29 -1.18
C ASN A 64 10.63 -25.63 -1.11
N MET A 65 10.13 -26.26 -2.16
CA MET A 65 8.71 -26.59 -2.26
C MET A 65 8.23 -27.42 -1.07
N TRP A 66 9.12 -28.21 -0.50
CA TRP A 66 8.75 -29.13 0.58
C TRP A 66 8.68 -28.42 1.92
N LYS A 67 8.90 -27.12 1.91
CA LYS A 67 8.80 -26.31 3.12
C LYS A 67 8.26 -24.94 2.74
N ASN A 68 7.18 -24.95 1.96
CA ASN A 68 6.54 -23.72 1.52
C ASN A 68 5.26 -23.46 2.30
N ASP A 69 5.29 -22.46 3.17
CA ASP A 69 4.16 -22.14 4.02
C ASP A 69 2.96 -21.60 3.23
N MET A 70 3.08 -21.57 1.90
CA MET A 70 1.96 -21.21 1.04
C MET A 70 1.02 -22.41 0.96
N VAL A 71 1.62 -23.59 0.95
CA VAL A 71 0.89 -24.85 0.91
C VAL A 71 0.02 -25.03 2.14
N GLU A 72 0.62 -24.87 3.31
CA GLU A 72 -0.09 -25.02 4.57
C GLU A 72 -1.34 -24.15 4.59
N GLN A 73 -1.25 -22.97 4.01
CA GLN A 73 -2.38 -22.04 4.00
C GLN A 73 -3.46 -22.45 3.01
N MET A 74 -3.05 -22.95 1.85
CA MET A 74 -4.01 -23.39 0.85
C MET A 74 -4.76 -24.62 1.34
N HIS A 75 -4.01 -25.54 1.95
CA HIS A 75 -4.60 -26.74 2.52
C HIS A 75 -5.73 -26.38 3.48
N GLU A 76 -5.47 -25.45 4.39
CA GLU A 76 -6.47 -25.04 5.36
C GLU A 76 -7.70 -24.43 4.69
N ASP A 77 -7.51 -23.80 3.55
CA ASP A 77 -8.61 -23.17 2.82
C ASP A 77 -9.50 -24.21 2.15
N ILE A 78 -8.88 -25.18 1.50
CA ILE A 78 -9.62 -26.26 0.83
C ILE A 78 -10.36 -27.10 1.86
N ILE A 79 -9.75 -27.31 3.01
CA ILE A 79 -10.42 -27.97 4.12
C ILE A 79 -11.64 -27.14 4.53
N SER A 80 -11.41 -25.87 4.79
CA SER A 80 -12.46 -24.95 5.22
C SER A 80 -13.56 -24.84 4.17
N LEU A 81 -13.23 -25.22 2.94
CA LEU A 81 -14.21 -25.22 1.86
C LEU A 81 -15.15 -26.41 1.99
N TRP A 82 -14.58 -27.60 2.09
CA TRP A 82 -15.36 -28.83 2.18
C TRP A 82 -16.26 -28.84 3.41
N ASP A 83 -15.83 -28.18 4.47
CA ASP A 83 -16.58 -28.13 5.71
C ASP A 83 -17.96 -27.53 5.51
N GLN A 84 -18.02 -26.43 4.76
CA GLN A 84 -19.29 -25.76 4.51
C GLN A 84 -19.94 -26.20 3.20
N SER A 85 -19.21 -27.00 2.43
CA SER A 85 -19.70 -27.47 1.13
C SER A 85 -20.25 -28.90 1.19
N LEU A 86 -19.37 -29.88 1.08
CA LEU A 86 -19.79 -31.28 1.10
C LEU A 86 -20.18 -31.76 2.49
N LYS A 87 -21.46 -31.60 2.81
CA LYS A 87 -22.01 -32.07 4.07
C LYS A 87 -22.32 -33.56 4.00
N PRO A 88 -21.62 -34.36 4.81
CA PRO A 88 -21.88 -35.80 4.86
C PRO A 88 -23.08 -36.08 5.74
N CYS A 89 -23.63 -37.29 5.65
CA CYS A 89 -24.76 -37.67 6.47
C CYS A 89 -24.27 -38.10 7.84
N VAL A 90 -23.11 -38.75 7.86
CA VAL A 90 -22.51 -39.20 9.10
C VAL A 90 -21.03 -38.83 9.16
N LYS A 91 -20.57 -38.43 10.34
CA LYS A 91 -19.18 -38.05 10.52
C LYS A 91 -18.60 -38.75 11.74
N LEU A 92 -17.70 -39.68 11.50
CA LEU A 92 -17.06 -40.43 12.58
C LEU A 92 -15.66 -39.92 12.84
N THR A 93 -15.46 -39.28 13.98
CA THR A 93 -14.15 -38.74 14.34
C THR A 93 -13.90 -38.78 15.85
N GLY A 94 -12.89 -39.56 16.24
CA GLY A 94 -12.46 -39.61 17.63
C GLY A 94 -13.50 -40.12 18.60
N GLY A 95 -14.04 -41.31 18.33
CA GLY A 95 -15.03 -41.92 19.18
C GLY A 95 -16.35 -41.16 19.19
N SER A 96 -16.45 -40.17 18.32
CA SER A 96 -17.63 -39.32 18.24
C SER A 96 -18.37 -39.54 16.94
N VAL A 97 -19.70 -39.56 17.02
CA VAL A 97 -20.54 -39.76 15.84
C VAL A 97 -21.53 -38.62 15.66
N ILE A 98 -21.66 -38.13 14.43
CA ILE A 98 -22.54 -37.01 14.14
C ILE A 98 -23.44 -37.32 12.95
N THR A 99 -24.69 -36.86 13.03
CA THR A 99 -25.64 -37.02 11.94
C THR A 99 -26.27 -35.69 11.57
N GLN A 100 -26.42 -35.45 10.26
CA GLN A 100 -26.92 -34.18 9.76
C GLN A 100 -27.48 -34.35 8.36
N ALA A 101 -28.17 -33.32 7.88
CA ALA A 101 -28.68 -33.34 6.51
C ALA A 101 -27.52 -33.36 5.53
N CYS A 102 -27.74 -33.96 4.37
CA CYS A 102 -26.68 -34.07 3.36
C CYS A 102 -27.25 -33.87 1.95
N PRO A 103 -27.46 -32.60 1.58
CA PRO A 103 -27.99 -32.23 0.27
C PRO A 103 -26.96 -32.41 -0.83
N LYS A 104 -27.38 -33.03 -1.94
CA LYS A 104 -26.51 -33.14 -3.11
C LYS A 104 -26.31 -31.76 -3.72
N VAL A 105 -25.07 -31.44 -4.04
CA VAL A 105 -24.74 -30.11 -4.54
C VAL A 105 -23.76 -30.18 -5.72
N SER A 106 -23.91 -29.27 -6.67
CA SER A 106 -22.99 -29.18 -7.80
C SER A 106 -21.57 -28.91 -7.29
N PHE A 107 -20.60 -29.62 -7.85
CA PHE A 107 -19.26 -29.61 -7.32
C PHE A 107 -18.21 -29.69 -8.40
N GLU A 108 -17.70 -28.53 -8.83
CA GLU A 108 -16.65 -28.47 -9.83
C GLU A 108 -15.63 -27.41 -9.45
N PRO A 109 -14.38 -27.83 -9.23
CA PRO A 109 -13.28 -26.96 -8.80
C PRO A 109 -13.05 -25.76 -9.71
N ILE A 110 -12.82 -24.60 -9.11
CA ILE A 110 -12.57 -23.38 -9.84
C ILE A 110 -11.18 -22.86 -9.48
N PRO A 111 -10.40 -22.46 -10.51
CA PRO A 111 -9.03 -21.96 -10.34
C PRO A 111 -8.95 -20.82 -9.32
N ILE A 112 -7.97 -20.91 -8.43
CA ILE A 112 -7.77 -19.87 -7.41
C ILE A 112 -6.36 -19.31 -7.49
N HIS A 113 -6.25 -17.99 -7.35
CA HIS A 113 -4.96 -17.32 -7.34
C HIS A 113 -4.64 -16.87 -5.93
N TYR A 114 -3.47 -17.21 -5.43
CA TYR A 114 -3.05 -16.74 -4.11
C TYR A 114 -2.12 -15.54 -4.21
N CYS A 115 -2.51 -14.45 -3.55
CA CYS A 115 -1.86 -13.17 -3.75
C CYS A 115 -1.21 -12.64 -2.48
N ALA A 116 -0.09 -11.96 -2.65
CA ALA A 116 0.58 -11.33 -1.53
C ALA A 116 -0.12 -10.02 -1.18
N PRO A 117 -0.28 -9.74 0.12
CA PRO A 117 -0.94 -8.54 0.64
C PRO A 117 -0.04 -7.32 0.54
N ALA A 118 -0.47 -6.22 1.15
CA ALA A 118 0.33 -5.01 1.17
C ALA A 118 1.61 -5.21 1.98
N GLY A 119 2.76 -5.00 1.33
CA GLY A 119 4.03 -5.08 2.02
C GLY A 119 4.87 -6.26 1.59
N PHE A 120 4.21 -7.30 1.09
CA PHE A 120 4.90 -8.52 0.69
C PHE A 120 4.89 -8.70 -0.81
N ALA A 121 5.63 -9.71 -1.26
CA ALA A 121 5.69 -10.03 -2.68
C ALA A 121 5.89 -11.54 -2.85
N ILE A 122 5.69 -12.03 -4.06
CA ILE A 122 5.87 -13.45 -4.32
C ILE A 122 6.87 -13.68 -5.46
N LEU A 123 8.04 -14.19 -5.12
CA LEU A 123 9.02 -14.58 -6.13
C LEU A 123 8.54 -15.82 -6.86
N LYS A 124 8.91 -15.93 -8.13
CA LYS A 124 8.44 -17.00 -9.00
C LYS A 124 9.57 -17.46 -9.90
N CYS A 125 9.81 -18.77 -9.92
CA CYS A 125 10.86 -19.30 -10.79
C CYS A 125 10.37 -19.38 -12.23
N ASN A 126 11.16 -18.84 -13.14
CA ASN A 126 10.81 -18.86 -14.56
C ASN A 126 11.57 -19.95 -15.30
N ASN A 127 12.51 -20.58 -14.61
CA ASN A 127 13.24 -21.72 -15.14
C ASN A 127 12.26 -22.88 -15.38
N LYS A 128 12.18 -23.33 -16.63
CA LYS A 128 11.17 -24.31 -17.03
C LYS A 128 11.37 -25.70 -16.42
N THR A 129 12.61 -26.16 -16.42
CA THR A 129 12.93 -27.44 -15.80
C THR A 129 13.57 -27.20 -14.43
N PHE A 130 12.72 -27.02 -13.44
CA PHE A 130 13.17 -26.71 -12.08
C PHE A 130 12.59 -27.73 -11.10
N ASN A 131 13.46 -28.37 -10.33
CA ASN A 131 13.02 -29.44 -9.43
C ASN A 131 12.27 -28.94 -8.19
N GLY A 132 12.54 -27.69 -7.79
CA GLY A 132 11.77 -27.08 -6.72
C GLY A 132 12.55 -26.89 -5.43
N THR A 133 13.76 -27.43 -5.38
CA THR A 133 14.63 -27.26 -4.23
C THR A 133 16.05 -26.96 -4.68
N GLY A 134 16.46 -25.72 -4.48
CA GLY A 134 17.78 -25.29 -4.91
C GLY A 134 17.74 -23.90 -5.50
N PRO A 135 18.85 -23.46 -6.11
CA PRO A 135 18.93 -22.12 -6.68
C PRO A 135 18.19 -22.00 -8.01
N CYS A 136 17.39 -20.95 -8.14
CA CYS A 136 16.78 -20.59 -9.42
C CYS A 136 17.49 -19.36 -9.97
N THR A 137 18.01 -19.49 -11.17
CA THR A 137 18.76 -18.40 -11.79
C THR A 137 17.94 -17.71 -12.87
N ASN A 138 16.66 -17.49 -12.57
CA ASN A 138 15.76 -16.82 -13.50
C ASN A 138 14.43 -16.49 -12.82
N VAL A 139 14.50 -15.83 -11.67
CA VAL A 139 13.30 -15.53 -10.89
C VAL A 139 12.57 -14.29 -11.39
N SER A 140 11.49 -13.92 -10.71
CA SER A 140 10.72 -12.73 -11.03
C SER A 140 9.62 -12.51 -9.98
N THR A 141 9.06 -11.31 -9.94
CA THR A 141 8.08 -10.96 -8.93
C THR A 141 6.65 -10.97 -9.47
N VAL A 142 5.71 -11.42 -8.65
CA VAL A 142 4.30 -11.46 -9.04
C VAL A 142 3.40 -10.99 -7.90
N GLN A 143 2.22 -10.49 -8.26
CA GLN A 143 1.23 -10.08 -7.27
C GLN A 143 0.47 -11.31 -6.78
N CYS A 144 0.18 -12.20 -7.74
CA CYS A 144 -0.64 -13.38 -7.48
C CYS A 144 -0.09 -14.59 -8.23
N THR A 145 -0.34 -15.78 -7.69
CA THR A 145 0.00 -17.03 -8.39
C THR A 145 -0.88 -17.18 -9.61
N HIS A 146 -0.78 -18.32 -10.28
CA HIS A 146 -1.63 -18.58 -11.43
C HIS A 146 -2.89 -19.30 -10.98
N GLY A 147 -3.67 -19.80 -11.93
CA GLY A 147 -4.92 -20.47 -11.61
C GLY A 147 -4.71 -21.87 -11.07
N ILE A 148 -5.02 -22.06 -9.80
CA ILE A 148 -4.80 -23.36 -9.16
C ILE A 148 -6.11 -24.02 -8.74
N ARG A 149 -6.54 -25.02 -9.50
CA ARG A 149 -7.75 -25.78 -9.17
C ARG A 149 -7.48 -26.71 -8.00
N PRO A 150 -8.32 -26.63 -6.96
CA PRO A 150 -8.22 -27.43 -5.72
C PRO A 150 -8.65 -28.87 -5.93
N VAL A 151 -8.08 -29.53 -6.93
CA VAL A 151 -8.47 -30.90 -7.27
C VAL A 151 -7.94 -31.90 -6.24
N VAL A 152 -8.87 -32.47 -5.47
CA VAL A 152 -8.56 -33.48 -4.46
C VAL A 152 -8.64 -34.88 -5.03
N SER A 153 -7.55 -35.64 -4.90
CA SER A 153 -7.48 -36.95 -5.51
C SER A 153 -6.15 -37.65 -5.19
N SER A 154 -6.04 -38.90 -5.63
CA SER A 154 -4.85 -39.69 -5.41
C SER A 154 -4.38 -40.33 -6.71
N GLN A 155 -3.16 -40.86 -6.69
CA GLN A 155 -2.56 -41.51 -7.85
C GLN A 155 -2.33 -40.58 -9.04
N LEU A 156 -3.40 -40.00 -9.57
CA LEU A 156 -3.29 -39.12 -10.72
C LEU A 156 -3.69 -37.68 -10.38
N LEU A 157 -2.89 -36.75 -10.88
CA LEU A 157 -3.13 -35.32 -10.66
C LEU A 157 -3.93 -34.77 -11.83
N LEU A 158 -5.07 -34.17 -11.54
CA LEU A 158 -6.03 -33.82 -12.58
C LEU A 158 -6.23 -32.30 -12.75
N ASN A 159 -6.45 -31.90 -14.00
CA ASN A 159 -6.70 -30.49 -14.32
C ASN A 159 -5.60 -29.55 -13.83
N GLY A 160 -4.36 -30.01 -13.88
CA GLY A 160 -3.24 -29.25 -13.33
C GLY A 160 -2.43 -28.51 -14.39
N SER A 161 -1.14 -28.33 -14.09
CA SER A 161 -0.25 -27.60 -14.98
C SER A 161 0.83 -28.50 -15.55
N LEU A 162 1.03 -28.40 -16.87
CA LEU A 162 2.03 -29.21 -17.57
C LEU A 162 3.40 -28.56 -17.52
N ALA A 163 4.44 -29.39 -17.54
CA ALA A 163 5.80 -28.89 -17.66
C ALA A 163 5.98 -28.26 -19.03
N GLU A 164 6.76 -27.18 -19.09
CA GLU A 164 6.89 -26.40 -20.32
C GLU A 164 7.89 -27.02 -21.32
N GLU A 165 8.72 -27.93 -20.82
CA GLU A 165 9.69 -28.61 -21.68
C GLU A 165 9.52 -30.11 -21.65
N GLU A 166 10.27 -30.77 -20.78
CA GLU A 166 10.21 -32.22 -20.66
C GLU A 166 9.56 -32.62 -19.35
N VAL A 167 9.24 -33.91 -19.21
CA VAL A 167 8.61 -34.43 -18.01
C VAL A 167 9.51 -34.22 -16.80
N VAL A 168 8.94 -33.69 -15.72
CA VAL A 168 9.70 -33.37 -14.53
C VAL A 168 9.29 -34.26 -13.38
N ILE A 169 10.26 -34.70 -12.58
CA ILE A 169 9.98 -35.44 -11.36
C ILE A 169 10.56 -34.73 -10.15
N ARG A 170 9.82 -34.74 -9.04
CA ARG A 170 10.22 -34.01 -7.84
C ARG A 170 10.00 -34.84 -6.57
N SER A 171 11.00 -34.82 -5.69
CA SER A 171 10.93 -35.56 -4.44
C SER A 171 11.80 -34.90 -3.38
N VAL A 172 11.31 -34.86 -2.15
CA VAL A 172 12.05 -34.25 -1.05
C VAL A 172 13.32 -35.04 -0.76
N ASN A 173 13.31 -36.31 -1.17
CA ASN A 173 14.45 -37.20 -0.97
C ASN A 173 14.26 -38.45 -1.82
N PHE A 174 14.87 -38.46 -2.99
CA PHE A 174 14.75 -39.60 -3.91
C PHE A 174 15.26 -40.89 -3.27
N THR A 175 16.23 -40.75 -2.37
CA THR A 175 16.82 -41.91 -1.70
C THR A 175 15.82 -42.58 -0.76
N ASP A 176 15.18 -41.78 0.10
CA ASP A 176 14.16 -42.28 1.01
C ASP A 176 12.96 -42.81 0.21
N ASN A 177 12.73 -44.12 0.29
CA ASN A 177 11.65 -44.75 -0.48
C ASN A 177 10.25 -44.46 0.07
N ALA A 178 10.18 -43.96 1.28
CA ALA A 178 8.89 -43.63 1.88
C ALA A 178 8.36 -42.30 1.34
N LYS A 179 9.14 -41.65 0.49
CA LYS A 179 8.83 -40.31 -0.01
C LYS A 179 8.15 -40.33 -1.37
N THR A 180 7.14 -39.48 -1.53
CA THR A 180 6.37 -39.39 -2.76
C THR A 180 7.17 -38.76 -3.90
N ILE A 181 6.92 -39.23 -5.11
CA ILE A 181 7.56 -38.67 -6.29
C ILE A 181 6.53 -37.94 -7.13
N ILE A 182 6.40 -36.64 -6.90
CA ILE A 182 5.46 -35.82 -7.66
C ILE A 182 5.94 -35.73 -9.10
N VAL A 183 5.06 -36.07 -10.04
CA VAL A 183 5.44 -36.10 -11.44
C VAL A 183 4.63 -35.08 -12.25
N GLN A 184 5.31 -34.43 -13.19
CA GLN A 184 4.66 -33.42 -14.02
C GLN A 184 4.85 -33.78 -15.48
N LEU A 185 3.74 -33.87 -16.21
CA LEU A 185 3.76 -34.25 -17.61
C LEU A 185 3.84 -33.02 -18.51
N ASN A 186 4.42 -33.18 -19.70
CA ASN A 186 4.48 -32.10 -20.67
C ASN A 186 3.38 -32.24 -21.70
N THR A 187 2.52 -33.23 -21.50
CA THR A 187 1.42 -33.53 -22.41
C THR A 187 0.31 -34.22 -21.64
N SER A 188 -0.82 -33.55 -21.50
CA SER A 188 -1.92 -34.08 -20.71
C SER A 188 -2.54 -35.30 -21.36
N VAL A 189 -3.00 -36.24 -20.55
CA VAL A 189 -3.72 -37.41 -21.03
C VAL A 189 -5.16 -37.38 -20.51
N GLU A 190 -6.12 -37.42 -21.43
CA GLU A 190 -7.52 -37.37 -21.04
C GLU A 190 -8.01 -38.67 -20.40
N ILE A 191 -8.70 -38.53 -19.28
CA ILE A 191 -9.38 -39.66 -18.68
C ILE A 191 -10.88 -39.35 -18.60
N ASN A 192 -11.65 -40.05 -19.43
CA ASN A 192 -13.10 -39.83 -19.51
C ASN A 192 -13.87 -40.78 -18.59
N CYS A 193 -14.52 -40.20 -17.58
CA CYS A 193 -15.26 -41.00 -16.62
C CYS A 193 -16.77 -41.00 -16.84
N THR A 194 -17.44 -41.97 -16.22
CA THR A 194 -18.89 -42.11 -16.34
C THR A 194 -19.46 -42.80 -15.11
N GLY A 195 -20.70 -42.46 -14.78
CA GLY A 195 -21.38 -43.05 -13.63
C GLY A 195 -21.71 -44.52 -13.82
N ALA A 196 -21.53 -45.01 -15.05
CA ALA A 196 -21.78 -46.40 -15.37
C ALA A 196 -20.71 -47.30 -14.77
N GLY A 197 -19.71 -46.68 -14.14
CA GLY A 197 -18.70 -47.42 -13.40
C GLY A 197 -17.46 -47.82 -14.18
N HIS A 198 -16.97 -46.92 -15.03
CA HIS A 198 -15.72 -47.17 -15.74
C HIS A 198 -15.07 -45.87 -16.21
N CYS A 199 -13.80 -45.96 -16.58
CA CYS A 199 -13.04 -44.80 -17.02
C CYS A 199 -12.14 -45.16 -18.20
N ASN A 200 -12.22 -44.34 -19.25
CA ASN A 200 -11.45 -44.59 -20.46
C ASN A 200 -10.15 -43.80 -20.49
N ILE A 201 -9.10 -44.44 -21.01
CA ILE A 201 -7.81 -43.78 -21.19
C ILE A 201 -7.15 -44.33 -22.45
N ALA A 202 -6.77 -43.45 -23.37
CA ALA A 202 -6.10 -43.87 -24.60
C ALA A 202 -4.91 -44.74 -24.27
N ARG A 203 -4.86 -45.94 -24.85
CA ARG A 203 -3.80 -46.89 -24.54
C ARG A 203 -2.45 -46.43 -25.09
N ALA A 204 -2.40 -46.13 -26.38
CA ALA A 204 -1.16 -45.75 -27.03
C ALA A 204 -0.55 -44.49 -26.43
N LYS A 205 -1.39 -43.50 -26.13
CA LYS A 205 -0.90 -42.25 -25.56
C LYS A 205 -0.35 -42.46 -24.16
N TRP A 206 -1.10 -43.18 -23.34
CA TRP A 206 -0.66 -43.48 -21.97
C TRP A 206 0.59 -44.35 -21.97
N ASN A 207 0.75 -45.16 -23.01
CA ASN A 207 1.94 -45.98 -23.14
C ASN A 207 3.18 -45.11 -23.24
N ASN A 208 3.19 -44.20 -24.21
CA ASN A 208 4.28 -43.25 -24.36
C ASN A 208 4.49 -42.41 -23.11
N THR A 209 3.39 -41.99 -22.50
CA THR A 209 3.44 -41.23 -21.26
C THR A 209 4.29 -41.94 -20.21
N LEU A 210 4.19 -43.27 -20.17
CA LEU A 210 4.98 -44.05 -19.23
C LEU A 210 6.44 -44.17 -19.66
N LYS A 211 6.69 -44.23 -20.96
CA LYS A 211 8.05 -44.31 -21.47
C LYS A 211 8.83 -43.04 -21.13
N GLN A 212 8.14 -41.91 -21.17
CA GLN A 212 8.75 -40.63 -20.80
C GLN A 212 9.12 -40.66 -19.33
N ILE A 213 8.14 -40.97 -18.48
CA ILE A 213 8.36 -41.03 -17.04
C ILE A 213 9.47 -42.02 -16.70
N ALA A 214 9.38 -43.21 -17.29
CA ALA A 214 10.38 -44.25 -17.07
C ALA A 214 11.78 -43.74 -17.36
N SER A 215 11.94 -43.04 -18.48
CA SER A 215 13.25 -42.55 -18.88
C SER A 215 13.77 -41.50 -17.91
N LYS A 216 12.86 -40.71 -17.33
CA LYS A 216 13.24 -39.72 -16.35
C LYS A 216 13.64 -40.37 -15.03
N LEU A 217 13.02 -41.50 -14.73
CA LEU A 217 13.31 -42.24 -13.50
C LEU A 217 14.61 -43.02 -13.64
N ARG A 218 14.79 -43.67 -14.79
CA ARG A 218 16.01 -44.43 -15.05
C ARG A 218 17.22 -43.50 -14.99
N GLU A 219 17.00 -42.23 -15.31
CA GLU A 219 18.06 -41.23 -15.28
C GLU A 219 18.41 -40.87 -13.85
N GLN A 220 17.39 -40.79 -13.01
CA GLN A 220 17.55 -40.41 -11.61
C GLN A 220 18.17 -41.53 -10.78
N PHE A 221 17.90 -42.78 -11.16
CA PHE A 221 18.39 -43.93 -10.40
C PHE A 221 19.43 -44.72 -11.18
N GLY A 222 20.36 -44.02 -11.81
CA GLY A 222 21.44 -44.65 -12.54
C GLY A 222 21.02 -45.18 -13.90
N ASN A 223 21.71 -44.74 -14.95
CA ASN A 223 21.39 -45.16 -16.30
C ASN A 223 21.81 -46.59 -16.59
N ASN A 224 21.10 -47.55 -16.00
CA ASN A 224 21.42 -48.97 -16.13
C ASN A 224 20.33 -49.88 -15.57
N LYS A 225 19.37 -49.28 -14.88
CA LYS A 225 18.33 -50.05 -14.20
C LYS A 225 17.05 -50.19 -15.02
N THR A 226 16.34 -51.30 -14.80
CA THR A 226 15.06 -51.56 -15.46
C THR A 226 13.92 -50.96 -14.65
N ILE A 227 13.03 -50.23 -15.32
CA ILE A 227 11.94 -49.53 -14.64
C ILE A 227 10.63 -50.28 -14.80
N ILE A 228 10.07 -50.70 -13.67
CA ILE A 228 8.83 -51.46 -13.67
C ILE A 228 7.75 -50.74 -12.88
N PHE A 229 6.53 -50.74 -13.43
CA PHE A 229 5.38 -50.18 -12.75
C PHE A 229 4.49 -51.29 -12.24
N LYS A 230 3.97 -51.13 -11.03
CA LYS A 230 3.09 -52.12 -10.43
C LYS A 230 1.92 -51.45 -9.71
N GLN A 231 0.91 -52.24 -9.37
CA GLN A 231 -0.28 -51.72 -8.71
C GLN A 231 0.04 -51.32 -7.29
N SER A 232 -0.79 -50.45 -6.73
CA SER A 232 -0.67 -50.06 -5.33
C SER A 232 -0.36 -51.27 -4.45
N SER A 233 0.56 -51.08 -3.51
CA SER A 233 1.03 -52.16 -2.65
C SER A 233 0.05 -52.44 -1.52
N GLY A 234 -1.06 -51.70 -1.48
CA GLY A 234 -2.05 -51.86 -0.44
C GLY A 234 -2.23 -50.60 0.38
N GLY A 235 -3.30 -50.55 1.18
CA GLY A 235 -3.60 -49.39 2.00
C GLY A 235 -5.09 -49.17 2.11
N ASP A 236 -5.50 -47.91 2.10
CA ASP A 236 -6.91 -47.57 2.11
C ASP A 236 -7.45 -47.49 0.69
N PRO A 237 -8.77 -47.65 0.52
CA PRO A 237 -9.39 -47.60 -0.80
C PRO A 237 -9.05 -46.31 -1.55
N GLU A 238 -8.89 -45.23 -0.80
CA GLU A 238 -8.58 -43.92 -1.37
C GLU A 238 -7.12 -43.82 -1.85
N ILE A 239 -6.32 -44.80 -1.45
CA ILE A 239 -4.92 -44.85 -1.84
C ILE A 239 -4.70 -45.93 -2.90
N VAL A 240 -5.27 -47.11 -2.66
CA VAL A 240 -5.07 -48.28 -3.52
C VAL A 240 -5.66 -48.07 -4.91
N THR A 241 -6.74 -47.31 -4.99
CA THR A 241 -7.35 -46.98 -6.27
C THR A 241 -7.22 -45.49 -6.56
N HIS A 242 -7.42 -45.11 -7.81
CA HIS A 242 -7.39 -43.71 -8.19
C HIS A 242 -8.63 -43.01 -7.65
N TRP A 243 -8.58 -42.63 -6.38
CA TRP A 243 -9.68 -41.94 -5.72
C TRP A 243 -9.75 -40.50 -6.20
N PHE A 244 -10.96 -40.01 -6.42
CA PHE A 244 -11.17 -38.65 -6.92
C PHE A 244 -12.65 -38.28 -6.92
N ASN A 245 -12.93 -37.00 -6.76
CA ASN A 245 -14.30 -36.50 -6.78
C ASN A 245 -14.73 -36.11 -8.19
N CYS A 246 -16.00 -36.34 -8.51
CA CYS A 246 -16.52 -36.00 -9.84
C CYS A 246 -18.03 -35.77 -9.83
N GLY A 247 -18.42 -34.56 -9.47
CA GLY A 247 -19.84 -34.20 -9.47
C GLY A 247 -20.51 -34.51 -8.15
N GLY A 248 -19.73 -34.48 -7.07
CA GLY A 248 -20.25 -34.72 -5.75
C GLY A 248 -20.08 -36.15 -5.29
N GLU A 249 -19.92 -37.06 -6.25
CA GLU A 249 -19.74 -38.47 -5.93
C GLU A 249 -18.26 -38.85 -5.90
N PHE A 250 -17.86 -39.66 -4.93
CA PHE A 250 -16.48 -40.11 -4.82
C PHE A 250 -16.24 -41.40 -5.60
N PHE A 251 -15.30 -41.37 -6.53
CA PHE A 251 -15.03 -42.51 -7.40
C PHE A 251 -13.77 -43.26 -6.97
N TYR A 252 -13.83 -44.59 -7.03
CA TYR A 252 -12.66 -45.43 -6.75
C TYR A 252 -12.38 -46.31 -7.95
N CYS A 253 -11.37 -45.94 -8.74
CA CYS A 253 -11.08 -46.67 -9.97
C CYS A 253 -9.86 -47.58 -9.86
N ASN A 254 -10.01 -48.82 -10.33
CA ASN A 254 -8.90 -49.75 -10.38
C ASN A 254 -7.89 -49.25 -11.41
N SER A 255 -6.62 -49.16 -11.00
CA SER A 255 -5.59 -48.56 -11.86
C SER A 255 -4.51 -49.56 -12.24
N THR A 256 -4.78 -50.83 -12.04
CA THR A 256 -3.79 -51.88 -12.27
C THR A 256 -3.35 -51.96 -13.74
N GLN A 257 -4.29 -51.74 -14.66
CA GLN A 257 -3.98 -51.80 -16.09
C GLN A 257 -3.08 -50.64 -16.51
N LEU A 258 -3.09 -49.58 -15.72
CA LEU A 258 -2.21 -48.44 -15.96
C LEU A 258 -0.78 -48.80 -15.57
N PHE A 259 -0.64 -49.38 -14.39
CA PHE A 259 0.67 -49.62 -13.81
C PHE A 259 1.06 -51.09 -13.79
N ASN A 260 1.11 -51.69 -14.97
CA ASN A 260 1.61 -53.05 -15.13
C ASN A 260 2.52 -53.13 -16.34
N SER A 261 3.61 -52.38 -16.28
CA SER A 261 4.53 -52.25 -17.41
C SER A 261 5.97 -52.56 -16.98
N THR A 262 6.79 -52.97 -17.94
CA THR A 262 8.22 -53.16 -17.68
C THR A 262 9.06 -52.50 -18.78
N TRP A 263 9.95 -51.61 -18.37
CA TRP A 263 10.70 -50.78 -19.32
C TRP A 263 12.21 -50.99 -19.25
N PHE A 264 12.87 -50.77 -20.38
CA PHE A 264 14.32 -50.88 -20.48
C PHE A 264 14.79 -52.25 -20.04
N ASN A 265 14.00 -53.27 -20.36
CA ASN A 265 14.39 -54.65 -20.13
C ASN A 265 14.61 -55.34 -21.47
N SER A 266 15.81 -55.16 -22.03
CA SER A 266 16.13 -55.64 -23.37
C SER A 266 16.21 -57.15 -23.47
N THR A 267 15.10 -57.77 -23.85
CA THR A 267 15.07 -59.20 -24.15
C THR A 267 14.84 -59.40 -25.64
N GLU A 277 -1.47 -57.62 -31.43
CA GLU A 277 -2.62 -57.41 -30.54
C GLU A 277 -2.40 -56.48 -29.36
N GLY A 278 -3.37 -55.61 -29.14
CA GLY A 278 -3.45 -54.76 -27.97
C GLY A 278 -4.91 -54.37 -27.81
N SER A 279 -5.20 -53.49 -26.85
CA SER A 279 -6.55 -52.98 -26.69
C SER A 279 -6.63 -51.55 -27.22
N ASP A 280 -7.75 -51.21 -27.86
CA ASP A 280 -7.92 -49.89 -28.44
C ASP A 280 -7.73 -48.81 -27.38
N THR A 281 -8.48 -48.90 -26.29
CA THR A 281 -8.27 -48.02 -25.15
C THR A 281 -8.38 -48.78 -23.84
N ILE A 282 -7.79 -48.22 -22.79
CA ILE A 282 -7.81 -48.80 -21.47
C ILE A 282 -9.11 -48.45 -20.75
N THR A 283 -9.81 -49.48 -20.27
CA THR A 283 -11.05 -49.27 -19.53
C THR A 283 -10.88 -49.68 -18.08
N LEU A 284 -11.07 -48.72 -17.18
CA LEU A 284 -10.84 -48.96 -15.76
C LEU A 284 -12.15 -49.19 -15.00
N PRO A 285 -12.21 -50.30 -14.27
CA PRO A 285 -13.34 -50.63 -13.39
C PRO A 285 -13.49 -49.62 -12.26
N CYS A 286 -14.62 -48.93 -12.19
CA CYS A 286 -14.81 -47.92 -11.15
C CYS A 286 -16.09 -48.14 -10.35
N ARG A 287 -16.21 -47.40 -9.24
CA ARG A 287 -17.38 -47.51 -8.38
C ARG A 287 -17.44 -46.37 -7.37
N ILE A 288 -18.58 -45.70 -7.31
CA ILE A 288 -18.83 -44.67 -6.30
C ILE A 288 -18.88 -45.34 -4.93
N LYS A 289 -18.67 -44.57 -3.87
CA LYS A 289 -18.85 -45.09 -2.52
C LYS A 289 -19.51 -44.06 -1.61
N GLN A 290 -20.45 -44.52 -0.80
CA GLN A 290 -21.13 -43.65 0.16
C GLN A 290 -20.28 -43.50 1.41
N ILE A 291 -19.50 -44.52 1.73
CA ILE A 291 -18.67 -44.52 2.92
C ILE A 291 -17.21 -44.31 2.57
N ILE A 292 -16.66 -43.15 2.94
CA ILE A 292 -15.28 -42.83 2.58
C ILE A 292 -14.45 -42.37 3.77
N ASN A 293 -13.14 -42.58 3.66
CA ASN A 293 -12.19 -42.05 4.63
C ASN A 293 -11.98 -40.56 4.39
N MET A 294 -11.69 -39.81 5.45
CA MET A 294 -11.48 -38.38 5.34
C MET A 294 -10.04 -38.04 4.99
N TRP A 295 -9.85 -36.98 4.22
CA TRP A 295 -8.51 -36.48 3.91
C TRP A 295 -8.18 -35.28 4.81
N GLN A 296 -9.20 -34.55 5.22
CA GLN A 296 -9.04 -33.43 6.16
C GLN A 296 -8.26 -33.89 7.39
N LYS A 297 -8.91 -34.72 8.19
CA LYS A 297 -8.27 -35.35 9.34
C LYS A 297 -8.57 -36.84 9.35
N VAL A 298 -8.30 -37.49 10.47
CA VAL A 298 -8.56 -38.92 10.59
C VAL A 298 -10.02 -39.18 10.93
N GLY A 299 -10.65 -40.08 10.19
CA GLY A 299 -12.06 -40.40 10.39
C GLY A 299 -12.75 -40.83 9.12
N LYS A 300 -14.02 -41.20 9.24
CA LYS A 300 -14.81 -41.64 8.08
C LYS A 300 -16.02 -40.75 7.93
N ALA A 301 -16.67 -40.84 6.77
CA ALA A 301 -17.89 -40.09 6.54
C ALA A 301 -18.77 -40.82 5.53
N MET A 302 -20.07 -40.79 5.77
CA MET A 302 -20.99 -41.44 4.86
C MET A 302 -21.87 -40.42 4.16
N TYR A 303 -22.07 -40.61 2.86
CA TYR A 303 -22.86 -39.68 2.06
C TYR A 303 -24.10 -40.34 1.48
N ALA A 304 -25.01 -39.53 0.95
CA ALA A 304 -26.24 -40.02 0.36
C ALA A 304 -25.99 -40.73 -0.97
N PRO A 305 -26.99 -41.49 -1.45
CA PRO A 305 -26.89 -42.22 -2.72
C PRO A 305 -26.90 -41.29 -3.91
N PRO A 306 -26.28 -41.72 -5.02
CA PRO A 306 -26.22 -40.95 -6.27
C PRO A 306 -27.61 -40.53 -6.75
N ILE A 307 -27.68 -39.44 -7.50
CA ILE A 307 -28.95 -38.92 -7.99
C ILE A 307 -29.36 -39.63 -9.28
N SER A 308 -29.00 -39.03 -10.41
CA SER A 308 -29.30 -39.61 -11.72
C SER A 308 -28.17 -40.55 -12.14
N GLY A 309 -28.46 -41.42 -13.10
CA GLY A 309 -27.47 -42.37 -13.59
C GLY A 309 -26.40 -41.72 -14.44
N GLN A 310 -26.79 -40.73 -15.23
CA GLN A 310 -25.86 -40.05 -16.13
C GLN A 310 -24.91 -39.14 -15.37
N ILE A 311 -23.69 -39.62 -15.14
CA ILE A 311 -22.66 -38.85 -14.47
C ILE A 311 -21.35 -38.89 -15.26
N ARG A 312 -21.15 -37.88 -16.09
CA ARG A 312 -19.96 -37.81 -16.93
C ARG A 312 -18.99 -36.73 -16.43
N CYS A 313 -17.71 -37.09 -16.34
CA CYS A 313 -16.67 -36.14 -15.96
C CYS A 313 -15.39 -36.39 -16.75
N SER A 314 -15.00 -35.43 -17.58
CA SER A 314 -13.79 -35.53 -18.38
C SER A 314 -12.69 -34.65 -17.81
N SER A 315 -11.54 -35.24 -17.52
CA SER A 315 -10.44 -34.52 -16.89
C SER A 315 -9.11 -34.76 -17.61
N ASN A 316 -8.14 -33.88 -17.36
CA ASN A 316 -6.80 -34.03 -17.91
C ASN A 316 -5.80 -34.54 -16.88
N ILE A 317 -5.20 -35.69 -17.15
CA ILE A 317 -4.12 -36.20 -16.32
C ILE A 317 -2.85 -35.42 -16.63
N THR A 318 -2.48 -34.51 -15.75
CA THR A 318 -1.31 -33.66 -15.96
C THR A 318 -0.15 -34.06 -15.05
N GLY A 319 -0.42 -34.92 -14.07
CA GLY A 319 0.60 -35.32 -13.12
C GLY A 319 0.33 -36.67 -12.47
N LEU A 320 1.32 -37.17 -11.75
CA LEU A 320 1.21 -38.44 -11.04
C LEU A 320 1.84 -38.35 -9.67
N LEU A 321 1.32 -39.14 -8.73
CA LEU A 321 1.95 -39.31 -7.44
C LEU A 321 2.43 -40.75 -7.35
N LEU A 322 3.74 -40.96 -7.41
CA LEU A 322 4.30 -42.29 -7.33
C LEU A 322 5.02 -42.50 -6.02
N THR A 323 5.37 -43.75 -5.76
CA THR A 323 6.25 -44.10 -4.66
C THR A 323 7.14 -45.24 -5.14
N ARG A 324 8.38 -45.26 -4.64
CA ARG A 324 9.32 -46.29 -5.06
C ARG A 324 9.40 -47.33 -3.95
N ASP A 325 9.73 -48.56 -4.34
CA ASP A 325 9.82 -49.65 -3.36
C ASP A 325 11.24 -49.74 -2.82
N GLY A 326 12.19 -50.06 -3.70
CA GLY A 326 13.59 -50.13 -3.30
C GLY A 326 13.85 -51.17 -2.23
N GLY A 327 14.79 -50.84 -1.34
CA GLY A 327 15.24 -51.78 -0.33
C GLY A 327 16.64 -52.26 -0.64
N ASN A 328 17.31 -52.84 0.36
CA ASN A 328 18.68 -53.32 0.19
C ASN A 328 18.76 -54.64 -0.59
N SER A 329 17.96 -54.73 -1.66
CA SER A 329 17.88 -55.96 -2.44
C SER A 329 17.66 -55.66 -3.93
N ASN A 330 16.78 -54.71 -4.20
CA ASN A 330 16.46 -54.34 -5.59
C ASN A 330 17.64 -53.75 -6.34
N ASN A 331 18.40 -54.63 -6.98
CA ASN A 331 19.52 -54.24 -7.82
C ASN A 331 19.19 -54.54 -9.28
N GLU A 332 19.63 -53.67 -10.18
CA GLU A 332 19.40 -53.84 -11.61
C GLU A 332 17.98 -53.52 -12.04
N SER A 333 17.15 -53.06 -11.10
CA SER A 333 15.78 -52.68 -11.40
C SER A 333 15.12 -51.88 -10.28
N GLU A 334 14.14 -51.06 -10.64
CA GLU A 334 13.39 -50.28 -9.66
C GLU A 334 11.89 -50.44 -9.89
N ILE A 335 11.12 -50.41 -8.80
CA ILE A 335 9.68 -50.60 -8.90
C ILE A 335 8.92 -49.38 -8.42
N PHE A 336 7.95 -48.93 -9.22
CA PHE A 336 7.18 -47.75 -8.88
C PHE A 336 5.69 -48.04 -8.89
N ARG A 337 4.99 -47.61 -7.85
CA ARG A 337 3.56 -47.85 -7.73
C ARG A 337 2.84 -46.53 -7.50
N PRO A 338 1.58 -46.44 -7.94
CA PRO A 338 0.78 -45.25 -7.66
C PRO A 338 0.72 -45.00 -6.16
N GLY A 339 0.48 -43.75 -5.77
CA GLY A 339 0.43 -43.39 -4.37
C GLY A 339 -0.27 -42.07 -4.16
N GLY A 340 0.13 -41.36 -3.11
CA GLY A 340 -0.51 -40.10 -2.78
C GLY A 340 -1.29 -40.24 -1.49
N GLY A 341 -2.19 -39.30 -1.25
CA GLY A 341 -2.95 -39.28 -0.02
C GLY A 341 -2.80 -37.97 0.72
N ASP A 342 -1.56 -37.54 0.91
CA ASP A 342 -1.30 -36.24 1.51
C ASP A 342 -1.61 -35.19 0.47
N MET A 343 -2.70 -34.47 0.66
CA MET A 343 -3.15 -33.51 -0.34
C MET A 343 -2.16 -32.36 -0.52
N ARG A 344 -1.20 -32.27 0.38
CA ARG A 344 -0.20 -31.21 0.29
C ARG A 344 0.72 -31.43 -0.91
N ASP A 345 0.97 -32.69 -1.24
CA ASP A 345 1.75 -33.00 -2.44
C ASP A 345 1.01 -32.48 -3.66
N ASN A 346 -0.31 -32.58 -3.62
CA ASN A 346 -1.14 -32.06 -4.70
C ASN A 346 -0.96 -30.56 -4.84
N TRP A 347 -0.94 -29.87 -3.71
CA TRP A 347 -0.70 -28.43 -3.73
C TRP A 347 0.72 -28.13 -4.22
N ARG A 348 1.70 -28.82 -3.64
CA ARG A 348 3.10 -28.60 -4.00
C ARG A 348 3.39 -28.87 -5.49
N SER A 349 2.51 -29.57 -6.18
CA SER A 349 2.76 -29.82 -7.60
C SER A 349 2.42 -28.57 -8.42
N GLU A 350 1.75 -27.62 -7.77
CA GLU A 350 1.41 -26.35 -8.40
C GLU A 350 2.19 -25.19 -7.78
N LEU A 351 2.26 -25.16 -6.45
CA LEU A 351 2.98 -24.12 -5.72
C LEU A 351 4.46 -24.44 -5.55
N TYR A 352 5.08 -25.06 -6.55
CA TYR A 352 6.47 -25.45 -6.42
C TYR A 352 7.44 -24.34 -6.81
N LYS A 353 6.98 -23.44 -7.68
CA LYS A 353 7.84 -22.40 -8.23
C LYS A 353 7.66 -21.08 -7.51
N TYR A 354 6.79 -21.04 -6.51
CA TYR A 354 6.49 -19.80 -5.81
C TYR A 354 7.19 -19.73 -4.46
N LYS A 355 7.10 -18.57 -3.84
CA LYS A 355 7.80 -18.29 -2.60
C LYS A 355 7.47 -16.86 -2.15
N VAL A 356 6.79 -16.73 -1.02
CA VAL A 356 6.43 -15.42 -0.50
C VAL A 356 7.57 -14.78 0.28
N VAL A 357 7.81 -13.50 0.03
CA VAL A 357 8.95 -12.78 0.58
C VAL A 357 8.55 -11.41 1.15
N LYS A 358 9.24 -10.98 2.20
CA LYS A 358 8.98 -9.69 2.83
C LYS A 358 9.87 -8.59 2.25
N ILE A 359 9.26 -7.47 1.89
CA ILE A 359 9.97 -6.35 1.29
C ILE A 359 10.38 -5.30 2.33
N GLU A 360 11.63 -4.86 2.26
CA GLU A 360 12.13 -3.85 3.18
C GLU A 360 12.96 -2.78 2.45
N PRO A 361 13.38 -1.73 3.18
CA PRO A 361 14.13 -0.59 2.64
C PRO A 361 15.19 -0.93 1.57
N LEU A 362 15.37 -0.02 0.63
CA LEU A 362 16.33 -0.19 -0.46
C LEU A 362 17.78 -0.03 0.02
N GLY A 363 18.69 -0.72 -0.65
CA GLY A 363 20.10 -0.58 -0.36
C GLY A 363 20.85 -0.07 -1.58
N VAL A 364 21.80 0.83 -1.37
CA VAL A 364 22.59 1.41 -2.46
C VAL A 364 23.73 0.48 -2.88
N ALA A 365 24.15 0.57 -4.13
CA ALA A 365 25.15 -0.34 -4.68
C ALA A 365 26.56 0.25 -4.65
N PRO A 366 27.57 -0.61 -4.41
CA PRO A 366 28.99 -0.21 -4.43
C PRO A 366 29.51 -0.05 -5.85
N THR A 367 30.82 0.15 -5.99
CA THR A 367 31.44 0.29 -7.31
C THR A 367 32.72 -0.53 -7.44
N LYS A 368 32.73 -1.45 -8.40
CA LYS A 368 33.90 -2.27 -8.68
C LYS A 368 34.07 -2.50 -10.18
N ALA A 369 35.30 -2.78 -10.60
CA ALA A 369 35.60 -3.03 -12.00
C ALA A 369 36.89 -3.83 -12.17
N MET B 1 22.60 -49.90 23.76
CA MET B 1 21.99 -51.09 23.17
C MET B 1 20.72 -50.74 22.39
N LYS B 2 20.05 -51.77 21.89
CA LYS B 2 18.84 -51.59 21.09
C LYS B 2 17.62 -52.14 21.84
N LYS B 3 16.45 -51.58 21.56
CA LYS B 3 15.22 -52.02 22.21
C LYS B 3 14.77 -53.37 21.66
N VAL B 4 14.70 -54.37 22.53
CA VAL B 4 14.35 -55.72 22.13
C VAL B 4 12.96 -56.12 22.65
N VAL B 5 12.18 -56.76 21.80
CA VAL B 5 10.83 -57.19 22.15
C VAL B 5 10.60 -58.65 21.75
N LEU B 6 10.30 -59.49 22.73
CA LEU B 6 10.06 -60.90 22.47
C LEU B 6 8.58 -61.19 22.29
N GLY B 7 8.25 -62.08 21.36
CA GLY B 7 6.87 -62.39 21.06
C GLY B 7 6.64 -63.87 20.85
N LYS B 8 5.40 -64.31 21.06
CA LYS B 8 5.04 -65.71 20.93
C LYS B 8 4.44 -66.01 19.56
N LYS B 9 4.87 -67.11 18.96
CA LYS B 9 4.34 -67.54 17.68
C LYS B 9 2.81 -67.68 17.75
N GLY B 10 2.13 -67.06 16.80
CA GLY B 10 0.68 -67.09 16.77
C GLY B 10 0.05 -65.90 17.48
N ASP B 11 0.82 -65.27 18.36
CA ASP B 11 0.35 -64.11 19.12
C ASP B 11 0.39 -62.81 18.34
N THR B 12 -0.13 -61.76 18.96
CA THR B 12 -0.14 -60.43 18.36
C THR B 12 0.79 -59.50 19.14
N VAL B 13 1.50 -58.63 18.44
CA VAL B 13 2.44 -57.72 19.06
C VAL B 13 2.22 -56.28 18.60
N GLU B 14 2.33 -55.34 19.54
CA GLU B 14 2.22 -53.93 19.20
C GLU B 14 3.55 -53.21 19.43
N LEU B 15 4.19 -52.82 18.33
CA LEU B 15 5.44 -52.07 18.39
C LEU B 15 5.12 -50.58 18.41
N THR B 16 5.64 -49.88 19.41
CA THR B 16 5.25 -48.49 19.64
C THR B 16 6.14 -47.47 18.94
N CYS B 17 5.58 -46.28 18.73
CA CYS B 17 6.30 -45.18 18.12
C CYS B 17 5.65 -43.89 18.59
N THR B 18 6.44 -42.97 19.14
CA THR B 18 5.88 -41.75 19.70
C THR B 18 6.67 -40.51 19.30
N ALA B 19 5.95 -39.52 18.79
CA ALA B 19 6.55 -38.25 18.36
C ALA B 19 6.75 -37.32 19.56
N SER B 20 7.56 -36.29 19.36
CA SER B 20 7.87 -35.34 20.41
C SER B 20 6.67 -34.47 20.77
N GLN B 21 5.75 -34.29 19.82
CA GLN B 21 4.54 -33.53 20.06
C GLN B 21 3.30 -34.31 19.64
N LYS B 22 2.18 -34.06 20.32
CA LYS B 22 0.95 -34.81 20.10
C LYS B 22 0.16 -34.37 18.87
N LYS B 23 0.61 -34.79 17.68
CA LYS B 23 -0.11 -34.52 16.45
C LYS B 23 0.31 -35.48 15.34
N SER B 24 -0.62 -35.77 14.43
CA SER B 24 -0.35 -36.70 13.33
C SER B 24 0.67 -36.14 12.35
N ILE B 25 1.77 -36.86 12.18
CA ILE B 25 2.84 -36.46 11.28
C ILE B 25 3.36 -37.66 10.49
N GLN B 26 3.94 -37.40 9.33
CA GLN B 26 4.40 -38.48 8.45
C GLN B 26 5.33 -39.47 9.16
N PHE B 27 4.83 -40.66 9.41
CA PHE B 27 5.67 -41.75 9.93
C PHE B 27 5.75 -42.87 8.91
N HIS B 28 6.63 -43.83 9.17
CA HIS B 28 6.78 -44.98 8.27
C HIS B 28 7.60 -46.08 8.92
N TRP B 29 7.05 -47.29 8.91
CA TRP B 29 7.70 -48.46 9.48
C TRP B 29 8.40 -49.27 8.40
N LYS B 30 9.68 -49.52 8.57
CA LYS B 30 10.41 -50.40 7.66
C LYS B 30 11.12 -51.47 8.46
N ASN B 31 11.72 -52.43 7.77
CA ASN B 31 12.53 -53.44 8.44
C ASN B 31 14.02 -53.14 8.35
N SER B 32 14.84 -54.18 8.26
CA SER B 32 16.29 -53.99 8.24
C SER B 32 16.79 -53.96 6.80
N ASN B 33 15.96 -54.42 5.87
CA ASN B 33 16.27 -54.30 4.45
C ASN B 33 15.67 -53.05 3.86
N GLN B 34 15.27 -52.12 4.74
CA GLN B 34 14.66 -50.86 4.33
C GLN B 34 13.49 -51.11 3.38
N ILE B 35 12.72 -52.15 3.67
CA ILE B 35 11.55 -52.49 2.88
C ILE B 35 10.29 -51.89 3.50
N LYS B 36 9.58 -51.08 2.71
CA LYS B 36 8.37 -50.43 3.18
C LYS B 36 7.38 -51.45 3.74
N ILE B 37 6.98 -51.25 4.99
CA ILE B 37 6.05 -52.13 5.67
C ILE B 37 4.67 -51.50 5.77
N LEU B 38 4.63 -50.31 6.37
CA LEU B 38 3.39 -49.64 6.67
C LEU B 38 3.65 -48.20 7.12
N GLY B 39 2.90 -47.27 6.57
CA GLY B 39 3.01 -45.88 6.98
C GLY B 39 1.75 -45.12 6.62
N ASN B 40 1.75 -43.81 6.83
CA ASN B 40 0.58 -42.99 6.53
C ASN B 40 0.87 -41.94 5.46
N GLN B 41 -0.21 -41.41 4.87
CA GLN B 41 -0.11 -40.32 3.91
C GLN B 41 -1.20 -39.32 4.23
N GLY B 42 -1.01 -38.58 5.32
CA GLY B 42 -2.02 -37.67 5.81
C GLY B 42 -2.89 -38.38 6.84
N SER B 43 -4.11 -38.70 6.43
CA SER B 43 -5.01 -39.46 7.29
C SER B 43 -5.33 -40.80 6.64
N PHE B 44 -4.58 -41.13 5.58
CA PHE B 44 -4.71 -42.40 4.91
C PHE B 44 -3.56 -43.33 5.26
N LEU B 45 -3.85 -44.61 5.41
CA LEU B 45 -2.84 -45.61 5.69
C LEU B 45 -2.33 -46.21 4.39
N THR B 46 -1.07 -46.67 4.39
CA THR B 46 -0.51 -47.35 3.23
C THR B 46 0.35 -48.53 3.68
N LYS B 47 0.32 -49.61 2.91
CA LYS B 47 1.10 -50.79 3.25
C LYS B 47 2.13 -51.10 2.15
N GLY B 48 3.33 -51.47 2.56
CA GLY B 48 4.39 -51.76 1.62
C GLY B 48 4.39 -53.19 1.12
N PRO B 49 5.32 -53.51 0.21
CA PRO B 49 5.42 -54.81 -0.46
C PRO B 49 6.02 -55.90 0.41
N SER B 50 6.00 -55.73 1.72
CA SER B 50 6.61 -56.70 2.64
C SER B 50 5.76 -57.96 2.74
N LYS B 51 6.23 -58.91 3.54
CA LYS B 51 5.52 -60.17 3.74
C LYS B 51 4.55 -60.12 4.92
N LEU B 52 4.67 -59.08 5.73
CA LEU B 52 3.74 -58.85 6.83
C LEU B 52 2.53 -58.09 6.36
N ASN B 53 2.42 -57.90 5.04
CA ASN B 53 1.40 -57.03 4.47
C ASN B 53 -0.01 -57.25 5.04
N ASP B 54 -0.55 -58.44 4.85
CA ASP B 54 -1.91 -58.73 5.29
C ASP B 54 -2.08 -58.80 6.80
N ARG B 55 -0.96 -58.91 7.53
CA ARG B 55 -1.02 -59.11 8.98
C ARG B 55 -0.58 -57.90 9.79
N ALA B 56 0.04 -56.93 9.14
CA ALA B 56 0.46 -55.70 9.80
C ALA B 56 -0.55 -54.59 9.53
N ASP B 57 -0.85 -53.78 10.54
CA ASP B 57 -1.88 -52.77 10.42
C ASP B 57 -2.07 -51.96 11.70
N SER B 58 -1.48 -50.77 11.73
CA SER B 58 -1.69 -49.82 12.82
C SER B 58 -3.13 -49.33 12.82
N ARG B 59 -3.54 -48.66 13.91
CA ARG B 59 -4.84 -48.00 13.88
C ARG B 59 -4.78 -46.49 14.16
N ARG B 60 -5.56 -45.76 13.35
CA ARG B 60 -5.40 -44.33 13.17
C ARG B 60 -5.86 -43.46 14.35
N SER B 61 -6.80 -43.96 15.13
CA SER B 61 -7.39 -43.17 16.22
C SER B 61 -6.35 -42.54 17.13
N LEU B 62 -5.16 -43.15 17.19
CA LEU B 62 -4.12 -42.68 18.10
C LEU B 62 -3.08 -41.77 17.45
N TRP B 63 -3.14 -41.63 16.13
CA TRP B 63 -2.15 -40.80 15.42
C TRP B 63 -2.18 -39.35 15.88
N ASP B 64 -3.36 -38.89 16.30
CA ASP B 64 -3.53 -37.51 16.71
C ASP B 64 -2.83 -37.19 18.03
N GLN B 65 -2.36 -38.23 18.71
CA GLN B 65 -1.62 -38.06 19.96
C GLN B 65 -0.14 -38.36 19.75
N GLY B 66 0.25 -38.53 18.49
CA GLY B 66 1.63 -38.83 18.17
C GLY B 66 1.99 -40.30 18.34
N ASN B 67 0.97 -41.15 18.47
CA ASN B 67 1.16 -42.59 18.57
C ASN B 67 1.00 -43.29 17.23
N PHE B 68 2.06 -43.95 16.77
CA PHE B 68 2.05 -44.59 15.47
C PHE B 68 2.55 -46.03 15.55
N PRO B 69 1.76 -46.90 16.17
CA PRO B 69 2.18 -48.29 16.42
C PRO B 69 2.20 -49.12 15.15
N LEU B 70 2.97 -50.20 15.15
CA LEU B 70 2.94 -51.18 14.08
C LEU B 70 2.50 -52.50 14.69
N ILE B 71 1.26 -52.89 14.43
CA ILE B 71 0.71 -54.11 15.04
C ILE B 71 0.79 -55.30 14.10
N ILE B 72 1.42 -56.37 14.56
CA ILE B 72 1.54 -57.58 13.77
C ILE B 72 0.78 -58.73 14.43
N LYS B 73 -0.20 -59.28 13.72
CA LYS B 73 -1.03 -60.35 14.26
C LYS B 73 -0.57 -61.69 13.70
N ASN B 74 -1.00 -62.78 14.34
CA ASN B 74 -0.65 -64.13 13.89
C ASN B 74 0.85 -64.22 13.60
N LEU B 75 1.64 -63.80 14.57
CA LEU B 75 3.09 -63.79 14.42
C LEU B 75 3.63 -65.10 13.85
N LYS B 76 4.71 -64.99 13.08
CA LYS B 76 5.41 -66.15 12.58
C LYS B 76 6.86 -66.06 13.05
N ILE B 77 7.66 -67.08 12.77
CA ILE B 77 9.06 -67.04 13.13
C ILE B 77 9.83 -66.17 12.14
N GLU B 78 9.32 -66.09 10.92
CA GLU B 78 9.95 -65.30 9.87
C GLU B 78 9.79 -63.80 10.14
N ASP B 79 8.92 -63.47 11.09
CA ASP B 79 8.66 -62.08 11.44
C ASP B 79 9.72 -61.54 12.39
N SER B 80 10.74 -62.34 12.64
CA SER B 80 11.85 -61.92 13.48
C SER B 80 12.79 -61.02 12.68
N ASP B 81 12.90 -59.76 13.11
CA ASP B 81 13.64 -58.76 12.34
C ASP B 81 13.71 -57.44 13.10
N THR B 82 14.67 -56.60 12.73
CA THR B 82 14.76 -55.25 13.29
C THR B 82 13.86 -54.31 12.52
N TYR B 83 12.91 -53.69 13.22
CA TYR B 83 11.98 -52.76 12.58
C TYR B 83 12.25 -51.31 12.97
N ILE B 84 12.44 -50.45 11.97
CA ILE B 84 12.77 -49.05 12.19
C ILE B 84 11.58 -48.15 11.91
N CYS B 85 11.20 -47.34 12.90
CA CYS B 85 10.14 -46.37 12.73
C CYS B 85 10.73 -45.00 12.44
N GLU B 86 10.52 -44.52 11.23
CA GLU B 86 11.02 -43.20 10.85
C GLU B 86 9.94 -42.15 11.03
N VAL B 87 10.16 -41.24 11.97
CA VAL B 87 9.25 -40.12 12.18
C VAL B 87 10.03 -38.87 12.56
N GLU B 88 9.77 -37.78 11.85
CA GLU B 88 10.43 -36.49 12.08
C GLU B 88 11.94 -36.59 12.35
N ASP B 89 12.69 -36.94 11.30
CA ASP B 89 14.15 -36.93 11.36
C ASP B 89 14.73 -37.82 12.47
N GLN B 90 13.97 -38.82 12.89
CA GLN B 90 14.46 -39.78 13.87
C GLN B 90 14.17 -41.20 13.39
N LYS B 91 15.10 -42.11 13.66
CA LYS B 91 14.95 -43.50 13.24
C LYS B 91 15.10 -44.46 14.42
N GLU B 92 14.05 -44.58 15.22
CA GLU B 92 14.05 -45.50 16.36
C GLU B 92 14.00 -46.96 15.90
N GLU B 93 14.89 -47.78 16.46
CA GLU B 93 15.06 -49.16 16.02
C GLU B 93 14.52 -50.13 17.07
N VAL B 94 14.06 -51.30 16.62
CA VAL B 94 13.60 -52.33 17.55
C VAL B 94 13.84 -53.74 17.04
N GLN B 95 14.30 -54.61 17.93
CA GLN B 95 14.57 -56.00 17.59
C GLN B 95 13.39 -56.87 17.98
N LEU B 96 12.77 -57.50 16.99
CA LEU B 96 11.67 -58.42 17.27
C LEU B 96 12.13 -59.88 17.16
N LEU B 97 11.87 -60.64 18.21
CA LEU B 97 12.20 -62.05 18.24
C LEU B 97 10.96 -62.88 18.57
N VAL B 98 10.57 -63.75 17.65
CA VAL B 98 9.39 -64.57 17.84
C VAL B 98 9.75 -66.03 18.11
N PHE B 99 9.46 -66.50 19.32
CA PHE B 99 9.70 -67.88 19.69
C PHE B 99 8.43 -68.70 19.65
N GLY B 100 8.58 -70.00 19.40
CA GLY B 100 7.47 -70.92 19.42
C GLY B 100 7.84 -72.14 20.24
N LEU B 101 6.84 -72.87 20.71
CA LEU B 101 7.12 -74.05 21.52
C LEU B 101 6.03 -75.11 21.43
N THR B 102 6.42 -76.31 21.00
CA THR B 102 5.50 -77.42 20.83
C THR B 102 5.72 -78.50 21.89
N ALA B 103 4.69 -79.30 22.14
CA ALA B 103 4.75 -80.34 23.16
C ALA B 103 4.24 -81.68 22.66
N ASN B 104 5.12 -82.67 22.57
CA ASN B 104 4.73 -84.03 22.22
C ASN B 104 4.83 -84.95 23.44
N SER B 105 3.80 -85.76 23.66
CA SER B 105 3.81 -86.69 24.79
C SER B 105 3.35 -88.09 24.39
N ASP B 106 4.29 -89.03 24.37
CA ASP B 106 3.99 -90.41 23.99
C ASP B 106 4.06 -91.36 25.17
N THR B 107 2.93 -91.99 25.49
CA THR B 107 2.88 -92.96 26.57
C THR B 107 2.81 -94.40 26.03
N HIS B 108 3.70 -95.26 26.53
CA HIS B 108 3.77 -96.65 26.08
C HIS B 108 3.55 -97.60 27.24
N LEU B 109 2.99 -98.76 26.95
CA LEU B 109 2.83 -99.80 27.97
C LEU B 109 4.20 -100.40 28.29
N LEU B 110 4.41 -100.74 29.57
CA LEU B 110 5.68 -101.26 30.05
C LEU B 110 6.77 -100.20 29.99
N GLN B 111 6.36 -98.93 29.96
CA GLN B 111 7.30 -97.82 29.90
C GLN B 111 6.82 -96.67 30.75
N GLY B 112 5.71 -96.05 30.33
CA GLY B 112 5.20 -94.87 30.99
C GLY B 112 5.05 -93.73 30.00
N GLN B 113 4.86 -92.53 30.51
CA GLN B 113 4.60 -91.38 29.65
C GLN B 113 5.83 -90.49 29.51
N SER B 114 6.24 -90.22 28.28
CA SER B 114 7.36 -89.31 28.03
C SER B 114 6.86 -87.95 27.56
N LEU B 115 7.70 -86.93 27.74
CA LEU B 115 7.34 -85.58 27.35
C LEU B 115 8.52 -84.88 26.69
N THR B 116 8.28 -84.25 25.54
CA THR B 116 9.34 -83.52 24.86
C THR B 116 8.88 -82.15 24.39
N LEU B 117 9.42 -81.11 25.02
CA LEU B 117 9.12 -79.74 24.63
C LEU B 117 10.19 -79.22 23.67
N THR B 118 9.75 -78.75 22.51
CA THR B 118 10.68 -78.23 21.52
C THR B 118 10.48 -76.74 21.26
N LEU B 119 11.58 -75.99 21.28
CA LEU B 119 11.54 -74.56 21.07
C LEU B 119 11.90 -74.22 19.64
N GLU B 120 10.97 -73.55 18.95
CA GLU B 120 11.24 -73.05 17.61
C GLU B 120 11.74 -71.62 17.71
N SER B 121 13.05 -71.45 17.61
CA SER B 121 13.66 -70.13 17.75
C SER B 121 14.04 -69.55 16.40
N PRO B 122 14.03 -68.20 16.30
CA PRO B 122 14.40 -67.45 15.10
C PRO B 122 15.87 -67.65 14.74
N PRO B 123 16.19 -67.63 13.44
CA PRO B 123 17.54 -67.81 12.91
C PRO B 123 18.54 -66.84 13.55
N GLY B 124 19.60 -67.39 14.15
CA GLY B 124 20.58 -66.57 14.81
C GLY B 124 20.07 -65.99 16.11
N SER B 125 20.05 -66.82 17.15
CA SER B 125 19.63 -66.39 18.49
C SER B 125 20.04 -67.43 19.51
N SER B 126 20.33 -66.98 20.72
CA SER B 126 20.76 -67.88 21.80
C SER B 126 19.76 -67.89 22.95
N PRO B 127 18.71 -68.72 22.83
CA PRO B 127 17.66 -68.81 23.85
C PRO B 127 18.03 -69.80 24.94
N SER B 128 17.53 -69.59 26.15
CA SER B 128 17.73 -70.52 27.25
C SER B 128 16.40 -70.88 27.89
N VAL B 129 15.98 -72.13 27.69
CA VAL B 129 14.67 -72.57 28.17
C VAL B 129 14.73 -73.13 29.59
N GLN B 130 13.75 -72.75 30.40
CA GLN B 130 13.68 -73.17 31.80
C GLN B 130 12.25 -73.57 32.13
N CYS B 131 11.97 -74.87 32.04
CA CYS B 131 10.62 -75.37 32.31
C CYS B 131 10.41 -75.68 33.80
N ARG B 132 9.26 -75.29 34.31
CA ARG B 132 8.96 -75.47 35.74
C ARG B 132 7.87 -76.51 35.98
N SER B 133 8.25 -77.62 36.61
CA SER B 133 7.28 -78.62 37.03
C SER B 133 6.27 -77.99 37.98
N PRO B 134 5.02 -78.46 37.93
CA PRO B 134 3.94 -77.94 38.78
C PRO B 134 4.34 -77.87 40.25
N ARG B 135 5.12 -78.84 40.71
CA ARG B 135 5.51 -78.90 42.11
C ARG B 135 6.78 -78.11 42.41
N GLY B 136 7.36 -77.50 41.38
CA GLY B 136 8.52 -76.64 41.56
C GLY B 136 9.82 -77.24 41.05
N LYS B 137 9.72 -78.34 40.31
CA LYS B 137 10.90 -79.03 39.81
C LYS B 137 11.38 -78.42 38.48
N ASN B 138 12.23 -77.41 38.58
CA ASN B 138 12.79 -76.75 37.41
C ASN B 138 13.76 -77.64 36.64
N ILE B 139 13.71 -77.55 35.31
CA ILE B 139 14.63 -78.32 34.46
C ILE B 139 15.26 -77.43 33.39
N GLN B 140 16.56 -77.58 33.19
CA GLN B 140 17.29 -76.82 32.20
C GLN B 140 17.09 -77.46 30.83
N GLY B 141 17.42 -76.72 29.77
CA GLY B 141 17.32 -77.26 28.42
C GLY B 141 17.74 -76.29 27.33
N GLY B 142 18.13 -76.85 26.19
CA GLY B 142 18.51 -76.04 25.04
C GLY B 142 17.37 -75.93 24.05
N LYS B 143 17.51 -76.61 22.91
CA LYS B 143 16.48 -76.58 21.87
C LYS B 143 15.25 -77.36 22.32
N THR B 144 15.48 -78.55 22.86
CA THR B 144 14.38 -79.39 23.34
C THR B 144 14.61 -79.82 24.79
N LEU B 145 13.52 -79.95 25.54
CA LEU B 145 13.58 -80.45 26.91
C LEU B 145 12.76 -81.72 27.02
N SER B 146 13.40 -82.80 27.47
CA SER B 146 12.73 -84.10 27.55
C SER B 146 12.50 -84.56 28.98
N VAL B 147 11.47 -85.39 29.15
CA VAL B 147 11.19 -86.07 30.40
C VAL B 147 10.84 -87.51 30.09
N SER B 148 11.74 -88.43 30.45
CA SER B 148 11.57 -89.84 30.11
C SER B 148 10.25 -90.42 30.61
N GLN B 149 10.03 -90.32 31.93
CA GLN B 149 8.80 -90.84 32.52
C GLN B 149 8.21 -89.84 33.51
N LEU B 150 7.01 -89.36 33.19
CA LEU B 150 6.30 -88.44 34.07
C LEU B 150 5.86 -89.13 35.36
N GLU B 151 5.44 -88.33 36.33
CA GLU B 151 4.91 -88.86 37.58
C GLU B 151 3.55 -88.24 37.83
N LEU B 152 2.83 -88.79 38.81
CA LEU B 152 1.49 -88.33 39.13
C LEU B 152 1.47 -86.85 39.53
N GLN B 153 2.55 -86.40 40.17
CA GLN B 153 2.63 -85.02 40.66
C GLN B 153 2.86 -84.02 39.52
N ASP B 154 3.48 -84.49 38.45
CA ASP B 154 3.79 -83.63 37.30
C ASP B 154 2.54 -83.19 36.54
N SER B 155 1.38 -83.71 36.93
CA SER B 155 0.14 -83.33 36.30
C SER B 155 -0.28 -81.95 36.78
N GLY B 156 -0.40 -81.01 35.85
CA GLY B 156 -0.80 -79.66 36.20
C GLY B 156 -0.36 -78.61 35.19
N THR B 157 0.10 -77.47 35.69
CA THR B 157 0.47 -76.35 34.84
C THR B 157 1.98 -76.08 34.87
N TRP B 158 2.65 -76.42 33.77
CA TRP B 158 4.08 -76.17 33.62
C TRP B 158 4.31 -74.80 33.01
N THR B 159 5.21 -74.02 33.61
CA THR B 159 5.61 -72.74 33.03
C THR B 159 7.02 -72.82 32.46
N CYS B 160 7.13 -72.67 31.15
CA CYS B 160 8.44 -72.65 30.50
C CYS B 160 8.81 -71.24 30.07
N THR B 161 9.86 -70.69 30.68
CA THR B 161 10.25 -69.31 30.41
C THR B 161 11.51 -69.22 29.56
N VAL B 162 11.38 -68.60 28.39
CA VAL B 162 12.49 -68.44 27.46
C VAL B 162 13.27 -67.16 27.75
N LEU B 163 14.60 -67.29 27.78
CA LEU B 163 15.45 -66.17 28.14
C LEU B 163 16.30 -65.72 26.95
N GLN B 164 16.09 -64.48 26.53
CA GLN B 164 16.83 -63.91 25.40
C GLN B 164 17.04 -62.42 25.57
N ASN B 165 18.27 -61.98 25.33
CA ASN B 165 18.62 -60.56 25.44
C ASN B 165 18.10 -59.92 26.72
N GLN B 166 18.40 -60.55 27.85
CA GLN B 166 18.16 -59.97 29.17
C GLN B 166 16.71 -60.07 29.66
N LYS B 167 15.76 -60.21 28.73
CA LYS B 167 14.36 -60.35 29.11
C LYS B 167 13.78 -61.70 28.69
N LYS B 168 12.54 -61.97 29.08
CA LYS B 168 11.97 -63.30 28.94
C LYS B 168 10.55 -63.33 28.40
N VAL B 169 10.16 -64.49 27.87
CA VAL B 169 8.79 -64.75 27.43
C VAL B 169 8.32 -66.06 28.06
N GLU B 170 7.07 -66.08 28.53
CA GLU B 170 6.58 -67.19 29.35
C GLU B 170 5.56 -68.04 28.63
N PHE B 171 5.78 -69.35 28.60
CA PHE B 171 4.83 -70.30 28.01
C PHE B 171 4.14 -71.09 29.11
N LYS B 172 2.85 -71.37 28.91
CA LYS B 172 2.10 -72.21 29.84
C LYS B 172 1.59 -73.47 29.16
N ILE B 173 1.81 -74.61 29.80
CA ILE B 173 1.39 -75.89 29.25
C ILE B 173 0.68 -76.72 30.31
N ASP B 174 -0.58 -77.06 30.06
CA ASP B 174 -1.30 -77.97 30.94
C ASP B 174 -0.95 -79.41 30.58
N ILE B 175 -0.29 -80.09 31.50
CA ILE B 175 0.12 -81.48 31.28
C ILE B 175 -0.84 -82.47 31.91
N VAL B 176 -1.36 -83.38 31.09
CA VAL B 176 -2.24 -84.44 31.56
C VAL B 176 -1.46 -85.76 31.62
N VAL B 177 -1.41 -86.36 32.80
CA VAL B 177 -0.64 -87.59 32.99
C VAL B 177 -1.50 -88.85 32.81
N LEU B 178 -1.15 -89.64 31.80
CA LEU B 178 -1.91 -90.83 31.43
C LEU B 178 -1.43 -92.07 32.18
N ALA B 179 -0.13 -92.12 32.47
CA ALA B 179 0.48 -93.29 33.07
C ALA B 179 1.75 -92.96 33.85
N PHE B 180 1.86 -93.51 35.05
CA PHE B 180 3.06 -93.36 35.86
C PHE B 180 3.48 -94.71 36.47
N GLN B 181 4.78 -94.92 36.59
CA GLN B 181 5.30 -96.17 37.13
C GLN B 181 5.16 -96.23 38.64
N LYS B 182 5.02 -97.45 39.16
CA LYS B 182 4.77 -97.67 40.57
C LYS B 182 5.30 -99.03 40.98
N ALA B 183 6.06 -99.06 42.08
CA ALA B 183 6.57 -100.32 42.60
C ALA B 183 5.41 -101.22 43.02
N SER B 184 5.40 -102.44 42.50
CA SER B 184 4.34 -103.39 42.82
C SER B 184 4.73 -104.25 44.01
N ASP C 1 -28.42 -40.67 17.17
CA ASP C 1 -28.97 -40.95 15.84
C ASP C 1 -30.14 -40.03 15.51
N ILE C 2 -30.65 -40.16 14.29
CA ILE C 2 -31.81 -39.37 13.86
C ILE C 2 -33.10 -40.14 14.12
N GLN C 3 -34.09 -39.47 14.69
CA GLN C 3 -35.32 -40.13 15.10
C GLN C 3 -36.39 -40.14 14.02
N MET C 4 -37.00 -41.31 13.82
CA MET C 4 -38.15 -41.43 12.93
C MET C 4 -39.40 -41.61 13.77
N THR C 5 -40.35 -40.69 13.60
CA THR C 5 -41.57 -40.70 14.40
C THR C 5 -42.79 -40.77 13.52
N GLN C 6 -43.44 -41.94 13.50
CA GLN C 6 -44.67 -42.08 12.72
C GLN C 6 -45.90 -42.18 13.60
N SER C 7 -47.01 -41.66 13.09
CA SER C 7 -48.29 -41.68 13.80
C SER C 7 -49.43 -41.79 12.81
N PRO C 8 -50.60 -42.28 13.28
CA PRO C 8 -50.82 -42.73 14.65
C PRO C 8 -50.13 -44.06 14.92
N SER C 9 -50.18 -44.52 16.17
CA SER C 9 -49.62 -45.81 16.52
C SER C 9 -50.57 -46.92 16.07
N SER C 10 -51.87 -46.63 16.13
CA SER C 10 -52.88 -47.56 15.68
C SER C 10 -54.01 -46.80 14.99
N VAL C 11 -54.62 -47.42 13.99
CA VAL C 11 -55.74 -46.83 13.28
C VAL C 11 -56.70 -47.89 12.77
N SER C 12 -57.98 -47.73 13.06
CA SER C 12 -58.98 -48.68 12.60
C SER C 12 -59.79 -48.11 11.44
N ALA C 13 -59.99 -48.93 10.41
CA ALA C 13 -60.70 -48.49 9.21
C ALA C 13 -61.44 -49.65 8.55
N SER C 14 -62.52 -49.32 7.84
CA SER C 14 -63.29 -50.32 7.12
C SER C 14 -62.75 -50.54 5.72
N VAL C 15 -63.27 -51.54 5.03
CA VAL C 15 -62.87 -51.81 3.65
C VAL C 15 -63.37 -50.68 2.77
N GLY C 16 -62.65 -50.39 1.69
CA GLY C 16 -63.04 -49.32 0.79
C GLY C 16 -62.65 -47.95 1.33
N ASP C 17 -62.43 -47.89 2.64
CA ASP C 17 -62.03 -46.66 3.30
C ASP C 17 -60.65 -46.24 2.83
N ARG C 18 -60.32 -44.95 2.97
CA ARG C 18 -58.98 -44.46 2.61
C ARG C 18 -58.22 -44.04 3.86
N VAL C 19 -56.99 -44.53 3.99
CA VAL C 19 -56.21 -44.33 5.21
C VAL C 19 -54.89 -43.63 4.93
N THR C 20 -54.50 -42.75 5.84
CA THR C 20 -53.26 -42.01 5.73
C THR C 20 -52.44 -42.11 7.01
N ILE C 21 -51.22 -42.63 6.89
CA ILE C 21 -50.30 -42.65 8.02
C ILE C 21 -49.07 -41.82 7.69
N THR C 22 -48.60 -41.06 8.67
CA THR C 22 -47.53 -40.11 8.42
C THR C 22 -46.26 -40.48 9.18
N CYS C 23 -45.13 -40.04 8.64
CA CYS C 23 -43.83 -40.23 9.26
C CYS C 23 -43.16 -38.87 9.36
N ARG C 24 -42.10 -38.77 10.17
CA ARG C 24 -41.47 -37.48 10.42
C ARG C 24 -40.05 -37.66 11.00
N ALA C 25 -39.06 -37.21 10.24
CA ALA C 25 -37.67 -37.31 10.67
C ALA C 25 -37.24 -36.07 11.43
N SER C 26 -36.39 -36.25 12.43
CA SER C 26 -35.92 -35.14 13.24
C SER C 26 -34.94 -34.27 12.47
N GLN C 27 -34.44 -34.81 11.35
CA GLN C 27 -33.53 -34.06 10.50
C GLN C 27 -33.78 -34.36 9.01
N ASP C 28 -33.49 -33.39 8.16
CA ASP C 28 -33.72 -33.49 6.73
C ASP C 28 -33.04 -34.71 6.11
N ILE C 29 -33.82 -35.53 5.42
CA ILE C 29 -33.28 -36.73 4.77
C ILE C 29 -33.69 -36.82 3.31
N SER C 30 -34.15 -35.71 2.74
CA SER C 30 -34.55 -35.65 1.34
C SER C 30 -35.71 -36.59 1.04
N THR C 31 -35.64 -37.26 -0.12
CA THR C 31 -36.68 -38.18 -0.54
C THR C 31 -36.28 -39.62 -0.28
N TRP C 32 -35.32 -39.80 0.62
CA TRP C 32 -34.81 -41.13 0.93
C TRP C 32 -35.59 -41.79 2.06
N LEU C 33 -36.76 -42.32 1.72
CA LEU C 33 -37.63 -42.98 2.69
C LEU C 33 -38.17 -44.27 2.09
N ALA C 34 -38.62 -45.17 2.96
CA ALA C 34 -39.17 -46.45 2.51
C ALA C 34 -40.30 -46.89 3.43
N TRP C 35 -41.32 -47.51 2.85
CA TRP C 35 -42.45 -48.02 3.61
C TRP C 35 -42.53 -49.53 3.51
N TYR C 36 -42.77 -50.18 4.65
CA TYR C 36 -42.91 -51.64 4.67
C TYR C 36 -44.26 -52.05 5.25
N GLN C 37 -44.75 -53.20 4.80
CA GLN C 37 -45.92 -53.82 5.39
C GLN C 37 -45.47 -55.09 6.07
N GLN C 38 -46.07 -55.41 7.22
CA GLN C 38 -45.71 -56.63 7.92
C GLN C 38 -46.88 -57.28 8.65
N LYS C 39 -47.28 -58.45 8.17
CA LYS C 39 -48.34 -59.21 8.81
C LYS C 39 -47.75 -60.15 9.86
N PRO C 40 -48.50 -60.40 10.95
CA PRO C 40 -48.02 -61.21 12.06
C PRO C 40 -47.45 -62.55 11.62
N GLY C 41 -46.27 -62.90 12.12
CA GLY C 41 -45.68 -64.20 11.89
C GLY C 41 -44.82 -64.31 10.66
N LYS C 42 -44.55 -63.19 9.99
CA LYS C 42 -43.73 -63.23 8.78
C LYS C 42 -42.84 -62.00 8.59
N ALA C 43 -41.95 -62.09 7.60
CA ALA C 43 -40.98 -61.03 7.34
C ALA C 43 -41.62 -59.88 6.55
N PRO C 44 -41.18 -58.65 6.84
CA PRO C 44 -41.67 -57.41 6.21
C PRO C 44 -41.55 -57.42 4.69
N LYS C 45 -42.41 -56.65 4.04
CA LYS C 45 -42.46 -56.60 2.59
C LYS C 45 -42.30 -55.15 2.12
N LEU C 46 -41.32 -54.91 1.25
CA LEU C 46 -41.09 -53.58 0.73
C LEU C 46 -42.29 -53.11 -0.08
N LEU C 47 -42.75 -51.90 0.23
CA LEU C 47 -43.89 -51.30 -0.47
C LEU C 47 -43.44 -50.14 -1.34
N ILE C 48 -42.82 -49.16 -0.71
CA ILE C 48 -42.41 -47.95 -1.39
C ILE C 48 -40.96 -47.61 -1.12
N TYR C 49 -40.24 -47.17 -2.15
CA TYR C 49 -38.87 -46.72 -2.00
C TYR C 49 -38.71 -45.37 -2.66
N ALA C 50 -37.76 -44.58 -2.17
CA ALA C 50 -37.57 -43.21 -2.63
C ALA C 50 -38.80 -42.36 -2.30
N ALA C 51 -39.47 -42.71 -1.22
CA ALA C 51 -40.59 -41.92 -0.68
C ALA C 51 -41.86 -41.98 -1.52
N SER C 52 -41.71 -42.09 -2.84
CA SER C 52 -42.85 -42.02 -3.74
C SER C 52 -42.89 -43.15 -4.76
N THR C 53 -41.75 -43.78 -5.01
CA THR C 53 -41.68 -44.82 -6.03
C THR C 53 -42.25 -46.15 -5.58
N LEU C 54 -43.17 -46.67 -6.37
CA LEU C 54 -43.87 -47.92 -6.04
C LEU C 54 -43.01 -49.13 -6.36
N GLN C 55 -42.98 -50.09 -5.44
CA GLN C 55 -42.27 -51.35 -5.67
C GLN C 55 -43.01 -52.21 -6.70
N SER C 56 -42.27 -52.96 -7.49
CA SER C 56 -42.85 -53.78 -8.55
C SER C 56 -43.77 -54.86 -8.00
N GLY C 57 -44.94 -55.01 -8.63
CA GLY C 57 -45.91 -56.01 -8.23
C GLY C 57 -46.72 -55.59 -7.02
N VAL C 58 -46.82 -54.28 -6.79
CA VAL C 58 -47.58 -53.75 -5.68
C VAL C 58 -48.77 -52.94 -6.18
N PRO C 59 -49.96 -53.22 -5.64
CA PRO C 59 -51.22 -52.55 -6.01
C PRO C 59 -51.08 -51.04 -6.14
N SER C 60 -51.68 -50.48 -7.18
CA SER C 60 -51.55 -49.06 -7.50
C SER C 60 -52.20 -48.17 -6.45
N ARG C 61 -53.09 -48.75 -5.64
CA ARG C 61 -53.80 -47.99 -4.61
C ARG C 61 -52.87 -47.60 -3.48
N PHE C 62 -51.61 -48.04 -3.56
CA PHE C 62 -50.59 -47.64 -2.60
C PHE C 62 -49.74 -46.49 -3.15
N SER C 63 -49.47 -45.50 -2.30
CA SER C 63 -48.70 -44.35 -2.72
C SER C 63 -48.25 -43.53 -1.53
N GLY C 64 -47.02 -43.03 -1.59
CA GLY C 64 -46.49 -42.17 -0.55
C GLY C 64 -46.00 -40.86 -1.13
N SER C 65 -46.04 -39.80 -0.32
CA SER C 65 -45.56 -38.50 -0.76
C SER C 65 -44.71 -37.86 0.33
N GLY C 66 -44.31 -36.62 0.10
CA GLY C 66 -43.50 -35.88 1.06
C GLY C 66 -42.04 -35.82 0.65
N SER C 67 -41.33 -34.84 1.20
CA SER C 67 -39.90 -34.68 0.92
C SER C 67 -39.23 -33.90 2.04
N GLY C 68 -38.03 -34.33 2.43
CA GLY C 68 -37.30 -33.66 3.48
C GLY C 68 -37.47 -34.32 4.84
N THR C 69 -38.53 -33.91 5.55
CA THR C 69 -38.75 -34.40 6.91
C THR C 69 -40.14 -35.00 7.11
N ASP C 70 -41.13 -34.43 6.41
CA ASP C 70 -42.51 -34.89 6.56
C ASP C 70 -42.95 -35.78 5.40
N PHE C 71 -43.31 -37.02 5.73
CA PHE C 71 -43.72 -38.00 4.73
C PHE C 71 -45.06 -38.60 5.10
N SER C 72 -45.66 -39.35 4.17
CA SER C 72 -46.94 -39.99 4.43
C SER C 72 -47.25 -41.11 3.43
N LEU C 73 -47.65 -42.27 3.96
CA LEU C 73 -48.12 -43.38 3.14
C LEU C 73 -49.64 -43.39 3.15
N THR C 74 -50.24 -43.64 2.00
CA THR C 74 -51.69 -43.57 1.84
C THR C 74 -52.25 -44.71 0.99
N ILE C 75 -53.28 -45.36 1.52
CA ILE C 75 -53.96 -46.43 0.79
C ILE C 75 -55.35 -45.97 0.38
N ASN C 76 -55.63 -46.04 -0.92
CA ASN C 76 -56.93 -45.63 -1.44
C ASN C 76 -58.04 -46.56 -0.98
N SER C 77 -58.43 -47.50 -1.85
CA SER C 77 -59.46 -48.46 -1.51
C SER C 77 -58.88 -49.56 -0.63
N LEU C 78 -59.07 -49.42 0.68
CA LEU C 78 -58.53 -50.37 1.64
C LEU C 78 -59.06 -51.78 1.37
N GLN C 79 -58.19 -52.78 1.49
CA GLN C 79 -58.54 -54.15 1.18
C GLN C 79 -58.35 -55.08 2.38
N PRO C 80 -58.95 -56.27 2.34
CA PRO C 80 -58.83 -57.27 3.40
C PRO C 80 -57.38 -57.67 3.65
N GLU C 81 -56.58 -57.74 2.59
CA GLU C 81 -55.17 -58.12 2.73
C GLU C 81 -54.27 -56.92 2.96
N ASP C 82 -54.88 -55.78 3.28
CA ASP C 82 -54.14 -54.55 3.52
C ASP C 82 -54.04 -54.25 5.01
N PHE C 83 -54.73 -55.05 5.82
CA PHE C 83 -54.69 -54.86 7.27
C PHE C 83 -53.43 -55.51 7.86
N ALA C 84 -52.48 -54.68 8.24
CA ALA C 84 -51.24 -55.16 8.84
C ALA C 84 -50.59 -54.03 9.64
N THR C 85 -49.29 -54.15 9.89
CA THR C 85 -48.53 -53.10 10.54
C THR C 85 -47.55 -52.48 9.54
N TYR C 86 -47.54 -51.16 9.46
CA TYR C 86 -46.68 -50.48 8.49
C TYR C 86 -45.56 -49.73 9.17
N TYR C 87 -44.38 -49.74 8.53
CA TYR C 87 -43.21 -49.04 9.05
C TYR C 87 -42.61 -48.12 7.99
N CYS C 88 -42.11 -46.97 8.42
CA CYS C 88 -41.31 -46.11 7.57
C CYS C 88 -39.84 -46.33 7.90
N GLN C 89 -38.94 -45.84 7.05
CA GLN C 89 -37.52 -46.06 7.27
C GLN C 89 -36.61 -45.08 6.54
N GLN C 90 -35.74 -44.42 7.28
CA GLN C 90 -34.69 -43.59 6.69
C GLN C 90 -33.83 -44.46 5.80
N ALA C 91 -33.42 -43.95 4.64
CA ALA C 91 -32.72 -44.79 3.67
C ALA C 91 -31.54 -44.13 2.97
N ASN C 92 -31.02 -43.05 3.55
CA ASN C 92 -29.94 -42.28 2.92
C ASN C 92 -28.54 -42.64 3.41
N SER C 93 -28.49 -43.27 4.59
CA SER C 93 -27.22 -43.62 5.21
C SER C 93 -27.50 -44.61 6.33
N PHE C 94 -28.11 -44.13 7.40
CA PHE C 94 -28.63 -45.00 8.43
C PHE C 94 -30.02 -45.44 7.99
N PHE C 95 -30.55 -46.46 8.66
CA PHE C 95 -31.80 -47.06 8.23
C PHE C 95 -32.76 -47.23 9.39
N THR C 96 -32.80 -46.22 10.26
CA THR C 96 -33.69 -46.19 11.41
C THR C 96 -35.14 -46.42 10.99
N PHE C 97 -35.86 -47.22 11.76
CA PHE C 97 -37.28 -47.48 11.50
C PHE C 97 -38.16 -46.62 12.38
N GLY C 98 -39.35 -46.31 11.89
CA GLY C 98 -40.32 -45.57 12.67
C GLY C 98 -41.02 -46.48 13.67
N GLY C 99 -41.59 -45.88 14.71
CA GLY C 99 -42.23 -46.63 15.77
C GLY C 99 -43.10 -47.77 15.27
N GLY C 100 -43.95 -47.47 14.29
CA GLY C 100 -44.85 -48.46 13.73
C GLY C 100 -46.29 -47.98 13.76
N THR C 101 -47.07 -48.44 12.78
CA THR C 101 -48.48 -48.07 12.71
C THR C 101 -49.32 -49.27 12.34
N LYS C 102 -50.19 -49.69 13.26
CA LYS C 102 -51.03 -50.85 13.03
C LYS C 102 -52.38 -50.44 12.46
N VAL C 103 -52.74 -51.02 11.32
CA VAL C 103 -54.03 -50.74 10.70
C VAL C 103 -54.95 -51.94 10.86
N GLU C 104 -55.77 -51.92 11.89
CA GLU C 104 -56.69 -53.02 12.17
C GLU C 104 -58.10 -52.73 11.68
N ILE C 105 -58.97 -53.75 11.72
CA ILE C 105 -60.31 -53.63 11.17
C ILE C 105 -61.27 -52.96 12.14
N LYS C 106 -62.31 -52.34 11.59
CA LYS C 106 -63.30 -51.63 12.38
C LYS C 106 -64.60 -52.39 12.36
N ARG C 107 -65.21 -52.55 13.53
CA ARG C 107 -66.50 -53.22 13.62
C ARG C 107 -67.33 -52.67 14.77
N THR C 108 -68.34 -53.42 15.19
CA THR C 108 -69.26 -52.94 16.21
C THR C 108 -68.85 -53.42 17.61
N VAL C 109 -69.22 -52.64 18.61
CA VAL C 109 -68.93 -52.98 19.99
C VAL C 109 -69.56 -54.32 20.34
N ALA C 110 -68.73 -55.25 20.79
CA ALA C 110 -69.21 -56.57 21.20
C ALA C 110 -68.85 -56.85 22.64
N ALA C 111 -69.82 -57.34 23.40
CA ALA C 111 -69.60 -57.70 24.80
C ALA C 111 -68.74 -58.96 24.90
N PRO C 112 -67.90 -59.04 25.94
CA PRO C 112 -67.00 -60.18 26.15
C PRO C 112 -67.72 -61.32 26.84
N SER C 113 -67.55 -62.53 26.31
CA SER C 113 -68.02 -63.73 27.00
C SER C 113 -67.03 -64.05 28.09
N VAL C 114 -67.40 -63.76 29.34
CA VAL C 114 -66.48 -63.90 30.47
C VAL C 114 -66.51 -65.31 31.08
N PHE C 115 -65.32 -65.86 31.32
CA PHE C 115 -65.19 -67.17 31.96
C PHE C 115 -64.16 -67.12 33.07
N ILE C 116 -64.10 -68.20 33.86
CA ILE C 116 -63.15 -68.29 34.96
C ILE C 116 -62.80 -69.76 35.21
N PHE C 117 -61.50 -70.07 35.18
CA PHE C 117 -61.04 -71.44 35.38
C PHE C 117 -60.14 -71.58 36.60
N PRO C 118 -60.58 -72.37 37.59
CA PRO C 118 -59.81 -72.64 38.80
C PRO C 118 -58.64 -73.57 38.51
N PRO C 119 -57.65 -73.61 39.41
CA PRO C 119 -56.49 -74.50 39.25
C PRO C 119 -56.91 -75.95 39.27
N SER C 120 -56.41 -76.74 38.32
CA SER C 120 -56.83 -78.12 38.16
C SER C 120 -56.16 -79.05 39.18
N ASP C 121 -56.23 -80.35 38.88
CA ASP C 121 -55.67 -81.37 39.75
C ASP C 121 -54.15 -81.36 39.77
N GLU C 122 -53.55 -81.66 38.61
CA GLU C 122 -52.10 -81.83 38.52
C GLU C 122 -51.32 -80.61 38.97
N GLN C 123 -51.90 -79.43 38.79
CA GLN C 123 -51.22 -78.19 39.12
C GLN C 123 -51.08 -78.00 40.63
N LEU C 124 -51.90 -78.72 41.39
CA LEU C 124 -51.85 -78.63 42.85
C LEU C 124 -50.87 -79.64 43.44
N LYS C 125 -50.57 -80.69 42.68
CA LYS C 125 -49.63 -81.72 43.12
C LYS C 125 -48.18 -81.31 42.88
N SER C 126 -47.98 -80.09 42.38
CA SER C 126 -46.65 -79.57 42.12
C SER C 126 -46.33 -78.40 43.03
N GLY C 127 -47.35 -77.88 43.72
CA GLY C 127 -47.16 -76.84 44.71
C GLY C 127 -47.15 -75.42 44.17
N THR C 128 -47.86 -75.20 43.08
CA THR C 128 -47.97 -73.87 42.47
C THR C 128 -49.30 -73.72 41.74
N ALA C 129 -50.15 -72.81 42.21
CA ALA C 129 -51.47 -72.63 41.64
C ALA C 129 -51.61 -71.31 40.87
N SER C 130 -52.35 -71.37 39.77
CA SER C 130 -52.59 -70.19 38.93
C SER C 130 -54.00 -70.20 38.35
N VAL C 131 -54.72 -69.09 38.53
CA VAL C 131 -56.10 -69.00 38.08
C VAL C 131 -56.22 -68.25 36.74
N VAL C 132 -57.00 -68.82 35.83
CA VAL C 132 -57.17 -68.25 34.49
C VAL C 132 -58.51 -67.52 34.37
N CYS C 133 -58.48 -66.37 33.69
CA CYS C 133 -59.70 -65.62 33.40
C CYS C 133 -59.77 -65.42 31.90
N LEU C 134 -60.92 -65.71 31.29
CA LEU C 134 -61.03 -65.67 29.84
C LEU C 134 -62.13 -64.75 29.33
N LEU C 135 -61.73 -63.72 28.58
CA LEU C 135 -62.67 -62.87 27.88
C LEU C 135 -62.68 -63.26 26.41
N ASN C 136 -63.82 -63.77 25.95
CA ASN C 136 -63.90 -64.30 24.59
C ASN C 136 -64.63 -63.37 23.62
N ASN C 137 -64.15 -63.34 22.39
CA ASN C 137 -64.77 -62.58 21.30
C ASN C 137 -65.39 -61.25 21.73
N PHE C 138 -64.59 -60.19 21.67
CA PHE C 138 -65.07 -58.86 22.04
C PHE C 138 -64.43 -57.76 21.19
N TYR C 139 -64.90 -56.53 21.39
CA TYR C 139 -64.39 -55.38 20.67
C TYR C 139 -64.89 -54.11 21.36
N PRO C 140 -64.02 -53.10 21.46
CA PRO C 140 -62.65 -53.09 20.93
C PRO C 140 -61.63 -53.79 21.83
N ARG C 141 -60.36 -53.65 21.48
CA ARG C 141 -59.25 -54.31 22.16
C ARG C 141 -59.03 -53.82 23.58
N GLU C 142 -59.73 -52.75 23.95
CA GLU C 142 -59.54 -52.14 25.27
C GLU C 142 -60.39 -52.83 26.34
N ALA C 143 -59.74 -53.26 27.42
CA ALA C 143 -60.43 -53.92 28.52
C ALA C 143 -59.63 -53.86 29.82
N LYS C 144 -60.30 -53.56 30.93
CA LYS C 144 -59.67 -53.41 32.23
C LYS C 144 -60.04 -54.56 33.16
N VAL C 145 -59.06 -55.42 33.45
CA VAL C 145 -59.29 -56.61 34.27
C VAL C 145 -58.64 -56.50 35.65
N GLN C 146 -59.44 -56.67 36.69
CA GLN C 146 -58.94 -56.62 38.06
C GLN C 146 -59.18 -57.95 38.77
N TRP C 147 -58.23 -58.35 39.61
CA TRP C 147 -58.36 -59.59 40.38
C TRP C 147 -58.66 -59.29 41.84
N LYS C 148 -59.77 -59.82 42.34
CA LYS C 148 -60.16 -59.61 43.72
C LYS C 148 -60.33 -60.94 44.47
N VAL C 149 -59.41 -61.22 45.37
CA VAL C 149 -59.47 -62.43 46.20
C VAL C 149 -60.06 -62.10 47.56
N ASP C 150 -61.23 -62.67 47.85
CA ASP C 150 -61.94 -62.36 49.09
C ASP C 150 -62.18 -60.86 49.22
N ASN C 151 -62.59 -60.24 48.11
CA ASN C 151 -62.84 -58.80 48.06
C ASN C 151 -61.59 -57.95 48.30
N ALA C 152 -60.42 -58.57 48.15
CA ALA C 152 -59.15 -57.88 48.34
C ALA C 152 -58.38 -57.77 47.02
N LEU C 153 -58.50 -56.61 46.38
CA LEU C 153 -57.82 -56.36 45.11
C LEU C 153 -56.30 -56.35 45.27
N GLN C 154 -55.62 -57.22 44.55
CA GLN C 154 -54.15 -57.22 44.53
C GLN C 154 -53.60 -56.93 43.14
N SER C 155 -52.33 -56.57 43.09
CA SER C 155 -51.69 -56.20 41.83
C SER C 155 -50.22 -56.62 41.80
N GLY C 156 -49.75 -57.02 40.62
CA GLY C 156 -48.35 -57.37 40.44
C GLY C 156 -48.13 -58.85 40.13
N ASN C 157 -49.09 -59.69 40.51
CA ASN C 157 -48.95 -61.13 40.33
C ASN C 157 -49.88 -61.69 39.27
N SER C 158 -50.25 -60.88 38.29
CA SER C 158 -51.12 -61.31 37.21
C SER C 158 -50.53 -60.94 35.85
N GLN C 159 -50.75 -61.80 34.87
CA GLN C 159 -50.26 -61.55 33.51
C GLN C 159 -51.33 -61.86 32.47
N GLU C 160 -51.59 -60.89 31.60
CA GLU C 160 -52.60 -61.06 30.54
C GLU C 160 -51.95 -61.05 29.17
N SER C 161 -52.69 -61.54 28.16
CA SER C 161 -52.24 -61.50 26.78
C SER C 161 -53.43 -61.51 25.83
N VAL C 162 -53.35 -60.73 24.77
CA VAL C 162 -54.45 -60.60 23.82
C VAL C 162 -54.10 -61.26 22.48
N THR C 163 -55.07 -61.94 21.89
CA THR C 163 -54.89 -62.54 20.57
C THR C 163 -54.95 -61.49 19.48
N GLU C 164 -54.52 -61.85 18.28
CA GLU C 164 -54.68 -60.96 17.14
C GLU C 164 -56.15 -60.91 16.72
N GLN C 165 -56.50 -59.91 15.92
CA GLN C 165 -57.87 -59.74 15.49
C GLN C 165 -58.33 -60.90 14.60
N ASP C 166 -59.48 -61.48 14.94
CA ASP C 166 -60.00 -62.63 14.21
C ASP C 166 -60.20 -62.30 12.74
N SER C 167 -59.73 -63.19 11.87
CA SER C 167 -59.84 -62.99 10.43
C SER C 167 -61.29 -63.03 9.95
N LYS C 168 -62.16 -63.68 10.73
CA LYS C 168 -63.56 -63.81 10.32
C LYS C 168 -64.47 -62.74 10.92
N ASP C 169 -64.56 -62.70 12.25
CA ASP C 169 -65.43 -61.73 12.92
C ASP C 169 -64.68 -60.52 13.46
N SER C 170 -63.39 -60.46 13.17
CA SER C 170 -62.51 -59.35 13.60
C SER C 170 -62.71 -58.90 15.05
N THR C 171 -62.63 -59.86 15.98
CA THR C 171 -62.74 -59.56 17.41
C THR C 171 -61.50 -60.07 18.13
N TYR C 172 -61.33 -59.63 19.37
CA TYR C 172 -60.16 -60.02 20.16
C TYR C 172 -60.54 -60.98 21.27
N SER C 173 -59.54 -61.56 21.92
CA SER C 173 -59.74 -62.39 23.10
C SER C 173 -58.57 -62.21 24.05
N LEU C 174 -58.87 -62.14 25.35
CA LEU C 174 -57.86 -61.85 26.35
C LEU C 174 -57.93 -62.84 27.50
N SER C 175 -56.77 -63.27 27.98
CA SER C 175 -56.71 -64.16 29.13
C SER C 175 -55.74 -63.64 30.19
N SER C 176 -56.22 -63.55 31.43
CA SER C 176 -55.41 -63.06 32.53
C SER C 176 -55.09 -64.18 33.51
N THR C 177 -53.82 -64.30 33.87
CA THR C 177 -53.38 -65.35 34.77
C THR C 177 -52.95 -64.80 36.13
N LEU C 178 -53.60 -65.31 37.18
CA LEU C 178 -53.26 -64.93 38.54
C LEU C 178 -52.42 -66.00 39.20
N THR C 179 -51.11 -65.77 39.27
CA THR C 179 -50.19 -66.74 39.86
C THR C 179 -49.97 -66.48 41.35
N LEU C 180 -50.07 -67.54 42.16
CA LEU C 180 -49.88 -67.41 43.60
C LEU C 180 -48.88 -68.43 44.13
N SER C 181 -49.40 -69.41 44.88
CA SER C 181 -48.54 -70.43 45.48
C SER C 181 -49.32 -71.69 45.78
N LYS C 182 -48.90 -72.41 46.82
CA LYS C 182 -49.53 -73.66 47.20
C LYS C 182 -50.37 -73.48 48.46
N ALA C 183 -49.99 -72.51 49.28
CA ALA C 183 -50.67 -72.25 50.55
C ALA C 183 -51.59 -71.05 50.48
N ASP C 184 -51.19 -70.02 49.75
CA ASP C 184 -51.98 -68.80 49.63
C ASP C 184 -53.24 -69.03 48.81
N TYR C 185 -53.36 -70.21 48.21
CA TYR C 185 -54.54 -70.55 47.42
C TYR C 185 -55.59 -71.27 48.26
N GLU C 186 -55.15 -72.04 49.23
CA GLU C 186 -56.07 -72.82 50.07
C GLU C 186 -56.52 -72.04 51.30
N LYS C 187 -55.74 -71.03 51.67
CA LYS C 187 -56.11 -70.18 52.79
C LYS C 187 -57.27 -69.26 52.44
N HIS C 188 -57.69 -69.34 51.18
CA HIS C 188 -58.83 -68.56 50.69
C HIS C 188 -59.80 -69.48 49.93
N LYS C 189 -60.98 -68.96 49.60
CA LYS C 189 -62.01 -69.81 49.01
C LYS C 189 -62.91 -69.08 48.02
N LEU C 190 -62.80 -67.75 47.99
CA LEU C 190 -63.59 -66.95 47.04
C LEU C 190 -62.71 -66.09 46.15
N TYR C 191 -62.61 -66.47 44.89
CA TYR C 191 -61.82 -65.71 43.92
C TYR C 191 -62.75 -65.13 42.84
N ALA C 192 -62.31 -64.05 42.20
CA ALA C 192 -63.10 -63.42 41.16
C ALA C 192 -62.27 -62.45 40.33
N CYS C 193 -62.78 -62.08 39.16
CA CYS C 193 -62.15 -61.06 38.33
C CYS C 193 -63.20 -60.10 37.75
N GLU C 194 -63.15 -58.85 38.19
CA GLU C 194 -64.06 -57.83 37.68
C GLU C 194 -63.60 -57.38 36.31
N VAL C 195 -64.50 -57.42 35.33
CA VAL C 195 -64.16 -57.08 33.95
C VAL C 195 -64.92 -55.85 33.48
N THR C 196 -64.19 -54.77 33.24
CA THR C 196 -64.79 -53.53 32.75
C THR C 196 -64.51 -53.34 31.27
N HIS C 197 -65.52 -53.59 30.44
CA HIS C 197 -65.41 -53.33 29.01
C HIS C 197 -66.51 -52.35 28.57
N GLN C 198 -66.23 -51.57 27.53
CA GLN C 198 -67.13 -50.50 27.11
C GLN C 198 -68.41 -51.05 26.49
N GLY C 199 -68.38 -52.32 26.11
CA GLY C 199 -69.55 -52.98 25.54
C GLY C 199 -70.44 -53.56 26.61
N LEU C 200 -70.09 -53.31 27.86
CA LEU C 200 -70.87 -53.78 29.01
C LEU C 200 -71.47 -52.60 29.76
N SER C 201 -72.78 -52.65 29.98
CA SER C 201 -73.49 -51.59 30.69
C SER C 201 -72.85 -51.32 32.04
N SER C 202 -72.61 -52.37 32.80
CA SER C 202 -71.97 -52.27 34.11
C SER C 202 -70.91 -53.36 34.24
N PRO C 203 -69.96 -53.16 35.17
CA PRO C 203 -68.86 -54.12 35.40
C PRO C 203 -69.39 -55.54 35.68
N VAL C 204 -68.84 -56.52 34.98
CA VAL C 204 -69.26 -57.91 35.12
C VAL C 204 -68.23 -58.73 35.89
N THR C 205 -68.65 -59.28 37.03
CA THR C 205 -67.76 -60.07 37.87
C THR C 205 -68.05 -61.57 37.71
N LYS C 206 -66.98 -62.36 37.62
CA LYS C 206 -67.09 -63.81 37.48
C LYS C 206 -66.27 -64.49 38.56
N SER C 207 -66.95 -65.24 39.43
CA SER C 207 -66.30 -65.84 40.60
C SER C 207 -66.56 -67.33 40.73
N PHE C 208 -65.90 -67.94 41.72
CA PHE C 208 -66.10 -69.36 42.03
C PHE C 208 -65.73 -69.64 43.48
N ASN C 209 -66.05 -70.83 43.96
CA ASN C 209 -65.80 -71.18 45.36
C ASN C 209 -65.17 -72.55 45.58
N ARG C 210 -65.73 -73.28 46.54
CA ARG C 210 -65.22 -74.57 46.98
C ARG C 210 -65.27 -75.61 45.87
N GLY C 211 -66.17 -75.40 44.91
CA GLY C 211 -66.36 -76.36 43.83
C GLY C 211 -67.27 -77.50 44.27
N GLU C 212 -68.00 -78.08 43.33
CA GLU C 212 -68.91 -79.17 43.65
C GLU C 212 -68.77 -80.36 42.71
N GLU D 1 -35.23 -67.25 -7.32
CA GLU D 1 -33.88 -66.92 -7.78
C GLU D 1 -33.02 -66.36 -6.64
N VAL D 2 -33.22 -65.09 -6.31
CA VAL D 2 -32.48 -64.45 -5.23
C VAL D 2 -33.03 -64.90 -3.88
N GLN D 3 -32.13 -65.08 -2.91
CA GLN D 3 -32.55 -65.56 -1.59
C GLN D 3 -31.50 -65.30 -0.50
N LEU D 4 -31.96 -65.24 0.74
CA LEU D 4 -31.09 -65.08 1.90
C LEU D 4 -31.48 -66.09 2.98
N VAL D 5 -30.70 -67.17 3.09
CA VAL D 5 -31.03 -68.27 3.98
C VAL D 5 -30.23 -68.23 5.28
N GLN D 6 -30.89 -67.79 6.35
CA GLN D 6 -30.24 -67.62 7.64
C GLN D 6 -30.01 -68.97 8.34
N SER D 7 -29.54 -68.90 9.59
CA SER D 7 -29.29 -70.11 10.36
C SER D 7 -30.46 -70.40 11.31
N GLY D 8 -30.29 -71.42 12.16
CA GLY D 8 -31.36 -71.85 13.04
C GLY D 8 -31.39 -71.14 14.38
N ALA D 9 -32.52 -71.27 15.08
CA ALA D 9 -32.71 -70.67 16.39
C ALA D 9 -31.57 -71.05 17.33
N GLU D 10 -31.28 -70.19 18.29
CA GLU D 10 -30.21 -70.47 19.24
C GLU D 10 -30.53 -69.95 20.65
N VAL D 11 -30.17 -70.74 21.65
CA VAL D 11 -30.42 -70.38 23.05
C VAL D 11 -29.12 -70.00 23.73
N LYS D 12 -29.14 -68.88 24.46
CA LYS D 12 -27.95 -68.40 25.15
C LYS D 12 -28.26 -67.89 26.55
N LYS D 13 -27.27 -67.95 27.43
CA LYS D 13 -27.41 -67.38 28.78
C LYS D 13 -26.86 -65.95 28.79
N PRO D 14 -27.36 -65.12 29.71
CA PRO D 14 -26.93 -63.73 29.80
C PRO D 14 -25.41 -63.59 29.94
N GLY D 15 -24.80 -62.77 29.11
CA GLY D 15 -23.37 -62.59 29.13
C GLY D 15 -22.67 -63.30 27.98
N ALA D 16 -23.38 -64.23 27.36
CA ALA D 16 -22.82 -65.00 26.25
C ALA D 16 -22.61 -64.16 25.00
N THR D 17 -22.26 -64.81 23.90
CA THR D 17 -22.05 -64.12 22.63
C THR D 17 -22.48 -65.00 21.45
N VAL D 18 -23.56 -64.58 20.79
CA VAL D 18 -24.13 -65.35 19.69
C VAL D 18 -23.59 -64.86 18.35
N LYS D 19 -23.51 -65.77 17.37
CA LYS D 19 -23.05 -65.43 16.04
C LYS D 19 -23.79 -66.22 14.97
N ILE D 20 -24.78 -65.58 14.35
CA ILE D 20 -25.59 -66.23 13.32
C ILE D 20 -25.12 -65.91 11.90
N SER D 21 -25.55 -66.72 10.94
CA SER D 21 -25.10 -66.58 9.56
C SER D 21 -26.26 -66.20 8.64
N CYS D 22 -25.96 -66.10 7.35
CA CYS D 22 -26.95 -65.73 6.33
C CYS D 22 -26.44 -65.99 4.92
N LYS D 23 -26.39 -67.26 4.52
CA LYS D 23 -25.88 -67.62 3.20
C LYS D 23 -26.76 -67.03 2.09
N ALA D 24 -26.11 -66.34 1.15
CA ALA D 24 -26.83 -65.61 0.09
C ALA D 24 -26.61 -66.23 -1.28
N SER D 25 -27.62 -66.11 -2.14
CA SER D 25 -27.56 -66.66 -3.49
C SER D 25 -28.44 -65.89 -4.46
N GLY D 26 -28.11 -65.96 -5.75
CA GLY D 26 -28.93 -65.35 -6.79
C GLY D 26 -28.38 -64.07 -7.35
N TYR D 27 -27.25 -63.62 -6.80
CA TYR D 27 -26.63 -62.38 -7.25
C TYR D 27 -25.18 -62.31 -6.79
N THR D 28 -24.45 -61.33 -7.30
CA THR D 28 -23.06 -61.12 -6.89
C THR D 28 -23.03 -60.55 -5.49
N PHE D 29 -22.60 -61.37 -4.54
CA PHE D 29 -22.67 -61.03 -3.11
C PHE D 29 -21.83 -59.80 -2.73
N SER D 30 -20.61 -59.74 -3.24
CA SER D 30 -19.65 -58.72 -2.80
C SER D 30 -19.89 -57.33 -3.41
N ASP D 31 -20.88 -57.21 -4.27
CA ASP D 31 -21.14 -55.93 -4.95
C ASP D 31 -22.23 -55.11 -4.27
N PHE D 32 -22.81 -55.65 -3.20
CA PHE D 32 -23.95 -54.99 -2.55
C PHE D 32 -23.85 -54.98 -1.03
N TYR D 33 -24.40 -53.94 -0.43
CA TYR D 33 -24.47 -53.85 1.03
C TYR D 33 -25.34 -54.98 1.57
N MET D 34 -25.15 -55.29 2.85
CA MET D 34 -26.05 -56.18 3.55
C MET D 34 -26.44 -55.54 4.88
N TYR D 35 -27.70 -55.67 5.27
CA TYR D 35 -28.21 -55.02 6.47
C TYR D 35 -28.75 -56.03 7.47
N TRP D 36 -28.72 -55.67 8.75
CA TRP D 36 -29.24 -56.54 9.81
C TRP D 36 -30.29 -55.82 10.64
N VAL D 37 -31.41 -56.51 10.89
CA VAL D 37 -32.51 -55.94 11.66
C VAL D 37 -33.01 -56.97 12.66
N ARG D 38 -33.39 -56.50 13.85
CA ARG D 38 -33.97 -57.39 14.85
C ARG D 38 -35.33 -56.88 15.26
N GLN D 39 -36.18 -57.79 15.73
CA GLN D 39 -37.52 -57.45 16.14
C GLN D 39 -37.94 -58.21 17.39
N ALA D 40 -38.01 -57.50 18.51
CA ALA D 40 -38.43 -58.08 19.78
C ALA D 40 -39.82 -58.69 19.62
N PRO D 41 -40.17 -59.63 20.49
CA PRO D 41 -41.48 -60.29 20.44
C PRO D 41 -42.63 -59.29 20.43
N GLY D 42 -43.31 -59.17 19.29
CA GLY D 42 -44.45 -58.30 19.18
C GLY D 42 -44.13 -56.82 19.29
N LYS D 43 -42.91 -56.44 18.89
CA LYS D 43 -42.50 -55.06 18.93
C LYS D 43 -42.00 -54.61 17.57
N GLY D 44 -41.83 -53.30 17.40
CA GLY D 44 -41.43 -52.73 16.13
C GLY D 44 -40.06 -53.15 15.65
N LEU D 45 -39.84 -53.04 14.35
CA LEU D 45 -38.55 -53.36 13.74
C LEU D 45 -37.48 -52.41 14.26
N GLU D 46 -36.24 -52.90 14.29
CA GLU D 46 -35.11 -52.12 14.80
C GLU D 46 -33.83 -52.45 14.04
N TRP D 47 -33.34 -51.48 13.28
CA TRP D 47 -32.12 -51.65 12.50
C TRP D 47 -30.90 -51.80 13.41
N MET D 48 -29.87 -52.49 12.94
CA MET D 48 -28.69 -52.75 13.76
C MET D 48 -27.38 -52.33 13.09
N GLY D 49 -27.27 -52.55 11.78
CA GLY D 49 -26.07 -52.15 11.06
C GLY D 49 -26.01 -52.59 9.61
N LEU D 50 -24.94 -52.21 8.93
CA LEU D 50 -24.73 -52.63 7.54
C LEU D 50 -23.26 -52.93 7.27
N ILE D 51 -22.95 -53.30 6.04
CA ILE D 51 -21.57 -53.57 5.66
C ILE D 51 -21.37 -53.69 4.15
N ASP D 52 -20.33 -53.03 3.64
CA ASP D 52 -19.89 -53.25 2.28
C ASP D 52 -18.80 -54.31 2.31
N PRO D 53 -19.11 -55.50 1.78
CA PRO D 53 -18.21 -56.66 1.83
C PRO D 53 -16.85 -56.37 1.20
N GLU D 54 -16.83 -55.58 0.14
CA GLU D 54 -15.59 -55.25 -0.56
C GLU D 54 -14.50 -54.72 0.38
N ASP D 55 -14.80 -53.63 1.07
CA ASP D 55 -13.84 -52.99 1.96
C ASP D 55 -14.16 -53.25 3.42
N ALA D 56 -15.22 -54.01 3.67
CA ALA D 56 -15.69 -54.30 5.02
C ALA D 56 -16.05 -53.05 5.81
N ASP D 57 -16.54 -52.03 5.11
CA ASP D 57 -17.00 -50.82 5.76
C ASP D 57 -18.29 -51.11 6.52
N THR D 58 -18.34 -50.73 7.79
CA THR D 58 -19.50 -51.07 8.63
C THR D 58 -20.12 -49.85 9.31
N MET D 59 -21.42 -49.93 9.56
CA MET D 59 -22.13 -48.91 10.31
C MET D 59 -23.03 -49.56 11.35
N TYR D 60 -23.15 -48.96 12.53
CA TYR D 60 -23.98 -49.51 13.59
C TYR D 60 -24.92 -48.45 14.18
N ALA D 61 -26.06 -48.89 14.70
CA ALA D 61 -26.94 -48.01 15.44
C ALA D 61 -26.33 -47.71 16.79
N GLU D 62 -26.71 -46.59 17.38
CA GLU D 62 -26.12 -46.16 18.65
C GLU D 62 -26.30 -47.20 19.75
N LYS D 63 -27.45 -47.86 19.73
CA LYS D 63 -27.82 -48.81 20.78
C LYS D 63 -27.00 -50.10 20.73
N PHE D 64 -26.05 -50.18 19.80
CA PHE D 64 -25.30 -51.42 19.61
C PHE D 64 -23.80 -51.23 19.44
N ARG D 65 -23.37 -49.98 19.23
CA ARG D 65 -21.96 -49.67 19.02
C ARG D 65 -21.07 -50.21 20.15
N GLY D 66 -19.95 -50.81 19.77
CA GLY D 66 -19.02 -51.36 20.73
C GLY D 66 -19.58 -52.57 21.45
N ARG D 67 -20.52 -53.26 20.81
CA ARG D 67 -21.15 -54.43 21.40
C ARG D 67 -21.64 -55.39 20.33
N VAL D 68 -21.62 -54.92 19.08
CA VAL D 68 -22.06 -55.72 17.95
C VAL D 68 -21.01 -55.69 16.85
N THR D 69 -20.90 -56.76 16.08
CA THR D 69 -19.94 -56.83 14.99
C THR D 69 -20.48 -57.55 13.77
N ILE D 70 -20.43 -56.90 12.61
CA ILE D 70 -20.90 -57.47 11.36
C ILE D 70 -19.76 -57.72 10.40
N THR D 71 -19.66 -58.95 9.91
CA THR D 71 -18.64 -59.29 8.93
C THR D 71 -19.28 -59.93 7.70
N ALA D 72 -18.45 -60.41 6.78
CA ALA D 72 -18.95 -61.00 5.54
C ALA D 72 -17.87 -61.79 4.80
N ASP D 73 -17.93 -63.12 4.94
CA ASP D 73 -17.00 -63.99 4.23
C ASP D 73 -17.32 -63.98 2.74
N THR D 74 -16.58 -63.17 1.99
CA THR D 74 -16.84 -62.98 0.56
C THR D 74 -16.71 -64.26 -0.26
N SER D 75 -15.83 -65.17 0.17
CA SER D 75 -15.56 -66.38 -0.59
C SER D 75 -16.73 -67.37 -0.60
N THR D 76 -17.47 -67.43 0.50
CA THR D 76 -18.58 -68.37 0.62
C THR D 76 -19.93 -67.69 0.49
N ASP D 77 -19.93 -66.42 0.10
CA ASP D 77 -21.16 -65.64 -0.04
C ASP D 77 -22.00 -65.70 1.23
N THR D 78 -21.33 -65.61 2.38
CA THR D 78 -22.02 -65.68 3.67
C THR D 78 -21.74 -64.44 4.51
N GLY D 79 -22.75 -63.99 5.23
CA GLY D 79 -22.59 -62.88 6.15
C GLY D 79 -22.86 -63.33 7.57
N TYR D 80 -22.11 -62.78 8.52
CA TYR D 80 -22.30 -63.16 9.92
C TYR D 80 -22.64 -61.94 10.77
N LEU D 81 -22.93 -62.19 12.04
CA LEU D 81 -23.29 -61.12 12.97
C LEU D 81 -23.04 -61.56 14.41
N GLU D 82 -22.22 -60.79 15.12
CA GLU D 82 -21.86 -61.13 16.49
C GLU D 82 -22.43 -60.11 17.48
N LEU D 83 -22.88 -60.59 18.62
CA LEU D 83 -23.40 -59.71 19.67
C LEU D 83 -22.80 -60.07 21.03
N SER D 84 -21.83 -59.26 21.46
CA SER D 84 -21.15 -59.47 22.72
C SER D 84 -22.04 -59.08 23.89
N SER D 85 -21.64 -59.50 25.09
CA SER D 85 -22.36 -59.15 26.32
C SER D 85 -23.87 -59.15 26.16
N LEU D 86 -24.43 -60.34 25.94
CA LEU D 86 -25.87 -60.48 25.75
C LEU D 86 -26.64 -60.19 27.03
N ARG D 87 -27.85 -59.65 26.87
CA ARG D 87 -28.69 -59.31 28.01
C ARG D 87 -30.03 -60.03 27.94
N SER D 88 -30.97 -59.60 28.76
CA SER D 88 -32.30 -60.22 28.78
C SER D 88 -33.24 -59.57 27.76
N GLU D 89 -32.95 -58.33 27.40
CA GLU D 89 -33.80 -57.59 26.46
C GLU D 89 -33.35 -57.76 25.02
N ASP D 90 -32.38 -58.66 24.80
CA ASP D 90 -31.87 -58.92 23.46
C ASP D 90 -32.62 -60.08 22.80
N THR D 91 -33.59 -60.64 23.53
CA THR D 91 -34.42 -61.71 23.01
C THR D 91 -35.30 -61.22 21.87
N ALA D 92 -34.97 -61.59 20.64
CA ALA D 92 -35.73 -61.16 19.48
C ALA D 92 -35.41 -62.00 18.25
N VAL D 93 -36.20 -61.80 17.19
CA VAL D 93 -35.93 -62.44 15.90
C VAL D 93 -34.96 -61.57 15.12
N TYR D 94 -33.98 -62.19 14.48
CA TYR D 94 -32.96 -61.46 13.73
C TYR D 94 -33.07 -61.70 12.23
N TYR D 95 -33.34 -60.63 11.49
CA TYR D 95 -33.44 -60.72 10.04
C TYR D 95 -32.18 -60.16 9.39
N CYS D 96 -31.88 -60.66 8.19
CA CYS D 96 -30.85 -60.06 7.36
C CYS D 96 -31.48 -59.72 6.02
N ALA D 97 -31.15 -58.55 5.48
CA ALA D 97 -31.73 -58.11 4.22
C ALA D 97 -30.65 -57.59 3.28
N ALA D 98 -31.05 -57.33 2.04
CA ALA D 98 -30.13 -56.81 1.04
C ALA D 98 -30.93 -56.04 -0.01
N ASP D 99 -30.22 -55.51 -1.01
CA ASP D 99 -30.87 -54.70 -2.03
C ASP D 99 -30.13 -54.81 -3.36
N PRO D 100 -30.18 -56.00 -3.97
CA PRO D 100 -29.48 -56.29 -5.22
C PRO D 100 -29.96 -55.44 -6.39
N TRP D 101 -30.94 -54.57 -6.15
CA TRP D 101 -31.42 -53.69 -7.21
C TRP D 101 -31.17 -52.21 -6.88
N GLU D 102 -30.60 -51.97 -5.71
CA GLU D 102 -30.12 -50.64 -5.35
C GLU D 102 -31.23 -49.59 -5.29
N LEU D 103 -32.35 -49.96 -4.69
CA LEU D 103 -33.45 -49.03 -4.50
C LEU D 103 -33.30 -48.28 -3.19
N ASN D 104 -32.20 -48.58 -2.49
CA ASN D 104 -31.96 -48.03 -1.16
C ASN D 104 -33.07 -48.35 -0.17
N ALA D 105 -33.41 -49.63 -0.12
CA ALA D 105 -34.40 -50.15 0.81
C ALA D 105 -34.22 -51.65 0.82
N PHE D 106 -34.82 -52.32 1.80
CA PHE D 106 -34.65 -53.76 1.93
C PHE D 106 -35.64 -54.53 1.07
N ASN D 107 -35.15 -55.08 -0.04
CA ASN D 107 -35.99 -55.80 -0.99
C ASN D 107 -36.04 -57.28 -0.67
N VAL D 108 -34.87 -57.87 -0.39
CA VAL D 108 -34.80 -59.28 -0.05
C VAL D 108 -34.58 -59.48 1.44
N TRP D 109 -35.21 -60.50 2.01
CA TRP D 109 -35.12 -60.77 3.44
C TRP D 109 -34.81 -62.23 3.72
N GLY D 110 -34.38 -62.51 4.95
CA GLY D 110 -34.14 -63.87 5.39
C GLY D 110 -35.37 -64.40 6.11
N GLN D 111 -35.40 -65.70 6.34
CA GLN D 111 -36.55 -66.33 7.00
C GLN D 111 -36.58 -65.98 8.49
N GLY D 112 -35.45 -65.54 9.03
CA GLY D 112 -35.36 -65.13 10.42
C GLY D 112 -34.59 -66.10 11.28
N THR D 113 -34.06 -65.60 12.39
CA THR D 113 -33.35 -66.42 13.35
C THR D 113 -33.70 -66.04 14.77
N LEU D 114 -34.48 -66.88 15.44
CA LEU D 114 -34.93 -66.60 16.80
C LEU D 114 -33.80 -66.80 17.81
N VAL D 115 -33.45 -65.74 18.53
CA VAL D 115 -32.44 -65.85 19.57
C VAL D 115 -33.04 -65.56 20.94
N SER D 116 -33.04 -66.57 21.80
CA SER D 116 -33.63 -66.48 23.13
C SER D 116 -32.56 -66.44 24.21
N VAL D 117 -32.51 -65.34 24.96
CA VAL D 117 -31.48 -65.16 25.99
C VAL D 117 -32.09 -65.06 27.38
N SER D 118 -31.90 -66.09 28.20
CA SER D 118 -32.44 -66.11 29.55
C SER D 118 -31.56 -66.93 30.50
N SER D 119 -31.92 -66.94 31.78
CA SER D 119 -31.17 -67.67 32.80
C SER D 119 -31.42 -69.18 32.73
N ALA D 120 -32.65 -69.56 32.39
CA ALA D 120 -33.03 -70.96 32.32
C ALA D 120 -32.55 -71.62 31.03
N SER D 121 -32.58 -72.94 31.00
CA SER D 121 -32.22 -73.70 29.80
C SER D 121 -33.44 -74.44 29.28
N THR D 122 -33.34 -74.98 28.06
CA THR D 122 -34.44 -75.70 27.42
C THR D 122 -35.12 -76.68 28.37
N LYS D 123 -36.39 -76.41 28.67
CA LYS D 123 -37.16 -77.24 29.58
C LYS D 123 -38.59 -77.41 29.08
N GLY D 124 -39.02 -78.66 28.94
CA GLY D 124 -40.36 -78.97 28.47
C GLY D 124 -41.46 -78.38 29.32
N PRO D 125 -42.67 -78.30 28.77
CA PRO D 125 -43.82 -77.66 29.41
C PRO D 125 -44.56 -78.60 30.36
N SER D 126 -45.21 -78.01 31.36
CA SER D 126 -46.08 -78.77 32.26
C SER D 126 -47.52 -78.40 31.96
N VAL D 127 -48.26 -79.32 31.38
CA VAL D 127 -49.63 -79.06 30.95
C VAL D 127 -50.66 -79.36 32.04
N PHE D 128 -51.51 -78.38 32.34
CA PHE D 128 -52.57 -78.57 33.33
C PHE D 128 -53.92 -78.18 32.73
N PRO D 129 -54.91 -79.08 32.85
CA PRO D 129 -56.24 -78.92 32.24
C PRO D 129 -56.98 -77.66 32.71
N LEU D 130 -58.04 -77.31 31.99
CA LEU D 130 -58.92 -76.19 32.35
C LEU D 130 -60.36 -76.56 32.02
N ALA D 131 -60.99 -77.34 32.89
CA ALA D 131 -62.31 -77.91 32.62
C ALA D 131 -63.45 -76.93 32.88
N PRO D 132 -64.61 -77.18 32.25
CA PRO D 132 -65.84 -76.39 32.40
C PRO D 132 -66.39 -76.39 33.83
N SER D 133 -66.91 -75.25 34.27
CA SER D 133 -67.48 -75.13 35.60
C SER D 133 -68.84 -75.82 35.70
N SER D 134 -69.88 -75.14 35.25
CA SER D 134 -71.23 -75.72 35.27
C SER D 134 -71.58 -76.28 33.89
N LYS D 135 -71.99 -77.55 33.85
CA LYS D 135 -72.25 -78.22 32.58
C LYS D 135 -73.72 -78.26 32.15
N SER D 136 -74.14 -79.38 31.59
CA SER D 136 -75.40 -79.50 30.86
C SER D 136 -76.68 -79.31 31.70
N THR D 137 -76.86 -78.09 32.20
CA THR D 137 -78.08 -77.67 32.87
C THR D 137 -78.04 -76.15 32.93
N SER D 138 -76.94 -75.59 32.47
CA SER D 138 -76.67 -74.16 32.57
C SER D 138 -76.99 -73.40 31.28
N GLY D 139 -75.95 -73.10 30.50
CA GLY D 139 -76.12 -72.29 29.30
C GLY D 139 -76.14 -73.08 28.01
N GLY D 140 -75.67 -72.46 26.92
CA GLY D 140 -75.66 -73.09 25.62
C GLY D 140 -74.25 -73.33 25.10
N THR D 141 -73.30 -72.54 25.58
CA THR D 141 -71.91 -72.69 25.20
C THR D 141 -71.01 -72.48 26.41
N ALA D 142 -70.03 -73.35 26.58
CA ALA D 142 -69.10 -73.28 27.71
C ALA D 142 -67.65 -73.29 27.24
N ALA D 143 -66.80 -72.58 27.96
CA ALA D 143 -65.39 -72.48 27.61
C ALA D 143 -64.59 -73.65 28.16
N LEU D 144 -63.46 -73.93 27.52
CA LEU D 144 -62.64 -75.10 27.84
C LEU D 144 -61.25 -74.88 27.26
N GLY D 145 -60.29 -75.70 27.66
CA GLY D 145 -58.96 -75.60 27.09
C GLY D 145 -57.81 -76.13 27.92
N CYS D 146 -56.59 -75.92 27.43
CA CYS D 146 -55.38 -76.40 28.10
C CYS D 146 -54.55 -75.24 28.63
N LEU D 147 -53.54 -75.56 29.44
CA LEU D 147 -52.60 -74.56 29.95
C LEU D 147 -51.18 -75.08 29.87
N VAL D 148 -50.35 -74.41 29.08
CA VAL D 148 -48.95 -74.79 28.92
C VAL D 148 -48.07 -73.86 29.76
N LYS D 149 -47.62 -74.35 30.90
CA LYS D 149 -46.86 -73.52 31.84
C LYS D 149 -45.38 -73.90 31.90
N ASP D 150 -44.56 -72.95 32.32
CA ASP D 150 -43.13 -73.17 32.53
C ASP D 150 -42.45 -73.94 31.40
N TYR D 151 -41.97 -73.22 30.40
CA TYR D 151 -41.22 -73.81 29.30
C TYR D 151 -40.26 -72.80 28.69
N PHE D 152 -39.32 -73.29 27.89
CA PHE D 152 -38.31 -72.42 27.31
C PHE D 152 -37.45 -73.19 26.31
N PRO D 153 -37.17 -72.57 25.15
CA PRO D 153 -37.77 -71.29 24.75
C PRO D 153 -38.97 -71.53 23.87
N GLU D 154 -39.34 -70.52 23.09
CA GLU D 154 -40.35 -70.68 22.03
C GLU D 154 -39.69 -71.41 20.87
N PRO D 155 -40.51 -71.92 19.93
CA PRO D 155 -41.98 -71.83 19.91
C PRO D 155 -42.66 -73.05 20.52
N VAL D 156 -43.98 -73.08 20.41
CA VAL D 156 -44.78 -74.23 20.82
C VAL D 156 -46.12 -74.19 20.11
N THR D 157 -46.37 -75.20 19.27
CA THR D 157 -47.59 -75.24 18.48
C THR D 157 -48.65 -76.14 19.10
N VAL D 158 -49.89 -75.67 19.09
CA VAL D 158 -51.01 -76.40 19.69
C VAL D 158 -52.15 -76.59 18.70
N SER D 159 -52.67 -77.80 18.63
CA SER D 159 -53.85 -78.10 17.82
C SER D 159 -54.90 -78.80 18.66
N TRP D 160 -55.98 -79.23 18.04
CA TRP D 160 -57.05 -79.91 18.76
C TRP D 160 -57.66 -81.05 17.96
N ASN D 161 -57.66 -82.24 18.56
CA ASN D 161 -58.19 -83.43 17.90
C ASN D 161 -57.40 -83.74 16.62
N SER D 162 -56.09 -83.57 16.68
CA SER D 162 -55.22 -83.90 15.56
C SER D 162 -55.51 -83.07 14.32
N GLY D 163 -56.02 -81.85 14.53
CA GLY D 163 -56.30 -80.94 13.44
C GLY D 163 -57.75 -80.91 13.01
N ALA D 164 -58.60 -81.63 13.74
CA ALA D 164 -60.02 -81.72 13.40
C ALA D 164 -60.81 -80.54 13.92
N LEU D 165 -60.58 -80.18 15.19
CA LEU D 165 -61.30 -79.08 15.80
C LEU D 165 -60.52 -77.76 15.70
N THR D 166 -60.84 -76.97 14.67
CA THR D 166 -60.24 -75.65 14.52
C THR D 166 -61.35 -74.59 14.48
N SER D 167 -62.33 -74.75 15.34
CA SER D 167 -63.46 -73.82 15.40
C SER D 167 -63.69 -73.34 16.83
N GLY D 168 -63.44 -72.06 17.04
CA GLY D 168 -63.57 -71.47 18.37
C GLY D 168 -62.26 -71.57 19.13
N VAL D 169 -61.22 -72.03 18.44
CA VAL D 169 -59.90 -72.18 19.03
C VAL D 169 -59.20 -70.84 19.19
N HIS D 170 -58.70 -70.57 20.38
CA HIS D 170 -57.98 -69.33 20.66
C HIS D 170 -56.67 -69.58 21.40
N THR D 171 -55.61 -69.80 20.65
CA THR D 171 -54.30 -70.04 21.23
C THR D 171 -53.60 -68.71 21.52
N PHE D 172 -53.67 -68.27 22.77
CA PHE D 172 -53.08 -67.00 23.17
C PHE D 172 -51.56 -67.00 23.00
N PRO D 173 -50.97 -65.81 22.77
CA PRO D 173 -49.51 -65.71 22.68
C PRO D 173 -48.90 -66.00 24.03
N ALA D 174 -47.67 -66.50 24.04
CA ALA D 174 -46.99 -66.81 25.29
C ALA D 174 -46.61 -65.55 26.05
N VAL D 175 -46.34 -65.69 27.35
CA VAL D 175 -45.89 -64.57 28.16
C VAL D 175 -44.68 -64.99 29.01
N LEU D 176 -43.72 -64.10 29.14
CA LEU D 176 -42.54 -64.38 29.96
C LEU D 176 -42.80 -63.97 31.40
N GLN D 177 -42.49 -64.87 32.33
CA GLN D 177 -42.75 -64.63 33.75
C GLN D 177 -41.54 -64.02 34.45
N SER D 178 -41.69 -63.81 35.76
CA SER D 178 -40.58 -63.30 36.58
C SER D 178 -39.53 -64.39 36.74
N SER D 179 -39.89 -65.62 36.38
CA SER D 179 -39.00 -66.77 36.53
C SER D 179 -38.16 -67.02 35.28
N GLY D 180 -38.60 -66.49 34.15
CA GLY D 180 -37.88 -66.66 32.90
C GLY D 180 -38.40 -67.85 32.09
N LEU D 181 -39.66 -68.19 32.31
CA LEU D 181 -40.29 -69.29 31.58
C LEU D 181 -41.61 -68.83 30.98
N TYR D 182 -41.79 -69.09 29.69
CA TYR D 182 -43.01 -68.71 29.00
C TYR D 182 -44.19 -69.54 29.51
N SER D 183 -45.40 -69.14 29.15
CA SER D 183 -46.60 -69.80 29.64
C SER D 183 -47.84 -69.32 28.90
N LEU D 184 -48.21 -70.04 27.84
CA LEU D 184 -49.41 -69.69 27.07
C LEU D 184 -50.62 -70.49 27.56
N SER D 185 -51.71 -70.40 26.81
CA SER D 185 -52.93 -71.12 27.15
C SER D 185 -53.87 -71.18 25.96
N SER D 186 -54.27 -72.39 25.58
CA SER D 186 -55.21 -72.58 24.48
C SER D 186 -56.60 -72.86 25.02
N VAL D 187 -57.62 -72.32 24.36
CA VAL D 187 -59.00 -72.57 24.75
C VAL D 187 -59.88 -72.82 23.53
N VAL D 188 -61.14 -73.17 23.78
CA VAL D 188 -62.11 -73.35 22.71
C VAL D 188 -63.52 -73.42 23.28
N THR D 189 -64.45 -72.71 22.64
CA THR D 189 -65.84 -72.74 23.08
C THR D 189 -66.64 -73.76 22.28
N VAL D 190 -67.49 -74.51 22.99
CA VAL D 190 -68.31 -75.53 22.37
C VAL D 190 -69.66 -75.61 23.08
N PRO D 191 -70.63 -76.28 22.46
CA PRO D 191 -71.94 -76.48 23.08
C PRO D 191 -71.82 -77.25 24.40
N SER D 192 -72.44 -76.73 25.46
CA SER D 192 -72.37 -77.36 26.76
C SER D 192 -73.19 -78.65 26.83
N SER D 193 -73.82 -79.00 25.71
CA SER D 193 -74.63 -80.21 25.63
C SER D 193 -73.79 -81.38 25.13
N SER D 194 -72.81 -81.09 24.28
CA SER D 194 -71.96 -82.12 23.70
C SER D 194 -70.73 -82.40 24.56
N LEU D 195 -70.77 -81.93 25.80
CA LEU D 195 -69.65 -82.14 26.73
C LEU D 195 -69.60 -83.59 27.23
N GLY D 196 -70.76 -84.16 27.54
CA GLY D 196 -70.83 -85.49 28.11
C GLY D 196 -70.44 -86.60 27.16
N THR D 197 -70.52 -86.32 25.86
CA THR D 197 -70.22 -87.34 24.85
C THR D 197 -68.88 -87.11 24.15
N GLN D 198 -68.67 -85.89 23.67
CA GLN D 198 -67.45 -85.56 22.92
C GLN D 198 -66.24 -85.44 23.83
N THR D 199 -65.10 -85.96 23.36
CA THR D 199 -63.85 -85.87 24.09
C THR D 199 -62.88 -84.95 23.37
N TYR D 200 -62.40 -83.93 24.08
CA TYR D 200 -61.53 -82.93 23.48
C TYR D 200 -60.07 -83.12 23.86
N ILE D 201 -59.21 -83.31 22.86
CA ILE D 201 -57.79 -83.54 23.07
C ILE D 201 -56.95 -82.47 22.38
N CYS D 202 -56.09 -81.81 23.14
CA CYS D 202 -55.21 -80.80 22.58
C CYS D 202 -53.81 -81.37 22.33
N ASN D 203 -53.21 -81.00 21.20
CA ASN D 203 -51.91 -81.52 20.82
C ASN D 203 -50.81 -80.46 20.92
N VAL D 204 -49.92 -80.62 21.90
CA VAL D 204 -48.82 -79.69 22.11
C VAL D 204 -47.56 -80.19 21.41
N ASN D 205 -46.64 -79.28 21.11
CA ASN D 205 -45.37 -79.64 20.49
C ASN D 205 -44.27 -78.63 20.78
N HIS D 206 -43.44 -78.93 21.78
CA HIS D 206 -42.32 -78.08 22.13
C HIS D 206 -41.06 -78.53 21.40
N LYS D 207 -40.90 -78.06 20.18
CA LYS D 207 -39.78 -78.44 19.32
C LYS D 207 -38.40 -78.30 19.97
N PRO D 208 -38.18 -77.23 20.77
CA PRO D 208 -36.90 -77.08 21.47
C PRO D 208 -36.50 -78.32 22.27
N SER D 209 -37.32 -78.73 23.22
CA SER D 209 -37.01 -79.89 24.05
C SER D 209 -37.56 -81.18 23.44
N ASN D 210 -37.89 -81.13 22.16
CA ASN D 210 -38.38 -82.30 21.43
C ASN D 210 -39.59 -82.96 22.09
N THR D 211 -40.39 -82.16 22.78
CA THR D 211 -41.53 -82.66 23.53
C THR D 211 -42.80 -82.74 22.70
N LYS D 212 -43.55 -83.83 22.87
CA LYS D 212 -44.83 -84.02 22.23
C LYS D 212 -45.83 -84.50 23.26
N VAL D 213 -46.79 -83.65 23.62
CA VAL D 213 -47.71 -83.97 24.70
C VAL D 213 -49.19 -83.78 24.33
N ASP D 214 -49.99 -84.81 24.59
CA ASP D 214 -51.43 -84.73 24.39
C ASP D 214 -52.14 -84.72 25.75
N LYS D 215 -53.34 -84.15 25.80
CA LYS D 215 -54.08 -84.06 27.05
C LYS D 215 -55.60 -84.07 26.83
N LYS D 216 -56.32 -84.70 27.76
CA LYS D 216 -57.77 -84.78 27.70
C LYS D 216 -58.39 -83.86 28.74
N VAL D 217 -59.59 -83.38 28.48
CA VAL D 217 -60.28 -82.52 29.44
C VAL D 217 -61.69 -83.06 29.75
N GLU D 218 -62.16 -82.82 30.97
CA GLU D 218 -63.37 -83.45 31.45
C GLU D 218 -64.03 -82.70 32.60
N PRO D 219 -65.35 -82.47 32.50
CA PRO D 219 -66.16 -81.83 33.54
C PRO D 219 -66.94 -82.85 34.35
N LYS D 220 -66.48 -84.11 34.34
CA LYS D 220 -67.22 -85.20 34.96
C LYS D 220 -67.56 -84.93 36.43
N THR E 1 -4.99 -18.12 35.04
CA THR E 1 -5.90 -18.05 36.18
C THR E 1 -6.42 -16.63 36.39
N GLU E 2 -7.74 -16.49 36.52
CA GLU E 2 -8.36 -15.19 36.74
C GLU E 2 -9.00 -15.08 38.12
N LYS E 3 -9.44 -13.87 38.46
CA LYS E 3 -10.04 -13.60 39.76
C LYS E 3 -11.53 -13.32 39.63
N LEU E 4 -12.03 -12.41 40.47
CA LEU E 4 -13.43 -12.01 40.42
C LEU E 4 -13.73 -11.30 39.10
N TRP E 5 -12.73 -10.62 38.56
CA TRP E 5 -12.84 -9.91 37.28
C TRP E 5 -11.73 -10.32 36.32
N VAL E 6 -11.76 -9.75 35.12
CA VAL E 6 -10.76 -10.06 34.10
C VAL E 6 -9.74 -8.93 33.94
N THR E 7 -8.47 -9.27 34.12
CA THR E 7 -7.39 -8.29 33.97
C THR E 7 -6.99 -8.14 32.51
N VAL E 8 -7.36 -7.01 31.92
CA VAL E 8 -7.05 -6.74 30.52
C VAL E 8 -5.61 -6.31 30.34
N TYR E 9 -4.95 -6.85 29.31
CA TYR E 9 -3.56 -6.52 29.04
C TYR E 9 -3.46 -5.42 27.98
N TYR E 10 -3.50 -4.18 28.42
CA TYR E 10 -3.47 -3.03 27.52
C TYR E 10 -2.11 -2.85 26.85
N GLY E 11 -2.14 -2.43 25.59
CA GLY E 11 -0.93 -2.09 24.87
C GLY E 11 -0.80 -0.57 24.77
N VAL E 12 0.05 -0.01 25.62
CA VAL E 12 0.19 1.44 25.72
C VAL E 12 1.04 2.02 24.58
N PRO E 13 0.57 3.14 23.99
CA PRO E 13 1.28 3.87 22.95
C PRO E 13 2.58 4.49 23.45
N VAL E 14 3.62 4.43 22.63
CA VAL E 14 4.90 5.02 22.98
C VAL E 14 5.42 5.87 21.83
N TRP E 15 5.76 7.12 22.13
CA TRP E 15 6.27 8.04 21.11
C TRP E 15 7.45 8.84 21.63
N LYS E 16 7.94 9.76 20.80
CA LYS E 16 9.11 10.57 21.13
C LYS E 16 9.36 11.60 20.03
N GLU E 17 9.67 12.83 20.43
CA GLU E 17 9.99 13.89 19.48
C GLU E 17 10.96 13.41 18.41
N ALA E 18 10.68 13.75 17.16
CA ALA E 18 11.56 13.36 16.06
C ALA E 18 11.38 14.28 14.86
N THR E 19 12.39 14.32 14.00
CA THR E 19 12.38 15.21 12.85
C THR E 19 12.80 14.51 11.56
N THR E 20 11.86 14.38 10.64
CA THR E 20 12.13 13.76 9.34
C THR E 20 11.48 14.54 8.21
N THR E 21 11.88 14.22 6.99
CA THR E 21 11.33 14.88 5.81
C THR E 21 9.89 14.46 5.52
N LEU E 22 8.95 15.34 5.81
CA LEU E 22 7.54 15.10 5.58
C LEU E 22 7.24 15.08 4.09
N PHE E 23 6.03 14.63 3.74
CA PHE E 23 5.52 14.82 2.39
C PHE E 23 4.27 15.67 2.46
N CYS E 24 3.77 16.11 1.31
CA CYS E 24 2.62 17.01 1.28
C CYS E 24 1.52 16.49 0.37
N ALA E 25 0.31 17.01 0.55
CA ALA E 25 -0.82 16.63 -0.29
C ALA E 25 -1.71 17.84 -0.52
N SER E 26 -2.26 17.94 -1.73
CA SER E 26 -3.08 19.10 -2.09
C SER E 26 -4.17 18.78 -3.11
N ASP E 27 -4.88 19.81 -3.55
CA ASP E 27 -5.95 19.66 -4.53
C ASP E 27 -5.45 20.03 -5.92
N ALA E 28 -4.17 19.80 -6.15
CA ALA E 28 -3.53 20.14 -7.42
C ALA E 28 -4.29 19.59 -8.61
N LYS E 29 -4.51 20.44 -9.60
CA LYS E 29 -5.21 20.05 -10.82
C LYS E 29 -4.23 19.89 -11.98
N ALA E 30 -4.25 18.73 -12.62
CA ALA E 30 -3.34 18.42 -13.72
C ALA E 30 -3.85 18.98 -15.05
N TYR E 31 -4.38 20.21 -15.00
CA TYR E 31 -4.88 20.86 -16.20
C TYR E 31 -4.92 22.37 -16.02
N ASP E 32 -4.30 22.85 -14.95
CA ASP E 32 -4.27 24.27 -14.65
C ASP E 32 -2.85 24.82 -14.80
N THR E 33 -2.72 25.93 -15.52
CA THR E 33 -1.42 26.55 -15.76
C THR E 33 -0.90 27.21 -14.48
N GLU E 34 -1.79 27.44 -13.52
CA GLU E 34 -1.43 28.01 -12.23
C GLU E 34 -0.16 27.37 -11.67
N VAL E 35 0.76 28.21 -11.20
CA VAL E 35 2.06 27.74 -10.73
C VAL E 35 1.98 26.91 -9.46
N HIS E 36 1.06 27.27 -8.55
CA HIS E 36 0.88 26.50 -7.33
C HIS E 36 0.36 25.10 -7.64
N ASN E 37 -0.60 25.02 -8.55
CA ASN E 37 -1.17 23.75 -8.96
C ASN E 37 -0.19 22.88 -9.73
N VAL E 38 0.54 23.49 -10.66
CA VAL E 38 1.54 22.77 -11.44
C VAL E 38 2.60 22.16 -10.55
N TRP E 39 3.03 22.92 -9.55
CA TRP E 39 4.05 22.46 -8.62
C TRP E 39 3.50 21.36 -7.74
N ALA E 40 2.35 21.62 -7.12
CA ALA E 40 1.71 20.65 -6.24
C ALA E 40 1.41 19.34 -6.97
N THR E 41 1.00 19.45 -8.24
CA THR E 41 0.71 18.28 -9.05
C THR E 41 1.91 17.34 -9.11
N HIS E 42 3.10 17.93 -9.20
CA HIS E 42 4.31 17.15 -9.35
C HIS E 42 4.97 16.79 -8.01
N ALA E 43 4.62 17.51 -6.96
CA ALA E 43 5.30 17.35 -5.68
C ALA E 43 4.38 16.96 -4.53
N CYS E 44 3.11 16.71 -4.84
CA CYS E 44 2.15 16.40 -3.79
C CYS E 44 1.21 15.25 -4.11
N VAL E 45 0.75 14.56 -3.07
CA VAL E 45 -0.19 13.46 -3.16
C VAL E 45 -1.61 14.00 -3.28
N PRO E 46 -2.51 13.24 -3.94
CA PRO E 46 -3.93 13.60 -3.98
C PRO E 46 -4.50 13.86 -2.58
N THR E 47 -5.71 14.44 -2.54
CA THR E 47 -6.32 14.85 -1.28
C THR E 47 -6.46 13.70 -0.29
N ASP E 48 -6.93 14.01 0.91
CA ASP E 48 -7.00 13.05 2.00
C ASP E 48 -7.77 11.76 1.69
N PRO E 49 -9.05 11.87 1.32
CA PRO E 49 -9.88 13.07 1.29
C PRO E 49 -10.62 13.26 2.62
N ASN E 50 -11.04 12.15 3.25
CA ASN E 50 -11.82 12.23 4.48
C ASN E 50 -11.40 11.26 5.59
N PRO E 51 -10.11 11.27 5.98
CA PRO E 51 -9.69 10.57 7.19
C PRO E 51 -10.04 11.41 8.42
N GLN E 52 -9.61 10.97 9.60
CA GLN E 52 -9.90 11.70 10.83
C GLN E 52 -8.72 11.70 11.82
N GLU E 53 -8.99 12.15 13.04
CA GLU E 53 -7.97 12.26 14.07
C GLU E 53 -8.30 11.43 15.30
N VAL E 54 -7.27 10.86 15.91
CA VAL E 54 -7.43 10.01 17.09
C VAL E 54 -7.15 10.80 18.36
N VAL E 55 -8.21 11.24 19.03
CA VAL E 55 -8.08 12.00 20.27
C VAL E 55 -7.41 11.17 21.35
N LEU E 56 -6.58 11.80 22.16
CA LEU E 56 -5.96 11.12 23.30
C LEU E 56 -6.59 11.64 24.58
N VAL E 57 -6.85 10.74 25.52
CA VAL E 57 -7.55 11.11 26.74
C VAL E 57 -6.60 11.21 27.94
N ASN E 58 -6.71 12.31 28.68
CA ASN E 58 -5.90 12.55 29.87
C ASN E 58 -4.40 12.47 29.58
N VAL E 59 -3.95 13.26 28.61
CA VAL E 59 -2.53 13.28 28.23
C VAL E 59 -2.00 14.70 28.07
N THR E 60 -0.91 15.01 28.78
CA THR E 60 -0.26 16.31 28.66
C THR E 60 0.98 16.21 27.78
N GLU E 61 1.04 17.07 26.76
CA GLU E 61 2.15 17.06 25.82
C GLU E 61 2.79 18.43 25.67
N ASN E 62 4.11 18.48 25.77
CA ASN E 62 4.85 19.72 25.61
C ASN E 62 5.00 20.13 24.15
N PHE E 63 4.75 21.40 23.87
CA PHE E 63 4.89 21.92 22.51
C PHE E 63 5.87 23.09 22.48
N ASN E 64 6.27 23.47 21.27
CA ASN E 64 7.14 24.63 21.08
C ASN E 64 7.08 25.17 19.65
N MET E 65 6.08 26.01 19.39
CA MET E 65 5.85 26.56 18.07
C MET E 65 7.08 27.25 17.50
N TRP E 66 7.91 27.80 18.39
CA TRP E 66 9.05 28.60 17.99
C TRP E 66 10.24 27.76 17.55
N LYS E 67 10.33 26.54 18.06
CA LYS E 67 11.41 25.63 17.68
C LYS E 67 10.84 24.43 16.93
N ASN E 68 9.80 24.67 16.13
CA ASN E 68 9.17 23.62 15.34
C ASN E 68 9.86 23.47 13.98
N ASP E 69 10.45 22.31 13.75
CA ASP E 69 11.21 22.08 12.52
C ASP E 69 10.32 21.83 11.32
N MET E 70 9.00 21.84 11.53
CA MET E 70 8.07 21.68 10.42
C MET E 70 8.13 22.93 9.57
N VAL E 71 8.27 24.07 10.24
CA VAL E 71 8.35 25.37 9.59
C VAL E 71 9.51 25.45 8.60
N GLU E 72 10.70 25.12 9.07
CA GLU E 72 11.91 25.19 8.26
C GLU E 72 11.79 24.38 6.96
N GLN E 73 10.96 23.34 6.98
CA GLN E 73 10.71 22.56 5.78
C GLN E 73 9.76 23.29 4.84
N MET E 74 8.61 23.65 5.37
CA MET E 74 7.58 24.35 4.60
C MET E 74 8.17 25.61 3.97
N HIS E 75 9.02 26.30 4.73
CA HIS E 75 9.68 27.50 4.25
C HIS E 75 10.53 27.19 3.03
N GLU E 76 11.29 26.11 3.09
CA GLU E 76 12.17 25.74 1.99
C GLU E 76 11.40 25.29 0.76
N ASP E 77 10.24 24.69 0.98
CA ASP E 77 9.40 24.24 -0.12
C ASP E 77 8.87 25.44 -0.89
N ILE E 78 8.35 26.42 -0.17
CA ILE E 78 7.81 27.64 -0.78
C ILE E 78 8.92 28.44 -1.46
N ILE E 79 10.10 28.42 -0.85
CA ILE E 79 11.27 29.07 -1.45
C ILE E 79 11.58 28.44 -2.81
N SER E 80 11.54 27.11 -2.87
CA SER E 80 11.79 26.39 -4.10
C SER E 80 10.60 26.50 -5.06
N LEU E 81 9.46 26.91 -4.52
CA LEU E 81 8.27 27.12 -5.32
C LEU E 81 8.39 28.43 -6.11
N TRP E 82 8.93 29.45 -5.47
CA TRP E 82 9.11 30.75 -6.10
C TRP E 82 10.28 30.76 -7.08
N ASP E 83 11.33 30.03 -6.77
CA ASP E 83 12.54 30.03 -7.59
C ASP E 83 12.30 29.41 -8.96
N GLN E 84 11.15 28.77 -9.14
CA GLN E 84 10.83 28.09 -10.39
C GLN E 84 9.47 28.49 -10.96
N SER E 85 8.73 29.30 -10.20
CA SER E 85 7.43 29.79 -10.67
C SER E 85 7.49 31.27 -11.04
N LEU E 86 7.82 32.10 -10.06
CA LEU E 86 8.03 33.52 -10.30
C LEU E 86 9.45 33.79 -10.77
N LYS E 87 9.65 33.76 -12.09
CA LYS E 87 10.97 34.01 -12.67
C LYS E 87 11.22 35.50 -12.83
N PRO E 88 12.19 36.04 -12.07
CA PRO E 88 12.54 37.46 -12.19
C PRO E 88 13.39 37.71 -13.43
N CYS E 89 13.18 38.84 -14.09
CA CYS E 89 13.96 39.21 -15.27
C CYS E 89 15.41 39.42 -14.89
N VAL E 90 15.64 40.15 -13.81
CA VAL E 90 16.98 40.37 -13.30
C VAL E 90 17.06 39.98 -11.83
N LYS E 91 18.11 39.26 -11.48
CA LYS E 91 18.31 38.81 -10.11
C LYS E 91 19.64 39.35 -9.62
N LEU E 92 19.65 39.97 -8.45
CA LEU E 92 20.87 40.52 -7.87
C LEU E 92 21.14 39.90 -6.52
N THR E 93 22.10 38.97 -6.48
CA THR E 93 22.47 38.29 -5.23
C THR E 93 23.97 38.04 -5.14
N GLY E 94 24.55 38.39 -3.99
CA GLY E 94 25.97 38.17 -3.75
C GLY E 94 26.87 38.92 -4.70
N GLY E 95 26.53 40.18 -4.99
CA GLY E 95 27.30 40.99 -5.90
C GLY E 95 27.37 40.38 -7.29
N SER E 96 26.23 39.84 -7.73
CA SER E 96 26.15 39.14 -9.01
C SER E 96 24.88 39.54 -9.75
N VAL E 97 24.93 39.51 -11.08
CA VAL E 97 23.77 39.86 -11.89
C VAL E 97 23.36 38.70 -12.79
N ILE E 98 22.08 38.35 -12.74
CA ILE E 98 21.56 37.23 -13.51
C ILE E 98 20.37 37.66 -14.35
N THR E 99 20.47 37.48 -15.66
CA THR E 99 19.39 37.84 -16.57
C THR E 99 18.79 36.60 -17.19
N GLN E 100 17.47 36.49 -17.12
CA GLN E 100 16.76 35.33 -17.64
C GLN E 100 15.34 35.69 -18.00
N ALA E 101 14.68 34.82 -18.75
CA ALA E 101 13.29 35.02 -19.15
C ALA E 101 12.42 35.20 -17.92
N CYS E 102 11.43 36.09 -18.02
CA CYS E 102 10.53 36.36 -16.91
C CYS E 102 9.07 36.38 -17.35
N PRO E 103 8.59 35.25 -17.88
CA PRO E 103 7.23 35.18 -18.41
C PRO E 103 6.18 35.38 -17.33
N LYS E 104 5.10 36.08 -17.66
CA LYS E 104 4.00 36.29 -16.72
C LYS E 104 3.26 34.98 -16.48
N VAL E 105 2.60 34.89 -15.33
CA VAL E 105 1.87 33.67 -14.99
C VAL E 105 0.87 33.91 -13.85
N SER E 106 -0.14 33.04 -13.77
CA SER E 106 -1.12 33.12 -12.71
C SER E 106 -0.48 32.76 -11.37
N PHE E 107 -0.98 33.34 -10.29
CA PHE E 107 -0.39 33.14 -8.98
C PHE E 107 -1.42 33.33 -7.87
N GLU E 108 -2.06 32.23 -7.47
CA GLU E 108 -3.01 32.24 -6.37
C GLU E 108 -2.72 31.10 -5.42
N PRO E 109 -2.53 31.43 -4.13
CA PRO E 109 -2.22 30.46 -3.07
C PRO E 109 -3.19 29.28 -3.04
N ILE E 110 -2.65 28.07 -2.89
CA ILE E 110 -3.45 26.87 -2.86
C ILE E 110 -3.22 26.09 -1.58
N PRO E 111 -4.31 25.71 -0.89
CA PRO E 111 -4.23 24.97 0.37
C PRO E 111 -3.36 23.72 0.25
N ILE E 112 -2.33 23.64 1.09
CA ILE E 112 -1.40 22.52 1.08
C ILE E 112 -1.27 21.88 2.45
N HIS E 113 -1.48 20.56 2.51
CA HIS E 113 -1.40 19.81 3.75
C HIS E 113 -0.04 19.16 3.92
N TYR E 114 0.46 19.13 5.15
CA TYR E 114 1.72 18.47 5.45
C TYR E 114 1.50 17.18 6.25
N CYS E 115 2.03 16.07 5.74
CA CYS E 115 1.79 14.77 6.35
C CYS E 115 3.07 14.13 6.84
N ALA E 116 2.94 13.21 7.79
CA ALA E 116 4.09 12.45 8.28
C ALA E 116 4.21 11.14 7.53
N PRO E 117 5.46 10.69 7.29
CA PRO E 117 5.76 9.47 6.52
C PRO E 117 5.31 8.19 7.24
N ALA E 118 6.03 7.11 6.99
CA ALA E 118 5.71 5.82 7.61
C ALA E 118 6.38 5.69 8.97
N GLY E 119 5.57 5.42 9.99
CA GLY E 119 6.08 5.25 11.34
C GLY E 119 6.10 6.55 12.11
N PHE E 120 5.53 7.60 11.51
CA PHE E 120 5.46 8.90 12.15
C PHE E 120 4.03 9.39 12.24
N ALA E 121 3.77 10.21 13.25
CA ALA E 121 2.47 10.84 13.41
C ALA E 121 2.65 12.34 13.64
N ILE E 122 1.55 13.05 13.79
CA ILE E 122 1.61 14.47 14.07
C ILE E 122 0.60 14.83 15.15
N LEU E 123 1.08 15.23 16.32
CA LEU E 123 0.21 15.63 17.41
C LEU E 123 -0.37 17.01 17.15
N LYS E 124 -1.55 17.27 17.70
CA LYS E 124 -2.25 18.52 17.49
C LYS E 124 -2.95 18.98 18.76
N CYS E 125 -2.48 20.08 19.34
CA CYS E 125 -3.11 20.63 20.53
C CYS E 125 -4.47 21.22 20.19
N ASN E 126 -5.53 20.61 20.73
CA ASN E 126 -6.89 21.06 20.44
C ASN E 126 -7.40 22.06 21.48
N ASN E 127 -6.52 22.49 22.37
CA ASN E 127 -6.86 23.55 23.31
C ASN E 127 -7.21 24.83 22.54
N LYS E 128 -8.42 25.33 22.74
CA LYS E 128 -8.93 26.47 21.99
C LYS E 128 -8.07 27.73 22.16
N THR E 129 -7.46 27.88 23.33
CA THR E 129 -6.59 29.02 23.59
C THR E 129 -5.19 28.53 23.97
N PHE E 130 -4.38 28.24 22.96
CA PHE E 130 -3.02 27.75 23.20
C PHE E 130 -1.98 28.78 22.77
N ASN E 131 -1.02 29.03 23.66
CA ASN E 131 0.03 30.02 23.42
C ASN E 131 1.18 29.46 22.60
N GLY E 132 1.08 28.19 22.21
CA GLY E 132 2.06 27.58 21.34
C GLY E 132 3.21 26.92 22.06
N THR E 133 3.36 27.20 23.35
CA THR E 133 4.46 26.64 24.13
C THR E 133 4.00 26.03 25.45
N GLY E 134 4.72 25.03 25.92
CA GLY E 134 4.42 24.40 27.19
C GLY E 134 3.51 23.18 27.08
N PRO E 135 2.84 22.83 28.18
CA PRO E 135 1.96 21.66 28.27
C PRO E 135 0.67 21.83 27.48
N CYS E 136 0.15 20.72 26.95
CA CYS E 136 -1.14 20.72 26.25
C CYS E 136 -2.07 19.68 26.86
N THR E 137 -3.14 20.15 27.49
CA THR E 137 -4.08 19.28 28.20
C THR E 137 -4.94 18.44 27.26
N ASN E 138 -5.23 18.98 26.08
CA ASN E 138 -6.07 18.29 25.11
C ASN E 138 -5.38 18.11 23.77
N VAL E 139 -4.85 16.92 23.53
CA VAL E 139 -4.18 16.63 22.27
C VAL E 139 -5.03 15.74 21.37
N SER E 140 -4.46 15.37 20.23
CA SER E 140 -5.08 14.42 19.30
C SER E 140 -4.06 14.05 18.23
N THR E 141 -4.42 13.12 17.36
CA THR E 141 -3.47 12.60 16.38
C THR E 141 -4.00 12.61 14.95
N VAL E 142 -3.44 13.50 14.13
CA VAL E 142 -3.82 13.58 12.73
C VAL E 142 -2.74 13.01 11.83
N GLN E 143 -3.13 12.55 10.65
CA GLN E 143 -2.17 12.07 9.66
C GLN E 143 -1.56 13.25 8.92
N CYS E 144 -2.40 14.22 8.58
CA CYS E 144 -1.97 15.41 7.84
C CYS E 144 -2.55 16.69 8.44
N THR E 145 -1.76 17.76 8.40
CA THR E 145 -2.21 19.06 8.87
C THR E 145 -3.27 19.64 7.93
N HIS E 146 -3.98 20.67 8.38
CA HIS E 146 -5.02 21.28 7.55
C HIS E 146 -4.44 21.95 6.32
N GLY E 147 -5.31 22.36 5.41
CA GLY E 147 -4.90 23.03 4.19
C GLY E 147 -4.33 24.41 4.44
N ILE E 148 -3.01 24.52 4.36
CA ILE E 148 -2.33 25.79 4.61
C ILE E 148 -1.95 26.49 3.31
N ARG E 149 -2.33 27.76 3.20
CA ARG E 149 -1.95 28.57 2.05
C ARG E 149 -0.61 29.26 2.28
N PRO E 150 0.31 29.11 1.33
CA PRO E 150 1.66 29.71 1.34
C PRO E 150 1.62 31.20 1.04
N VAL E 151 0.99 31.99 1.90
CA VAL E 151 0.84 33.42 1.65
C VAL E 151 2.04 34.22 2.14
N VAL E 152 2.78 34.81 1.20
CA VAL E 152 3.94 35.63 1.50
C VAL E 152 3.55 37.10 1.57
N SER E 153 3.43 37.62 2.78
CA SER E 153 3.06 39.02 2.97
C SER E 153 3.66 39.58 4.25
N SER E 154 3.50 40.88 4.45
CA SER E 154 4.01 41.53 5.65
C SER E 154 2.90 42.26 6.39
N GLN E 155 3.10 42.47 7.69
CA GLN E 155 2.17 43.20 8.54
C GLN E 155 0.87 42.44 8.81
N LEU E 156 0.18 42.03 7.76
CA LEU E 156 -1.08 41.31 7.92
C LEU E 156 -1.03 39.93 7.29
N LEU E 157 -1.68 38.97 7.94
CA LEU E 157 -1.76 37.61 7.41
C LEU E 157 -3.06 37.44 6.64
N LEU E 158 -2.99 36.76 5.50
CA LEU E 158 -4.12 36.66 4.59
C LEU E 158 -4.55 35.21 4.35
N ASN E 159 -5.86 35.01 4.17
CA ASN E 159 -6.41 33.70 3.87
C ASN E 159 -5.91 32.61 4.82
N GLY E 160 -5.68 32.99 6.08
CA GLY E 160 -5.21 32.06 7.08
C GLY E 160 -6.35 31.43 7.85
N SER E 161 -6.04 30.90 9.03
CA SER E 161 -7.06 30.29 9.88
C SER E 161 -7.35 31.17 11.09
N LEU E 162 -8.60 31.14 11.54
CA LEU E 162 -9.04 32.00 12.64
C LEU E 162 -9.05 31.26 13.98
N ALA E 163 -9.03 32.02 15.07
CA ALA E 163 -9.10 31.45 16.40
C ALA E 163 -10.54 31.10 16.75
N GLU E 164 -10.74 29.95 17.39
CA GLU E 164 -12.08 29.45 17.69
C GLU E 164 -12.80 30.29 18.74
N GLU E 165 -12.07 30.70 19.78
CA GLU E 165 -12.67 31.47 20.86
C GLU E 165 -12.31 32.95 20.78
N GLU E 166 -11.31 33.38 21.55
CA GLU E 166 -10.91 34.78 21.57
C GLU E 166 -9.62 35.02 20.79
N VAL E 167 -9.16 36.27 20.80
CA VAL E 167 -7.93 36.64 20.11
C VAL E 167 -6.70 36.15 20.87
N VAL E 168 -5.76 35.55 20.16
CA VAL E 168 -4.56 34.98 20.79
C VAL E 168 -3.28 35.62 20.29
N ILE E 169 -2.48 36.14 21.22
CA ILE E 169 -1.19 36.73 20.90
C ILE E 169 -0.08 35.76 21.28
N ARG E 170 0.96 35.68 20.43
CA ARG E 170 2.03 34.72 20.64
C ARG E 170 3.40 35.34 20.41
N SER E 171 4.29 35.18 21.38
CA SER E 171 5.63 35.71 21.27
C SER E 171 6.65 34.74 21.87
N VAL E 172 7.82 34.65 21.25
CA VAL E 172 8.89 33.80 21.76
C VAL E 172 9.44 34.38 23.06
N ASN E 173 9.33 35.70 23.20
CA ASN E 173 9.74 36.38 24.43
C ASN E 173 9.01 37.72 24.55
N PHE E 174 7.94 37.74 25.34
CA PHE E 174 7.11 38.93 25.46
C PHE E 174 7.85 40.11 26.11
N THR E 175 8.98 39.83 26.74
CA THR E 175 9.80 40.87 27.34
C THR E 175 10.73 41.48 26.30
N ASP E 176 11.35 40.62 25.49
CA ASP E 176 12.23 41.06 24.42
C ASP E 176 11.42 41.78 23.34
N ASN E 177 11.59 43.09 23.25
CA ASN E 177 10.83 43.91 22.31
C ASN E 177 11.21 43.68 20.84
N ALA E 178 12.37 43.06 20.63
CA ALA E 178 12.84 42.77 19.29
C ALA E 178 12.10 41.59 18.65
N LYS E 179 11.37 40.84 19.47
CA LYS E 179 10.65 39.66 18.99
C LYS E 179 9.26 40.01 18.50
N THR E 180 8.84 39.35 17.42
CA THR E 180 7.54 39.63 16.80
C THR E 180 6.38 39.05 17.62
N ILE E 181 5.19 39.63 17.45
CA ILE E 181 4.00 39.17 18.14
C ILE E 181 2.94 38.70 17.15
N ILE E 182 2.89 37.38 16.92
CA ILE E 182 1.94 36.81 15.98
C ILE E 182 0.53 36.81 16.56
N VAL E 183 -0.28 37.76 16.11
CA VAL E 183 -1.65 37.89 16.60
C VAL E 183 -2.62 37.16 15.68
N GLN E 184 -3.61 36.50 16.28
CA GLN E 184 -4.62 35.75 15.53
C GLN E 184 -6.00 36.27 15.86
N LEU E 185 -6.81 36.53 14.84
CA LEU E 185 -8.14 37.10 15.04
C LEU E 185 -9.24 36.03 15.06
N ASN E 186 -10.30 36.30 15.81
CA ASN E 186 -11.42 35.36 15.92
C ASN E 186 -12.46 35.56 14.81
N THR E 187 -12.27 36.60 14.01
CA THR E 187 -13.16 36.89 12.88
C THR E 187 -12.39 37.55 11.75
N SER E 188 -12.70 37.18 10.51
CA SER E 188 -11.98 37.69 9.35
C SER E 188 -12.53 39.01 8.81
N VAL E 189 -11.63 39.96 8.55
CA VAL E 189 -12.00 41.23 7.96
C VAL E 189 -11.60 41.29 6.49
N GLU E 190 -12.56 41.62 5.63
CA GLU E 190 -12.31 41.65 4.20
C GLU E 190 -11.38 42.77 3.79
N ILE E 191 -10.70 42.58 2.67
CA ILE E 191 -9.84 43.60 2.09
C ILE E 191 -9.72 43.37 0.58
N ASN E 192 -10.37 44.24 -0.19
CA ASN E 192 -10.41 44.09 -1.64
C ASN E 192 -9.51 45.09 -2.33
N CYS E 193 -8.57 44.59 -3.13
CA CYS E 193 -7.61 45.45 -3.80
C CYS E 193 -7.76 45.42 -5.32
N THR E 194 -7.17 46.40 -5.98
CA THR E 194 -7.20 46.50 -7.43
C THR E 194 -5.89 47.08 -7.94
N GLY E 195 -5.60 46.85 -9.23
CA GLY E 195 -4.40 47.39 -9.83
C GLY E 195 -4.46 48.91 -9.98
N ALA E 196 -5.57 49.49 -9.55
CA ALA E 196 -5.76 50.93 -9.65
C ALA E 196 -5.06 51.69 -8.52
N GLY E 197 -4.38 50.95 -7.65
CA GLY E 197 -3.60 51.54 -6.58
C GLY E 197 -4.41 51.90 -5.35
N HIS E 198 -5.26 50.98 -4.91
CA HIS E 198 -6.04 51.17 -3.68
C HIS E 198 -6.60 49.86 -3.15
N CYS E 199 -6.81 49.80 -1.83
CA CYS E 199 -7.36 48.60 -1.19
C CYS E 199 -8.43 48.96 -0.15
N ASN E 200 -9.63 48.41 -0.34
CA ASN E 200 -10.78 48.77 0.49
C ASN E 200 -10.94 47.88 1.73
N ILE E 201 -11.16 48.53 2.87
CA ILE E 201 -11.42 47.82 4.12
C ILE E 201 -12.54 48.50 4.88
N ALA E 202 -13.45 47.72 5.45
CA ALA E 202 -14.54 48.27 6.25
C ALA E 202 -13.98 48.91 7.52
N ARG E 203 -14.15 50.23 7.64
CA ARG E 203 -13.62 50.96 8.78
C ARG E 203 -14.28 50.55 10.08
N ALA E 204 -15.57 50.21 10.01
CA ALA E 204 -16.33 49.80 11.19
C ALA E 204 -15.76 48.51 11.80
N LYS E 205 -15.51 47.52 10.96
CA LYS E 205 -14.93 46.25 11.39
C LYS E 205 -13.56 46.46 12.04
N TRP E 206 -12.69 47.20 11.35
CA TRP E 206 -11.32 47.40 11.81
C TRP E 206 -11.27 48.08 13.16
N ASN E 207 -12.27 48.90 13.46
CA ASN E 207 -12.37 49.55 14.76
C ASN E 207 -12.51 48.53 15.88
N ASN E 208 -13.52 47.68 15.78
CA ASN E 208 -13.75 46.64 16.77
C ASN E 208 -12.58 45.66 16.84
N THR E 209 -12.04 45.31 15.69
CA THR E 209 -10.94 44.35 15.61
C THR E 209 -9.72 44.83 16.39
N LEU E 210 -9.35 46.09 16.19
CA LEU E 210 -8.22 46.68 16.88
C LEU E 210 -8.50 46.76 18.39
N LYS E 211 -9.76 46.97 18.74
CA LYS E 211 -10.16 47.08 20.13
C LYS E 211 -9.94 45.75 20.86
N GLN E 212 -10.35 44.66 20.23
CA GLN E 212 -10.20 43.33 20.81
C GLN E 212 -8.72 42.97 20.93
N ILE E 213 -7.91 43.51 20.03
CA ILE E 213 -6.47 43.26 20.03
C ILE E 213 -5.81 43.96 21.21
N ALA E 214 -6.23 45.18 21.49
CA ALA E 214 -5.68 45.97 22.59
C ALA E 214 -6.01 45.35 23.94
N SER E 215 -6.99 44.44 23.95
CA SER E 215 -7.39 43.79 25.18
C SER E 215 -6.32 42.80 25.66
N LYS E 216 -5.92 41.90 24.77
CA LYS E 216 -4.92 40.89 25.11
C LYS E 216 -3.55 41.52 25.40
N LEU E 217 -3.17 42.50 24.62
CA LEU E 217 -1.91 43.20 24.83
C LEU E 217 -1.90 43.88 26.19
N ARG E 218 -3.01 44.50 26.55
CA ARG E 218 -3.14 45.17 27.83
C ARG E 218 -3.39 44.16 28.94
N GLU E 219 -3.52 42.89 28.57
CA GLU E 219 -3.69 41.82 29.54
C GLU E 219 -2.40 41.02 29.65
N GLN E 220 -1.33 41.56 29.08
CA GLN E 220 -0.03 40.90 29.09
C GLN E 220 1.03 41.76 29.76
N PHE E 221 0.79 43.06 29.83
CA PHE E 221 1.79 44.00 30.35
C PHE E 221 1.29 44.83 31.54
N GLY E 222 0.71 44.17 32.53
CA GLY E 222 0.37 44.83 33.78
C GLY E 222 -1.09 45.21 33.96
N ASN E 223 -1.89 45.01 32.92
CA ASN E 223 -3.32 45.33 32.98
C ASN E 223 -3.60 46.79 33.34
N ASN E 224 -2.80 47.70 32.80
CA ASN E 224 -2.95 49.12 33.09
C ASN E 224 -2.20 50.04 32.14
N LYS E 225 -1.64 49.45 31.08
CA LYS E 225 -0.85 50.20 30.11
C LYS E 225 -1.72 50.79 29.00
N THR E 226 -1.39 52.01 28.58
CA THR E 226 -2.06 52.65 27.44
C THR E 226 -1.51 52.08 26.15
N ILE E 227 -2.39 51.52 25.32
CA ILE E 227 -1.95 50.90 24.07
C ILE E 227 -2.15 51.81 22.86
N ILE E 228 -1.05 52.12 22.18
CA ILE E 228 -1.08 52.97 21.00
C ILE E 228 -0.58 52.21 19.78
N PHE E 229 -1.20 52.50 18.63
CA PHE E 229 -0.80 51.87 17.38
C PHE E 229 -0.32 52.91 16.38
N LYS E 230 0.99 53.14 16.35
CA LYS E 230 1.58 54.02 15.36
C LYS E 230 1.93 53.23 14.10
N GLN E 231 2.18 53.93 13.00
CA GLN E 231 2.54 53.30 11.74
C GLN E 231 3.91 52.64 11.82
N SER E 232 4.34 52.06 10.70
CA SER E 232 5.66 51.41 10.64
C SER E 232 6.77 52.39 11.04
N SER E 233 7.74 51.89 11.80
CA SER E 233 8.82 52.72 12.30
C SER E 233 9.87 53.03 11.24
N GLY E 234 9.87 52.24 10.17
CA GLY E 234 10.81 52.46 9.09
C GLY E 234 11.61 51.22 8.72
N GLY E 235 12.22 51.25 7.55
CA GLY E 235 12.99 50.14 7.04
C GLY E 235 12.75 49.94 5.56
N ASP E 236 12.99 48.73 5.07
CA ASP E 236 12.72 48.40 3.68
C ASP E 236 11.24 48.58 3.36
N PRO E 237 10.93 48.90 2.10
CA PRO E 237 9.55 49.10 1.64
C PRO E 237 8.65 47.91 1.95
N GLU E 238 9.24 46.72 2.03
CA GLU E 238 8.48 45.51 2.32
C GLU E 238 8.06 45.43 3.80
N ILE E 239 8.77 46.18 4.63
CA ILE E 239 8.53 46.18 6.08
C ILE E 239 7.66 47.35 6.51
N VAL E 240 7.80 48.46 5.80
CA VAL E 240 7.09 49.70 6.13
C VAL E 240 5.66 49.70 5.59
N THR E 241 5.47 49.04 4.46
CA THR E 241 4.16 48.95 3.84
C THR E 241 3.57 47.56 4.01
N HIS E 242 2.26 47.44 3.79
CA HIS E 242 1.63 46.13 3.76
C HIS E 242 1.96 45.45 2.45
N TRP E 243 3.10 44.79 2.41
CA TRP E 243 3.56 44.10 1.20
C TRP E 243 2.83 42.78 1.01
N PHE E 244 2.51 42.46 -0.24
CA PHE E 244 1.86 41.19 -0.56
C PHE E 244 1.80 40.91 -2.06
N ASN E 245 1.14 39.82 -2.41
CA ASN E 245 1.07 39.36 -3.80
C ASN E 245 -0.36 39.29 -4.31
N CYS E 246 -0.54 39.60 -5.60
CA CYS E 246 -1.86 39.56 -6.21
C CYS E 246 -1.75 39.60 -7.74
N GLY E 247 -1.91 38.43 -8.37
CA GLY E 247 -1.86 38.35 -9.82
C GLY E 247 -0.45 38.36 -10.37
N GLY E 248 0.51 37.95 -9.54
CA GLY E 248 1.90 37.94 -9.94
C GLY E 248 2.59 39.28 -9.71
N GLU E 249 1.79 40.27 -9.32
CA GLU E 249 2.31 41.61 -9.06
C GLU E 249 2.49 41.82 -7.56
N PHE E 250 3.49 42.62 -7.18
CA PHE E 250 3.80 42.85 -5.78
C PHE E 250 3.26 44.21 -5.32
N PHE E 251 2.25 44.16 -4.45
CA PHE E 251 1.59 45.36 -3.98
C PHE E 251 2.28 45.95 -2.76
N TYR E 252 2.31 47.28 -2.68
CA TYR E 252 2.82 47.99 -1.51
C TYR E 252 1.76 48.99 -1.06
N CYS E 253 1.29 48.86 0.19
CA CYS E 253 0.22 49.73 0.68
C CYS E 253 0.60 50.47 1.97
N ASN E 254 0.31 51.77 2.01
CA ASN E 254 0.52 52.57 3.20
C ASN E 254 -0.44 52.11 4.31
N SER E 255 0.12 51.80 5.48
CA SER E 255 -0.67 51.22 6.56
C SER E 255 -0.88 52.18 7.73
N THR E 256 -0.59 53.46 7.52
CA THR E 256 -0.74 54.44 8.58
C THR E 256 -2.21 54.63 8.96
N GLN E 257 -3.10 54.51 7.98
CA GLN E 257 -4.53 54.68 8.22
C GLN E 257 -5.08 53.57 9.11
N LEU E 258 -4.49 52.38 9.01
CA LEU E 258 -4.89 51.26 9.85
C LEU E 258 -4.28 51.39 11.24
N PHE E 259 -3.04 51.86 11.29
CA PHE E 259 -2.31 51.99 12.54
C PHE E 259 -2.02 53.45 12.89
N ASN E 260 -3.06 54.16 13.33
CA ASN E 260 -2.93 55.54 13.77
C ASN E 260 -3.96 55.78 14.87
N SER E 261 -4.16 54.76 15.70
CA SER E 261 -5.22 54.79 16.70
C SER E 261 -4.70 54.49 18.10
N THR E 262 -4.98 55.39 19.04
CA THR E 262 -4.68 55.16 20.45
C THR E 262 -5.93 54.64 21.13
N TRP E 263 -5.87 53.45 21.70
CA TRP E 263 -7.06 52.80 22.24
C TRP E 263 -7.41 53.22 23.67
N PHE E 264 -8.26 54.23 23.77
CA PHE E 264 -8.83 54.65 25.06
C PHE E 264 -10.19 55.30 24.89
N GLY E 278 -14.20 59.92 10.20
CA GLY E 278 -15.51 60.44 9.87
C GLY E 278 -15.97 59.89 8.53
N SER E 279 -15.24 58.91 8.01
CA SER E 279 -15.56 58.29 6.73
C SER E 279 -16.28 56.96 6.94
N ASP E 280 -16.55 56.27 5.83
CA ASP E 280 -17.28 55.00 5.89
C ASP E 280 -16.35 53.82 5.60
N THR E 281 -15.74 53.82 4.43
CA THR E 281 -14.82 52.75 4.04
C THR E 281 -13.40 53.27 3.88
N ILE E 282 -12.43 52.43 4.23
CA ILE E 282 -11.02 52.83 4.18
C ILE E 282 -10.36 52.51 2.84
N THR E 283 -9.82 53.53 2.20
CA THR E 283 -9.12 53.37 0.93
C THR E 283 -7.62 53.59 1.14
N LEU E 284 -6.83 52.54 0.88
CA LEU E 284 -5.40 52.59 1.12
C LEU E 284 -4.60 52.86 -0.15
N PRO E 285 -3.63 53.78 -0.07
CA PRO E 285 -2.75 54.12 -1.19
C PRO E 285 -1.79 52.97 -1.51
N CYS E 286 -1.88 52.42 -2.71
CA CYS E 286 -1.02 51.29 -3.08
C CYS E 286 -0.31 51.52 -4.41
N ARG E 287 0.70 50.70 -4.68
CA ARG E 287 1.44 50.79 -5.93
C ARG E 287 2.18 49.50 -6.25
N ILE E 288 2.25 49.17 -7.54
CA ILE E 288 2.96 47.99 -8.00
C ILE E 288 4.41 48.33 -8.31
N LYS E 289 5.34 47.52 -7.80
CA LYS E 289 6.76 47.73 -8.07
C LYS E 289 7.34 46.54 -8.81
N GLN E 290 8.37 46.80 -9.62
CA GLN E 290 9.07 45.74 -10.35
C GLN E 290 10.35 45.36 -9.65
N ILE E 291 11.03 46.35 -9.08
CA ILE E 291 12.27 46.12 -8.34
C ILE E 291 11.98 45.89 -6.86
N ILE E 292 11.93 44.62 -6.47
CA ILE E 292 11.58 44.28 -5.10
C ILE E 292 12.76 43.60 -4.40
N ASN E 293 12.67 43.52 -3.07
CA ASN E 293 13.64 42.80 -2.28
C ASN E 293 13.17 41.36 -2.06
N MET E 294 14.05 40.40 -2.34
CA MET E 294 13.71 39.00 -2.16
C MET E 294 13.50 38.68 -0.69
N TRP E 295 12.49 37.85 -0.41
CA TRP E 295 12.23 37.40 0.95
C TRP E 295 13.01 36.12 1.24
N GLN E 296 13.31 35.38 0.17
CA GLN E 296 14.03 34.12 0.28
C GLN E 296 15.39 34.33 0.94
N LYS E 297 16.17 35.22 0.36
CA LYS E 297 17.49 35.55 0.85
C LYS E 297 17.77 37.02 0.60
N VAL E 298 18.94 37.49 1.01
CA VAL E 298 19.31 38.88 0.79
C VAL E 298 19.65 39.09 -0.68
N GLY E 299 18.89 39.96 -1.33
CA GLY E 299 19.11 40.26 -2.73
C GLY E 299 17.92 40.92 -3.38
N LYS E 300 18.16 41.65 -4.46
CA LYS E 300 17.08 42.31 -5.17
C LYS E 300 16.72 41.59 -6.45
N ALA E 301 15.49 41.78 -6.91
CA ALA E 301 15.02 41.18 -8.15
C ALA E 301 14.09 42.15 -8.85
N MET E 302 14.08 42.11 -10.17
CA MET E 302 13.21 42.97 -10.96
C MET E 302 12.34 42.14 -11.89
N TYR E 303 11.04 42.42 -11.90
CA TYR E 303 10.12 41.68 -12.75
C TYR E 303 9.58 42.55 -13.89
N ALA E 304 8.80 41.92 -14.77
CA ALA E 304 8.26 42.61 -15.95
C ALA E 304 7.08 43.50 -15.58
N PRO E 305 6.72 44.42 -16.50
CA PRO E 305 5.62 45.36 -16.27
C PRO E 305 4.29 44.65 -16.09
N PRO E 306 3.27 45.38 -15.61
CA PRO E 306 1.90 44.87 -15.42
C PRO E 306 1.36 44.18 -16.67
N ILE E 307 0.39 43.28 -16.48
CA ILE E 307 -0.14 42.47 -17.56
C ILE E 307 -1.23 43.19 -18.36
N SER E 308 -2.47 42.77 -18.13
CA SER E 308 -3.61 43.30 -18.86
C SER E 308 -3.94 44.73 -18.42
N GLY E 309 -4.88 44.85 -17.49
CA GLY E 309 -5.29 46.15 -16.99
C GLY E 309 -6.18 46.05 -15.77
N GLN E 310 -6.53 44.82 -15.40
CA GLN E 310 -7.36 44.59 -14.21
C GLN E 310 -6.77 43.52 -13.30
N ILE E 311 -6.51 43.91 -12.05
CA ILE E 311 -5.97 43.00 -11.06
C ILE E 311 -6.82 43.07 -9.79
N ARG E 312 -7.66 42.06 -9.59
CA ARG E 312 -8.56 42.02 -8.44
C ARG E 312 -8.19 40.90 -7.49
N CYS E 313 -8.10 41.22 -6.19
CA CYS E 313 -7.78 40.21 -5.18
C CYS E 313 -8.46 40.51 -3.84
N SER E 314 -9.43 39.66 -3.48
CA SER E 314 -10.07 39.77 -2.18
C SER E 314 -9.41 38.82 -1.20
N SER E 315 -9.08 39.32 -0.02
CA SER E 315 -8.37 38.52 0.97
C SER E 315 -9.03 38.62 2.35
N ASN E 316 -8.86 37.57 3.15
CA ASN E 316 -9.32 37.58 4.52
C ASN E 316 -8.17 37.78 5.50
N ILE E 317 -8.20 38.90 6.22
CA ILE E 317 -7.17 39.18 7.21
C ILE E 317 -7.41 38.36 8.47
N THR E 318 -6.63 37.30 8.65
CA THR E 318 -6.80 36.42 9.79
C THR E 318 -5.87 36.79 10.94
N GLY E 319 -4.67 37.27 10.61
CA GLY E 319 -3.69 37.61 11.62
C GLY E 319 -2.94 38.90 11.36
N LEU E 320 -2.11 39.28 12.32
CA LEU E 320 -1.27 40.47 12.20
C LEU E 320 0.07 40.23 12.87
N LEU E 321 1.12 40.87 12.35
CA LEU E 321 2.44 40.79 12.96
C LEU E 321 2.82 42.16 13.51
N LEU E 322 3.16 42.21 14.79
CA LEU E 322 3.47 43.47 15.45
C LEU E 322 4.81 43.42 16.17
N THR E 323 5.36 44.59 16.46
CA THR E 323 6.58 44.70 17.24
C THR E 323 6.37 45.69 18.36
N ARG E 324 6.91 45.39 19.54
CA ARG E 324 6.73 46.27 20.69
C ARG E 324 7.86 47.29 20.76
N ASP E 325 7.53 48.50 21.20
CA ASP E 325 8.53 49.55 21.35
C ASP E 325 9.34 49.36 22.63
N GLY E 326 8.69 49.53 23.77
CA GLY E 326 9.34 49.39 25.06
C GLY E 326 10.35 50.49 25.32
N GLY E 327 11.27 50.24 26.24
CA GLY E 327 12.30 51.21 26.59
C GLY E 327 12.52 51.33 28.08
N ASN E 328 13.05 52.47 28.51
CA ASN E 328 13.29 52.71 29.93
C ASN E 328 12.49 53.91 30.44
N SER E 329 11.80 54.59 29.54
CA SER E 329 10.98 55.73 29.91
C SER E 329 9.50 55.43 29.66
N ASN E 330 9.19 54.17 29.38
CA ASN E 330 7.82 53.75 29.14
C ASN E 330 7.04 53.51 30.43
N ASN E 331 6.22 54.49 30.80
CA ASN E 331 5.38 54.36 31.99
C ASN E 331 3.90 54.45 31.64
N GLU E 332 3.19 53.34 31.85
CA GLU E 332 1.76 53.28 31.57
C GLU E 332 1.44 53.62 30.11
N SER E 333 2.28 53.13 29.20
CA SER E 333 2.09 53.37 27.78
C SER E 333 2.93 52.41 26.93
N GLU E 334 2.27 51.63 26.09
CA GLU E 334 2.94 50.69 25.19
C GLU E 334 2.53 50.93 23.74
N ILE E 335 3.52 51.05 22.86
CA ILE E 335 3.26 51.33 21.45
C ILE E 335 3.55 50.10 20.58
N PHE E 336 2.64 49.83 19.65
CA PHE E 336 2.76 48.68 18.76
C PHE E 336 2.65 49.08 17.30
N ARG E 337 3.61 48.62 16.50
CA ARG E 337 3.66 48.97 15.09
C ARG E 337 3.56 47.72 14.23
N PRO E 338 3.02 47.87 13.02
CA PRO E 338 2.96 46.76 12.06
C PRO E 338 4.36 46.31 11.67
N GLY E 339 4.63 45.01 11.82
CA GLY E 339 5.93 44.46 11.51
C GLY E 339 5.87 43.30 10.52
N GLY E 340 6.78 42.35 10.68
CA GLY E 340 6.84 41.21 9.78
C GLY E 340 8.14 41.17 9.00
N GLY E 341 8.21 40.28 8.01
CA GLY E 341 9.39 40.17 7.19
C GLY E 341 9.91 38.75 7.11
N ASP E 342 10.04 38.10 8.27
CA ASP E 342 10.46 36.71 8.33
C ASP E 342 9.28 35.81 8.02
N MET E 343 9.27 35.23 6.83
CA MET E 343 8.13 34.43 6.38
C MET E 343 7.90 33.21 7.27
N ARG E 344 8.92 32.82 8.02
CA ARG E 344 8.80 31.73 8.97
C ARG E 344 7.71 32.01 10.00
N ASP E 345 7.51 33.29 10.31
CA ASP E 345 6.46 33.69 11.23
C ASP E 345 5.09 33.41 10.64
N ASN E 346 4.99 33.54 9.32
CA ASN E 346 3.73 33.26 8.63
C ASN E 346 3.38 31.78 8.70
N TRP E 347 4.39 30.94 8.73
CA TRP E 347 4.17 29.51 8.85
C TRP E 347 3.89 29.16 10.30
N ARG E 348 4.64 29.78 11.21
CA ARG E 348 4.45 29.57 12.64
C ARG E 348 3.02 29.91 13.06
N SER E 349 2.40 30.84 12.34
CA SER E 349 1.06 31.29 12.69
C SER E 349 0.02 30.22 12.39
N GLU E 350 0.43 29.18 11.67
CA GLU E 350 -0.46 28.08 11.31
C GLU E 350 0.00 26.76 11.94
N LEU E 351 1.30 26.50 11.89
CA LEU E 351 1.87 25.27 12.41
C LEU E 351 2.21 25.37 13.89
N TYR E 352 1.53 26.27 14.60
CA TYR E 352 1.81 26.48 16.02
C TYR E 352 1.22 25.34 16.87
N LYS E 353 0.30 24.58 16.29
CA LYS E 353 -0.36 23.51 17.01
C LYS E 353 -0.04 22.15 16.38
N TYR E 354 1.18 22.02 15.88
CA TYR E 354 1.60 20.76 15.26
C TYR E 354 2.98 20.33 15.71
N LYS E 355 3.10 19.07 16.10
CA LYS E 355 4.36 18.51 16.59
C LYS E 355 4.59 17.13 15.99
N VAL E 356 5.53 17.03 15.07
CA VAL E 356 5.83 15.75 14.42
C VAL E 356 6.56 14.82 15.39
N VAL E 357 6.04 13.59 15.51
CA VAL E 357 6.55 12.63 16.49
C VAL E 357 6.82 11.28 15.83
N LYS E 358 7.70 10.48 16.47
CA LYS E 358 8.04 9.16 15.98
C LYS E 358 7.35 8.07 16.81
N ILE E 359 6.81 7.07 16.13
CA ILE E 359 6.14 5.97 16.80
C ILE E 359 7.05 4.76 16.99
N GLU E 360 7.21 4.33 18.24
CA GLU E 360 8.03 3.18 18.56
C GLU E 360 7.21 2.11 19.28
N PRO E 361 7.78 0.91 19.46
CA PRO E 361 7.10 -0.25 20.06
C PRO E 361 6.26 0.10 21.29
N LEU E 362 5.17 -0.62 21.48
CA LEU E 362 4.26 -0.37 22.60
C LEU E 362 4.81 -0.86 23.93
N GLY E 363 4.03 -0.68 24.99
CA GLY E 363 4.40 -1.14 26.31
C GLY E 363 3.20 -1.70 27.05
N VAL E 364 3.22 -1.61 28.37
CA VAL E 364 2.10 -2.05 29.20
C VAL E 364 1.56 -0.90 30.04
N ALA E 365 0.48 -1.16 30.77
CA ALA E 365 -0.16 -0.14 31.61
C ALA E 365 0.08 -0.40 33.09
N PRO E 366 0.23 0.68 33.87
CA PRO E 366 0.45 0.61 35.32
C PRO E 366 -0.73 -0.04 36.04
N THR E 367 -0.56 -0.32 37.34
CA THR E 367 -1.60 -0.96 38.13
C THR E 367 -2.37 0.05 38.98
N LYS F 2 34.98 45.78 28.59
CA LYS F 2 34.04 46.27 27.58
C LYS F 2 34.78 46.95 26.42
N LYS F 3 34.38 46.62 25.20
CA LYS F 3 34.97 47.23 24.01
C LYS F 3 34.64 48.73 23.97
N VAL F 4 35.64 49.54 23.64
CA VAL F 4 35.44 50.99 23.58
C VAL F 4 35.87 51.55 22.23
N VAL F 5 34.93 52.20 21.55
CA VAL F 5 35.20 52.80 20.25
C VAL F 5 35.04 54.32 20.30
N LEU F 6 36.11 55.04 19.95
CA LEU F 6 36.07 56.50 19.93
C LEU F 6 35.82 57.03 18.52
N GLY F 7 34.90 57.99 18.41
CA GLY F 7 34.52 58.51 17.11
C GLY F 7 34.58 60.02 17.02
N LYS F 8 34.54 60.52 15.79
CA LYS F 8 34.57 61.96 15.54
C LYS F 8 33.22 62.45 15.04
N LYS F 9 32.79 63.60 15.54
CA LYS F 9 31.53 64.21 15.11
C LYS F 9 31.53 64.45 13.61
N GLY F 10 30.38 64.24 12.98
CA GLY F 10 30.24 64.47 11.56
C GLY F 10 30.89 63.40 10.69
N ASP F 11 31.52 62.43 11.33
CA ASP F 11 32.22 61.36 10.62
C ASP F 11 31.31 60.15 10.43
N THR F 12 31.89 58.96 10.37
CA THR F 12 31.13 57.73 10.23
C THR F 12 31.84 56.56 10.92
N VAL F 13 31.16 55.97 11.89
CA VAL F 13 31.70 54.82 12.62
C VAL F 13 30.90 53.57 12.33
N GLU F 14 31.58 52.46 12.09
CA GLU F 14 30.93 51.19 11.81
C GLU F 14 31.19 50.20 12.94
N LEU F 15 30.19 50.01 13.81
CA LEU F 15 30.31 49.06 14.91
C LEU F 15 30.07 47.64 14.40
N THR F 16 31.00 46.74 14.69
CA THR F 16 30.92 45.38 14.17
C THR F 16 30.12 44.43 15.06
N CYS F 17 29.72 43.30 14.49
CA CYS F 17 28.96 42.28 15.20
C CYS F 17 29.08 40.96 14.45
N THR F 18 29.74 39.98 15.07
CA THR F 18 29.97 38.69 14.43
C THR F 18 29.24 37.56 15.14
N ALA F 19 28.89 36.53 14.38
CA ALA F 19 28.23 35.35 14.95
C ALA F 19 29.19 34.16 14.95
N SER F 20 28.70 33.02 15.42
CA SER F 20 29.50 31.81 15.45
C SER F 20 29.72 31.25 14.04
N GLN F 21 28.62 30.83 13.39
CA GLN F 21 28.71 30.30 12.03
C GLN F 21 28.43 31.38 10.99
N LYS F 22 28.98 31.20 9.80
CA LYS F 22 28.88 32.22 8.74
C LYS F 22 27.62 32.08 7.89
N LYS F 23 26.48 32.48 8.46
CA LYS F 23 25.22 32.50 7.73
C LYS F 23 24.30 33.58 8.31
N SER F 24 23.23 33.89 7.59
CA SER F 24 22.30 34.93 8.02
C SER F 24 21.36 34.43 9.12
N ILE F 25 21.45 35.06 10.29
CA ILE F 25 20.58 34.73 11.40
C ILE F 25 19.91 35.99 11.93
N GLN F 26 19.27 35.88 13.10
CA GLN F 26 18.60 37.02 13.70
C GLN F 26 19.59 37.89 14.46
N PHE F 27 19.35 39.21 14.43
CA PHE F 27 20.16 40.16 15.18
C PHE F 27 19.39 41.45 15.37
N HIS F 28 19.82 42.25 16.34
CA HIS F 28 19.18 43.54 16.60
C HIS F 28 20.09 44.43 17.43
N TRP F 29 20.16 45.70 17.07
CA TRP F 29 20.98 46.67 17.79
C TRP F 29 20.13 47.53 18.70
N LYS F 30 20.42 47.49 19.99
CA LYS F 30 19.72 48.32 20.98
C LYS F 30 20.72 49.23 21.67
N ASN F 31 20.20 50.17 22.46
CA ASN F 31 21.05 51.06 23.23
C ASN F 31 20.98 50.77 24.72
N SER F 32 21.47 51.70 25.53
CA SER F 32 21.49 51.54 26.98
C SER F 32 20.08 51.49 27.56
N ASN F 33 19.15 52.17 26.90
CA ASN F 33 17.76 52.21 27.35
C ASN F 33 16.90 51.15 26.69
N GLN F 34 17.55 50.13 26.13
CA GLN F 34 16.84 49.02 25.49
C GLN F 34 15.90 49.49 24.40
N ILE F 35 16.30 50.55 23.69
CA ILE F 35 15.51 51.10 22.59
C ILE F 35 15.97 50.50 21.26
N LYS F 36 15.01 50.07 20.47
CA LYS F 36 15.30 49.42 19.19
C LYS F 36 15.84 50.43 18.18
N ILE F 37 16.98 50.10 17.56
CA ILE F 37 17.59 50.96 16.56
C ILE F 37 17.52 50.34 15.16
N LEU F 38 18.21 49.21 14.99
CA LEU F 38 18.32 48.59 13.68
C LEU F 38 18.59 47.09 13.80
N GLY F 39 17.75 46.30 13.15
CA GLY F 39 17.92 44.86 13.11
C GLY F 39 17.40 44.31 11.80
N ASN F 40 17.22 43.00 11.72
CA ASN F 40 16.67 42.41 10.50
C ASN F 40 15.45 41.52 10.74
N GLN F 41 14.68 41.29 9.68
CA GLN F 41 13.59 40.34 9.72
C GLN F 41 13.74 39.34 8.58
N GLY F 42 14.77 38.51 8.70
CA GLY F 42 15.05 37.51 7.68
C GLY F 42 16.02 38.04 6.63
N SER F 43 15.46 38.62 5.57
CA SER F 43 16.27 39.16 4.49
C SER F 43 15.95 40.64 4.29
N PHE F 44 15.15 41.19 5.19
CA PHE F 44 14.80 42.61 5.15
C PHE F 44 15.48 43.35 6.30
N LEU F 45 15.41 44.68 6.24
CA LEU F 45 16.01 45.52 7.28
C LEU F 45 14.91 46.29 8.01
N THR F 46 15.11 46.52 9.31
CA THR F 46 14.14 47.28 10.10
C THR F 46 14.82 48.36 10.92
N LYS F 47 14.09 49.44 11.19
CA LYS F 47 14.61 50.54 11.98
C LYS F 47 13.65 50.92 13.10
N GLY F 48 14.17 51.02 14.31
CA GLY F 48 13.36 51.37 15.47
C GLY F 48 13.07 52.85 15.54
N PRO F 49 12.35 53.28 16.59
CA PRO F 49 11.91 54.65 16.79
C PRO F 49 13.03 55.58 17.26
N SER F 50 14.26 55.09 17.35
CA SER F 50 15.38 55.89 17.84
C SER F 50 15.63 57.12 16.99
N LYS F 51 16.44 58.04 17.50
CA LYS F 51 16.71 59.31 16.81
C LYS F 51 17.74 59.14 15.69
N LEU F 52 18.34 57.96 15.60
CA LEU F 52 19.32 57.65 14.56
C LEU F 52 18.64 57.05 13.34
N ASN F 53 17.32 56.94 13.39
CA ASN F 53 16.53 56.30 12.33
C ASN F 53 16.99 56.65 10.92
N ASP F 54 17.30 57.92 10.69
CA ASP F 54 17.66 58.40 9.36
C ASP F 54 19.15 58.26 9.05
N ARG F 55 19.97 58.09 10.09
CA ARG F 55 21.42 58.03 9.90
C ARG F 55 22.03 56.68 10.27
N ALA F 56 21.20 55.64 10.29
CA ALA F 56 21.67 54.29 10.61
C ALA F 56 21.38 53.31 9.49
N ASP F 57 22.33 52.43 9.19
CA ASP F 57 22.17 51.43 8.14
C ASP F 57 22.97 50.17 8.47
N SER F 58 23.18 49.32 7.47
CA SER F 58 23.98 48.11 7.65
C SER F 58 24.31 47.46 6.31
N ARG F 59 25.48 46.82 6.23
CA ARG F 59 25.86 46.07 5.04
C ARG F 59 25.16 44.72 5.06
N ARG F 60 24.09 44.59 4.29
CA ARG F 60 23.36 43.33 4.22
C ARG F 60 24.13 42.30 3.39
N SER F 61 25.08 42.79 2.59
CA SER F 61 25.94 41.91 1.81
C SER F 61 26.87 41.11 2.71
N LEU F 62 26.95 41.53 3.97
CA LEU F 62 27.79 40.86 4.95
C LEU F 62 26.97 40.05 5.95
N TRP F 63 25.65 40.07 5.80
CA TRP F 63 24.78 39.32 6.69
C TRP F 63 24.93 37.81 6.52
N ASP F 64 25.24 37.39 5.30
CA ASP F 64 25.41 35.97 5.02
C ASP F 64 26.77 35.47 5.47
N GLN F 65 27.51 36.35 6.14
CA GLN F 65 28.80 36.00 6.74
C GLN F 65 28.73 36.09 8.26
N GLY F 66 27.53 36.36 8.78
CA GLY F 66 27.34 36.55 10.20
C GLY F 66 27.71 37.94 10.66
N ASN F 67 28.26 38.74 9.75
CA ASN F 67 28.64 40.12 10.06
C ASN F 67 27.48 41.09 9.96
N PHE F 68 26.96 41.53 11.09
CA PHE F 68 25.83 42.45 11.13
C PHE F 68 26.24 43.79 11.75
N PRO F 69 26.99 44.60 11.01
CA PRO F 69 27.54 45.86 11.52
C PRO F 69 26.45 46.92 11.64
N LEU F 70 26.60 47.80 12.62
CA LEU F 70 25.76 48.99 12.71
C LEU F 70 26.56 50.18 12.24
N ILE F 71 26.20 50.70 11.07
CA ILE F 71 26.90 51.85 10.50
C ILE F 71 26.15 53.13 10.80
N ILE F 72 26.83 54.07 11.46
CA ILE F 72 26.23 55.35 11.81
C ILE F 72 26.94 56.49 11.08
N LYS F 73 26.24 57.13 10.16
CA LYS F 73 26.79 58.26 9.42
C LYS F 73 26.48 59.59 10.12
N ASN F 74 27.29 60.60 9.84
CA ASN F 74 27.14 61.92 10.43
C ASN F 74 26.97 61.87 11.95
N LEU F 75 28.09 61.75 12.66
CA LEU F 75 28.06 61.66 14.12
C LEU F 75 27.56 62.93 14.79
N LYS F 76 26.85 62.75 15.90
CA LYS F 76 26.40 63.85 16.73
C LYS F 76 26.80 63.57 18.18
N ILE F 77 26.55 64.53 19.06
CA ILE F 77 26.91 64.36 20.46
C ILE F 77 26.00 63.36 21.17
N GLU F 78 24.72 63.36 20.81
CA GLU F 78 23.74 62.49 21.44
C GLU F 78 23.94 61.02 21.10
N ASP F 79 24.77 60.77 20.08
CA ASP F 79 25.05 59.40 19.64
C ASP F 79 26.02 58.71 20.59
N SER F 80 26.47 59.44 21.61
CA SER F 80 27.40 58.89 22.59
C SER F 80 26.65 58.03 23.61
N ASP F 81 26.53 56.74 23.32
CA ASP F 81 25.76 55.83 24.15
C ASP F 81 26.37 54.43 24.13
N THR F 82 25.89 53.56 25.02
CA THR F 82 26.29 52.15 25.03
C THR F 82 25.36 51.34 24.15
N TYR F 83 25.92 50.69 23.13
CA TYR F 83 25.14 49.91 22.20
C TYR F 83 25.35 48.41 22.40
N ILE F 84 24.29 47.63 22.20
CA ILE F 84 24.36 46.19 22.40
C ILE F 84 23.80 45.43 21.21
N CYS F 85 24.54 44.42 20.77
CA CYS F 85 24.11 43.57 19.66
C CYS F 85 23.61 42.22 20.16
N GLU F 86 22.30 42.01 20.08
CA GLU F 86 21.70 40.76 20.53
C GLU F 86 21.59 39.77 19.37
N VAL F 87 22.27 38.64 19.50
CA VAL F 87 22.26 37.63 18.45
C VAL F 87 22.54 36.24 19.03
N GLU F 88 21.75 35.26 18.59
CA GLU F 88 21.87 33.87 19.04
C GLU F 88 22.20 33.73 20.53
N ASP F 89 21.41 34.38 21.38
CA ASP F 89 21.57 34.28 22.82
C ASP F 89 22.91 34.82 23.31
N GLN F 90 23.23 36.05 22.90
CA GLN F 90 24.43 36.72 23.38
C GLN F 90 24.23 38.22 23.32
N LYS F 91 25.09 38.95 24.01
CA LYS F 91 25.03 40.41 24.02
C LYS F 91 26.41 41.01 23.92
N GLU F 92 26.75 41.53 22.75
CA GLU F 92 28.02 42.23 22.56
C GLU F 92 27.86 43.71 22.87
N GLU F 93 28.38 44.12 24.03
CA GLU F 93 28.20 45.47 24.54
C GLU F 93 29.39 46.36 24.20
N VAL F 94 29.10 47.54 23.65
CA VAL F 94 30.16 48.46 23.21
C VAL F 94 29.88 49.92 23.56
N GLN F 95 30.85 50.57 24.20
CA GLN F 95 30.74 51.98 24.56
C GLN F 95 31.28 52.86 23.45
N LEU F 96 30.48 53.85 23.05
CA LEU F 96 30.89 54.79 22.01
C LEU F 96 30.89 56.23 22.53
N LEU F 97 31.88 57.00 22.09
CA LEU F 97 31.95 58.42 22.42
C LEU F 97 32.12 59.22 21.13
N VAL F 98 31.43 60.35 21.04
CA VAL F 98 31.56 61.21 19.87
C VAL F 98 32.03 62.61 20.27
N PHE F 99 33.30 62.90 19.98
CA PHE F 99 33.87 64.18 20.33
C PHE F 99 33.88 65.12 19.12
N GLY F 100 33.81 66.42 19.39
CA GLY F 100 33.87 67.43 18.36
C GLY F 100 34.78 68.56 18.78
N LEU F 101 35.42 69.21 17.82
CA LEU F 101 36.33 70.30 18.11
C LEU F 101 36.15 71.46 17.12
N THR F 102 35.90 72.64 17.67
CA THR F 102 35.77 73.85 16.87
C THR F 102 37.02 74.71 17.02
N ALA F 103 37.32 75.49 15.98
CA ALA F 103 38.52 76.33 15.99
C ALA F 103 38.21 77.79 15.74
N ASN F 104 38.47 78.63 16.74
CA ASN F 104 38.28 80.07 16.60
C ASN F 104 39.62 80.78 16.54
N SER F 105 39.74 81.76 15.65
CA SER F 105 40.98 82.52 15.52
C SER F 105 40.70 83.99 15.22
N ASP F 106 40.78 84.83 16.25
CA ASP F 106 40.50 86.24 16.12
C ASP F 106 41.79 87.06 16.06
N THR F 107 42.04 87.68 14.90
CA THR F 107 43.23 88.48 14.71
C THR F 107 42.89 89.95 14.48
N HIS F 108 43.21 90.80 15.45
CA HIS F 108 42.95 92.23 15.35
C HIS F 108 44.22 93.07 15.51
N LEU F 109 44.19 94.27 14.93
CA LEU F 109 45.37 95.15 14.88
C LEU F 109 45.91 95.49 16.27
N LEU F 110 47.21 95.79 16.32
CA LEU F 110 47.89 96.14 17.57
C LEU F 110 48.10 94.95 18.50
N GLN F 111 47.16 94.01 18.49
CA GLN F 111 47.21 92.89 19.41
C GLN F 111 47.79 91.63 18.74
N GLY F 112 47.31 91.34 17.53
CA GLY F 112 47.78 90.16 16.81
C GLY F 112 46.70 89.11 16.66
N GLN F 113 47.12 87.90 16.32
CA GLN F 113 46.19 86.79 16.05
C GLN F 113 46.03 85.90 17.28
N SER F 114 44.83 85.32 17.44
CA SER F 114 44.56 84.43 18.57
C SER F 114 44.16 83.03 18.11
N LEU F 115 43.81 82.18 19.07
CA LEU F 115 43.38 80.81 18.76
C LEU F 115 42.76 80.14 19.99
N THR F 116 41.51 79.70 19.85
CA THR F 116 40.78 79.11 20.97
C THR F 116 40.02 77.85 20.53
N LEU F 117 40.68 76.70 20.68
CA LEU F 117 40.06 75.43 20.33
C LEU F 117 39.13 74.97 21.44
N THR F 118 37.89 74.65 21.09
CA THR F 118 36.90 74.22 22.08
C THR F 118 36.58 72.74 21.91
N LEU F 119 36.47 72.03 23.02
CA LEU F 119 36.17 70.60 22.99
C LEU F 119 34.71 70.33 23.36
N GLU F 120 34.05 69.51 22.55
CA GLU F 120 32.64 69.21 22.77
C GLU F 120 32.47 67.74 23.12
N SER F 121 32.75 67.39 24.38
CA SER F 121 32.65 66.02 24.84
C SER F 121 31.26 65.71 25.40
N PRO F 122 30.89 64.42 25.46
CA PRO F 122 29.61 63.95 25.97
C PRO F 122 29.50 64.08 27.49
N PRO F 123 28.27 64.12 28.02
CA PRO F 123 28.01 64.23 29.46
C PRO F 123 28.60 63.07 30.25
N GLY F 124 29.56 63.38 31.13
CA GLY F 124 30.17 62.37 31.97
C GLY F 124 31.45 61.79 31.40
N SER F 125 32.45 62.64 31.21
CA SER F 125 33.76 62.22 30.71
C SER F 125 34.75 63.38 30.71
N SER F 126 36.02 63.06 30.97
CA SER F 126 37.07 64.08 30.99
C SER F 126 38.20 63.73 30.03
N PRO F 127 38.13 64.27 28.80
CA PRO F 127 39.15 64.07 27.76
C PRO F 127 40.44 64.82 28.06
N SER F 128 41.42 64.70 27.16
CA SER F 128 42.71 65.37 27.32
C SER F 128 43.28 65.77 25.96
N VAL F 129 43.34 67.07 25.71
CA VAL F 129 43.81 67.58 24.42
C VAL F 129 45.32 67.77 24.38
N GLN F 130 45.96 67.16 23.39
CA GLN F 130 47.40 67.26 23.20
C GLN F 130 47.71 67.73 21.78
N CYS F 131 47.69 69.04 21.57
CA CYS F 131 47.90 69.61 20.23
C CYS F 131 49.36 70.01 20.01
N ARG F 132 49.86 69.78 18.81
CA ARG F 132 51.26 70.07 18.49
C ARG F 132 51.40 71.08 17.35
N SER F 133 52.28 72.05 17.55
CA SER F 133 52.57 73.08 16.54
C SER F 133 53.22 72.48 15.31
N PRO F 134 52.98 73.09 14.14
CA PRO F 134 53.58 72.65 12.86
C PRO F 134 55.11 72.65 12.89
N ARG F 135 55.71 73.12 13.98
CA ARG F 135 57.16 73.10 14.13
C ARG F 135 57.60 72.36 15.38
N GLY F 136 56.80 71.39 15.80
CA GLY F 136 57.13 70.55 16.94
C GLY F 136 57.11 71.28 18.27
N LYS F 137 55.91 71.45 18.84
CA LYS F 137 55.76 72.12 20.12
C LYS F 137 54.47 71.70 20.81
N ASN F 138 54.55 70.64 21.61
CA ASN F 138 53.39 70.13 22.32
C ASN F 138 52.81 71.12 23.32
N ILE F 139 51.49 71.10 23.46
CA ILE F 139 50.82 71.91 24.47
C ILE F 139 49.69 71.11 25.13
N GLN F 140 49.62 71.20 26.46
CA GLN F 140 48.57 70.53 27.21
C GLN F 140 47.39 71.50 27.40
N GLY F 141 46.18 70.95 27.41
CA GLY F 141 44.99 71.76 27.60
C GLY F 141 43.80 70.93 28.06
N GLY F 142 42.98 71.52 28.91
CA GLY F 142 41.78 70.86 29.39
C GLY F 142 40.65 70.93 28.39
N LYS F 143 39.61 71.70 28.73
CA LYS F 143 38.47 71.86 27.84
C LYS F 143 38.85 72.63 26.58
N THR F 144 39.52 73.77 26.76
CA THR F 144 39.92 74.60 25.64
C THR F 144 41.43 74.88 25.68
N LEU F 145 42.02 75.08 24.51
CA LEU F 145 43.43 75.46 24.42
C LEU F 145 43.53 76.91 23.97
N SER F 146 44.50 77.63 24.54
CA SER F 146 44.66 79.05 24.27
C SER F 146 46.01 79.41 23.67
N VAL F 147 45.97 80.06 22.51
CA VAL F 147 47.18 80.61 21.90
C VAL F 147 47.02 82.12 21.76
N SER F 148 47.63 82.87 22.69
CA SER F 148 47.49 84.31 22.74
C SER F 148 48.01 84.99 21.48
N GLN F 149 49.22 84.63 21.07
CA GLN F 149 49.81 85.18 19.86
C GLN F 149 50.46 84.11 18.99
N LEU F 150 50.04 84.07 17.73
CA LEU F 150 50.63 83.14 16.77
C LEU F 150 51.90 83.73 16.17
N GLU F 151 52.58 82.94 15.35
CA GLU F 151 53.76 83.40 14.62
C GLU F 151 53.61 83.00 13.15
N LEU F 152 54.67 83.19 12.38
CA LEU F 152 54.64 82.86 10.96
C LEU F 152 54.89 81.37 10.74
N GLN F 153 55.53 80.73 11.71
CA GLN F 153 55.85 79.31 11.61
C GLN F 153 54.66 78.45 12.02
N ASP F 154 53.74 79.04 12.77
CA ASP F 154 52.55 78.33 13.23
C ASP F 154 51.50 78.26 12.12
N SER F 155 51.90 78.65 10.91
CA SER F 155 51.00 78.63 9.76
C SER F 155 51.25 77.40 8.89
N GLY F 156 50.44 76.37 9.10
CA GLY F 156 50.58 75.13 8.36
C GLY F 156 49.49 74.13 8.67
N THR F 157 49.84 73.10 9.43
CA THR F 157 48.90 72.05 9.78
C THR F 157 49.09 71.57 11.22
N TRP F 158 48.08 71.80 12.06
CA TRP F 158 48.14 71.40 13.45
C TRP F 158 47.48 70.04 13.66
N THR F 159 47.90 69.33 14.71
CA THR F 159 47.30 68.03 15.03
C THR F 159 46.94 67.96 16.52
N CYS F 160 45.65 68.01 16.80
CA CYS F 160 45.17 67.91 18.18
C CYS F 160 44.53 66.55 18.44
N THR F 161 45.12 65.80 19.37
CA THR F 161 44.63 64.47 19.68
C THR F 161 44.01 64.41 21.07
N VAL F 162 42.86 63.74 21.17
CA VAL F 162 42.15 63.60 22.43
C VAL F 162 42.37 62.21 23.03
N LEU F 163 42.60 62.16 24.33
CA LEU F 163 42.84 60.88 25.00
C LEU F 163 41.77 60.59 26.06
N GLN F 164 40.99 59.55 25.81
CA GLN F 164 39.94 59.12 26.72
C GLN F 164 39.95 57.60 26.86
N ASN F 165 39.88 57.13 28.11
CA ASN F 165 39.96 55.69 28.38
C ASN F 165 41.22 55.05 27.79
N GLN F 166 42.32 55.82 27.80
CA GLN F 166 43.61 55.32 27.35
C GLN F 166 43.65 55.02 25.85
N LYS F 167 42.76 55.66 25.09
CA LYS F 167 42.81 55.59 23.63
C LYS F 167 42.85 57.00 23.07
N LYS F 168 42.96 57.14 21.75
CA LYS F 168 43.10 58.46 21.15
C LYS F 168 42.31 58.66 19.86
N VAL F 169 41.99 59.91 19.57
CA VAL F 169 41.36 60.30 18.31
C VAL F 169 42.04 61.55 17.76
N GLU F 170 42.41 61.52 16.48
CA GLU F 170 43.26 62.56 15.90
C GLU F 170 42.50 63.58 15.03
N PHE F 171 42.81 64.85 15.22
CA PHE F 171 42.27 65.92 14.40
C PHE F 171 43.39 66.63 13.64
N LYS F 172 43.07 67.17 12.48
CA LYS F 172 44.03 67.96 11.71
C LYS F 172 43.41 69.28 11.25
N ILE F 173 44.07 70.39 11.61
CA ILE F 173 43.55 71.72 11.34
C ILE F 173 44.44 72.51 10.38
N ASP F 174 43.82 73.16 9.39
CA ASP F 174 44.56 73.97 8.43
C ASP F 174 44.61 75.42 8.89
N ILE F 175 45.66 75.78 9.61
CA ILE F 175 45.81 77.13 10.16
C ILE F 175 46.55 78.07 9.22
N VAL F 176 45.98 79.26 9.03
CA VAL F 176 46.58 80.27 8.18
C VAL F 176 46.91 81.51 9.01
N VAL F 177 48.15 82.00 8.87
CA VAL F 177 48.58 83.17 9.63
C VAL F 177 48.21 84.48 8.92
N LEU F 178 47.62 85.41 9.68
CA LEU F 178 47.23 86.70 9.15
C LEU F 178 48.15 87.80 9.64
N ALA F 179 48.56 87.69 10.91
CA ALA F 179 49.45 88.70 11.50
C ALA F 179 50.42 88.07 12.49
N PHE F 180 51.59 88.69 12.63
CA PHE F 180 52.62 88.22 13.54
C PHE F 180 53.54 89.37 13.95
N GLN F 181 53.72 89.55 15.26
CA GLN F 181 54.60 90.58 15.78
C GLN F 181 56.04 90.29 15.36
N LYS F 182 56.64 91.21 14.62
CA LYS F 182 58.01 91.03 14.15
C LYS F 182 59.00 91.06 15.32
N ALA F 183 60.04 90.25 15.24
CA ALA F 183 61.01 90.13 16.33
C ALA F 183 62.08 91.21 16.27
N SER F 184 63.33 90.81 16.53
CA SER F 184 64.45 91.75 16.54
C SER F 184 65.35 91.56 15.32
N ASP G 1 24.03 40.88 -18.50
CA ASP G 1 23.22 41.63 -19.44
C ASP G 1 22.94 40.82 -20.69
N ILE G 2 21.73 40.97 -21.22
CA ILE G 2 21.37 40.31 -22.47
C ILE G 2 21.98 41.09 -23.63
N GLN G 3 21.93 40.51 -24.83
CA GLN G 3 22.52 41.14 -26.00
C GLN G 3 21.48 41.40 -27.08
N MET G 4 21.55 42.59 -27.67
CA MET G 4 20.68 42.94 -28.79
C MET G 4 21.49 42.91 -30.07
N THR G 5 21.04 42.10 -31.03
CA THR G 5 21.75 41.96 -32.30
C THR G 5 20.79 42.15 -33.47
N GLN G 6 20.85 43.32 -34.10
CA GLN G 6 20.00 43.59 -35.26
C GLN G 6 20.79 43.56 -36.57
N SER G 7 20.18 43.01 -37.61
CA SER G 7 20.80 42.90 -38.92
C SER G 7 19.79 43.22 -40.01
N PRO G 8 20.27 43.73 -41.16
CA PRO G 8 21.67 44.04 -41.45
C PRO G 8 22.15 45.30 -40.74
N SER G 9 23.46 45.47 -40.65
CA SER G 9 24.04 46.64 -39.98
C SER G 9 24.09 47.87 -40.88
N SER G 10 23.80 47.65 -42.17
CA SER G 10 23.81 48.74 -43.14
C SER G 10 23.12 48.30 -44.43
N VAL G 11 22.04 48.99 -44.79
CA VAL G 11 21.29 48.67 -45.99
C VAL G 11 21.28 49.83 -46.99
N SER G 12 20.55 49.65 -48.08
CA SER G 12 20.46 50.67 -49.12
C SER G 12 19.28 50.39 -50.05
N ALA G 13 18.17 51.11 -49.83
CA ALA G 13 16.98 50.94 -50.64
C ALA G 13 16.47 52.28 -51.17
N SER G 14 15.71 52.24 -52.26
CA SER G 14 15.15 53.43 -52.85
C SER G 14 13.76 53.73 -52.27
N VAL G 15 13.28 54.95 -52.46
CA VAL G 15 11.96 55.34 -51.99
C VAL G 15 10.88 54.45 -52.60
N GLY G 16 10.10 53.80 -51.75
CA GLY G 16 9.06 52.91 -52.20
C GLY G 16 9.41 51.45 -51.96
N ASP G 17 10.72 51.17 -51.94
CA ASP G 17 11.21 49.82 -51.70
C ASP G 17 10.90 49.38 -50.27
N ARG G 18 10.42 48.16 -50.12
CA ARG G 18 10.10 47.62 -48.80
C ARG G 18 11.37 47.34 -48.01
N VAL G 19 11.38 47.73 -46.74
CA VAL G 19 12.55 47.58 -45.90
C VAL G 19 12.26 46.75 -44.65
N THR G 20 12.90 45.59 -44.56
CA THR G 20 12.73 44.72 -43.39
C THR G 20 14.05 44.53 -42.64
N ILE G 21 14.03 44.84 -41.35
CA ILE G 21 15.19 44.67 -40.50
C ILE G 21 14.81 43.98 -39.19
N THR G 22 15.58 42.95 -38.83
CA THR G 22 15.25 42.10 -37.69
C THR G 22 16.09 42.39 -36.46
N CYS G 23 15.58 42.05 -35.28
CA CYS G 23 16.28 42.25 -34.02
C CYS G 23 16.27 40.96 -33.20
N ARG G 24 17.45 40.47 -32.87
CA ARG G 24 17.57 39.21 -32.14
C ARG G 24 18.02 39.43 -30.70
N ALA G 25 17.46 38.65 -29.79
CA ALA G 25 17.81 38.75 -28.37
C ALA G 25 18.46 37.46 -27.87
N SER G 26 19.35 37.59 -26.90
CA SER G 26 20.04 36.44 -26.34
C SER G 26 19.10 35.55 -25.53
N GLN G 27 18.04 36.16 -24.98
CA GLN G 27 17.05 35.41 -24.21
C GLN G 27 15.63 35.94 -24.46
N ASP G 28 14.64 35.23 -23.94
CA ASP G 28 13.23 35.57 -24.20
C ASP G 28 12.80 36.82 -23.46
N ILE G 29 12.40 37.84 -24.23
CA ILE G 29 11.93 39.10 -23.66
C ILE G 29 10.47 39.37 -24.05
N SER G 30 9.74 38.30 -24.35
CA SER G 30 8.31 38.39 -24.69
C SER G 30 8.05 39.43 -25.77
N THR G 31 7.14 40.36 -25.49
CA THR G 31 6.79 41.41 -26.44
C THR G 31 7.24 42.79 -25.95
N TRP G 32 8.26 42.82 -25.12
CA TRP G 32 8.81 44.07 -24.60
C TRP G 32 9.97 44.54 -25.46
N LEU G 33 9.65 45.16 -26.59
CA LEU G 33 10.66 45.65 -27.52
C LEU G 33 10.19 46.98 -28.11
N ALA G 34 11.09 47.95 -28.18
CA ALA G 34 10.75 49.25 -28.75
C ALA G 34 11.67 49.59 -29.92
N TRP G 35 11.10 50.26 -30.93
CA TRP G 35 11.89 50.68 -32.09
C TRP G 35 12.05 52.20 -32.14
N TYR G 36 13.25 52.63 -32.54
CA TYR G 36 13.57 54.06 -32.54
C TYR G 36 14.08 54.57 -33.88
N GLN G 37 14.07 55.88 -34.04
CA GLN G 37 14.60 56.54 -35.22
C GLN G 37 15.43 57.74 -34.81
N GLN G 38 16.59 57.92 -35.44
CA GLN G 38 17.43 59.07 -35.14
C GLN G 38 18.18 59.59 -36.35
N LYS G 39 18.14 60.92 -36.51
CA LYS G 39 18.85 61.58 -37.60
C LYS G 39 19.98 62.42 -37.02
N PRO G 40 21.01 62.71 -37.84
CA PRO G 40 22.20 63.45 -37.41
C PRO G 40 21.86 64.76 -36.70
N GLY G 41 22.45 64.97 -35.52
CA GLY G 41 22.24 66.18 -34.77
C GLY G 41 20.95 66.19 -33.95
N LYS G 42 20.06 65.25 -34.25
CA LYS G 42 18.77 65.17 -33.57
C LYS G 42 18.74 64.06 -32.53
N ALA G 43 17.82 64.16 -31.58
CA ALA G 43 17.64 63.14 -30.56
C ALA G 43 16.79 62.00 -31.09
N PRO G 44 16.78 60.86 -30.38
CA PRO G 44 15.97 59.70 -30.79
C PRO G 44 14.47 60.00 -30.77
N LYS G 45 13.69 59.18 -31.47
CA LYS G 45 12.25 59.35 -31.53
C LYS G 45 11.57 57.99 -31.55
N LEU G 46 10.55 57.83 -30.70
CA LEU G 46 9.86 56.56 -30.56
C LEU G 46 8.91 56.26 -31.71
N LEU G 47 8.93 55.02 -32.19
CA LEU G 47 8.09 54.61 -33.31
C LEU G 47 7.08 53.53 -32.91
N ILE G 48 7.59 52.43 -32.39
CA ILE G 48 6.74 51.28 -32.05
C ILE G 48 7.10 50.70 -30.69
N TYR G 49 6.17 50.82 -29.74
CA TYR G 49 6.34 50.21 -28.43
C TYR G 49 5.52 48.93 -28.33
N ALA G 50 5.73 48.16 -27.28
CA ALA G 50 5.05 46.88 -27.09
C ALA G 50 5.31 45.93 -28.26
N ALA G 51 6.43 46.14 -28.94
CA ALA G 51 6.87 45.27 -30.02
C ALA G 51 5.86 45.13 -31.15
N SER G 52 4.90 46.06 -31.21
CA SER G 52 3.86 46.03 -32.23
C SER G 52 3.02 47.30 -32.24
N THR G 53 2.55 47.71 -31.06
CA THR G 53 1.67 48.86 -30.92
C THR G 53 2.29 50.13 -31.51
N LEU G 54 1.55 50.77 -32.40
CA LEU G 54 2.02 51.98 -33.07
C LEU G 54 2.03 53.16 -32.12
N GLN G 55 2.62 54.27 -32.56
CA GLN G 55 2.73 55.47 -31.73
C GLN G 55 1.94 56.63 -32.33
N SER G 56 1.56 57.59 -31.48
CA SER G 56 0.81 58.76 -31.92
C SER G 56 1.67 59.71 -32.76
N GLY G 57 1.34 59.81 -34.03
CA GLY G 57 2.08 60.66 -34.95
C GLY G 57 2.95 59.85 -35.89
N VAL G 58 2.88 58.53 -35.76
CA VAL G 58 3.66 57.63 -36.60
C VAL G 58 2.80 57.04 -37.72
N PRO G 59 3.31 57.12 -38.96
CA PRO G 59 2.62 56.63 -40.15
C PRO G 59 2.36 55.12 -40.09
N SER G 60 1.34 54.65 -40.80
CA SER G 60 0.98 53.24 -40.79
C SER G 60 1.96 52.40 -41.61
N ARG G 61 2.97 53.05 -42.17
CA ARG G 61 3.99 52.37 -42.97
C ARG G 61 5.05 51.75 -42.07
N PHE G 62 4.67 51.46 -40.82
CA PHE G 62 5.56 50.82 -39.87
C PHE G 62 4.81 49.75 -39.10
N SER G 63 5.39 48.56 -39.01
CA SER G 63 4.78 47.46 -38.27
C SER G 63 5.83 46.55 -37.63
N GLY G 64 5.67 46.31 -36.33
CA GLY G 64 6.59 45.46 -35.61
C GLY G 64 5.97 44.11 -35.30
N SER G 65 6.66 43.04 -35.66
CA SER G 65 6.18 41.69 -35.42
C SER G 65 7.21 40.82 -34.71
N GLY G 66 6.74 39.90 -33.89
CA GLY G 66 7.62 39.00 -33.16
C GLY G 66 7.30 38.95 -31.68
N SER G 67 7.70 37.86 -31.03
CA SER G 67 7.46 37.67 -29.60
C SER G 67 8.38 36.59 -29.06
N GLY G 68 9.58 36.98 -28.65
CA GLY G 68 10.54 36.05 -28.10
C GLY G 68 11.96 36.55 -28.26
N THR G 69 12.68 36.01 -29.23
CA THR G 69 14.04 36.46 -29.53
C THR G 69 14.13 36.94 -30.97
N ASP G 70 13.02 36.85 -31.70
CA ASP G 70 12.97 37.27 -33.10
C ASP G 70 11.91 38.35 -33.33
N PHE G 71 12.37 39.56 -33.64
CA PHE G 71 11.47 40.66 -33.95
C PHE G 71 11.87 41.29 -35.28
N SER G 72 11.03 42.18 -35.80
CA SER G 72 11.32 42.81 -37.08
C SER G 72 10.58 44.14 -37.26
N LEU G 73 11.14 45.00 -38.11
CA LEU G 73 10.52 46.29 -38.44
C LEU G 73 10.40 46.46 -39.94
N THR G 74 9.22 46.12 -40.47
CA THR G 74 8.99 46.21 -41.90
C THR G 74 8.46 47.59 -42.29
N ILE G 75 8.91 48.08 -43.44
CA ILE G 75 8.43 49.35 -43.98
C ILE G 75 7.87 49.14 -45.37
N ASN G 76 6.54 49.07 -45.47
CA ASN G 76 5.86 48.82 -46.73
C ASN G 76 6.39 49.71 -47.84
N SER G 77 6.11 51.01 -47.73
CA SER G 77 6.58 51.98 -48.72
C SER G 77 7.56 52.96 -48.08
N LEU G 78 8.83 52.86 -48.46
CA LEU G 78 9.87 53.71 -47.89
C LEU G 78 9.69 55.17 -48.31
N GLN G 79 9.92 56.08 -47.37
CA GLN G 79 9.76 57.51 -47.62
C GLN G 79 11.08 58.25 -47.52
N PRO G 80 11.18 59.43 -48.14
CA PRO G 80 12.37 60.27 -48.08
C PRO G 80 12.68 60.71 -46.64
N GLU G 81 11.64 60.85 -45.83
CA GLU G 81 11.81 61.24 -44.44
C GLU G 81 12.28 60.07 -43.58
N ASP G 82 12.33 58.89 -44.18
CA ASP G 82 12.66 57.67 -43.46
C ASP G 82 14.03 57.12 -43.84
N PHE G 83 14.99 58.01 -44.10
CA PHE G 83 16.35 57.60 -44.42
C PHE G 83 17.31 57.93 -43.30
N ALA G 84 17.08 57.33 -42.13
CA ALA G 84 17.90 57.58 -40.97
C ALA G 84 18.39 56.27 -40.34
N THR G 85 18.85 56.36 -39.09
CA THR G 85 19.32 55.19 -38.37
C THR G 85 18.25 54.71 -37.39
N TYR G 86 18.13 53.39 -37.26
CA TYR G 86 17.07 52.79 -36.45
C TYR G 86 17.62 51.74 -35.47
N TYR G 87 17.27 51.88 -34.20
CA TYR G 87 17.73 50.95 -33.17
C TYR G 87 16.57 50.21 -32.51
N CYS G 88 16.82 48.98 -32.08
CA CYS G 88 15.85 48.22 -31.28
C CYS G 88 16.22 48.32 -29.81
N GLN G 89 15.28 47.97 -28.93
CA GLN G 89 15.53 48.10 -27.49
C GLN G 89 14.70 47.17 -26.62
N GLN G 90 15.38 46.51 -25.68
CA GLN G 90 14.73 45.71 -24.65
C GLN G 90 13.92 46.65 -23.76
N ALA G 91 12.81 46.16 -23.20
CA ALA G 91 11.91 47.03 -22.44
C ALA G 91 11.18 46.34 -21.29
N ASN G 92 11.64 45.16 -20.88
CA ASN G 92 11.00 44.42 -19.80
C ASN G 92 11.59 44.71 -18.43
N SER G 93 12.88 45.05 -18.40
CA SER G 93 13.58 45.32 -17.15
C SER G 93 14.79 46.21 -17.43
N PHE G 94 15.69 45.71 -18.28
CA PHE G 94 16.79 46.51 -18.79
C PHE G 94 16.37 47.06 -20.14
N PHE G 95 17.00 48.16 -20.55
CA PHE G 95 16.60 48.83 -21.78
C PHE G 95 17.77 48.96 -22.76
N THR G 96 18.45 47.84 -23.00
CA THR G 96 19.61 47.80 -23.89
C THR G 96 19.22 48.08 -25.33
N PHE G 97 20.03 48.89 -26.02
CA PHE G 97 19.78 49.22 -27.42
C PHE G 97 20.55 48.28 -28.34
N GLY G 98 20.13 48.21 -29.59
CA GLY G 98 20.76 47.33 -30.57
C GLY G 98 21.91 47.97 -31.29
N GLY G 99 22.39 47.31 -32.34
CA GLY G 99 23.54 47.78 -33.10
C GLY G 99 23.31 49.12 -33.77
N GLY G 100 22.68 49.11 -34.93
CA GLY G 100 22.40 50.34 -35.65
C GLY G 100 22.25 50.12 -37.14
N THR G 101 21.00 50.03 -37.59
CA THR G 101 20.70 49.88 -39.00
C THR G 101 20.61 51.24 -39.67
N LYS G 102 21.60 51.57 -40.49
CA LYS G 102 21.63 52.84 -41.19
C LYS G 102 21.11 52.69 -42.62
N VAL G 103 19.90 53.18 -42.85
CA VAL G 103 19.28 53.08 -44.16
C VAL G 103 19.65 54.28 -45.04
N GLU G 104 20.57 54.05 -45.99
CA GLU G 104 21.01 55.10 -46.89
C GLU G 104 20.48 54.89 -48.30
N ILE G 105 20.32 55.99 -49.04
CA ILE G 105 19.73 55.97 -50.37
C ILE G 105 20.63 55.25 -51.39
N LYS G 106 20.02 54.35 -52.17
CA LYS G 106 20.76 53.60 -53.18
C LYS G 106 20.62 54.23 -54.56
N ARG G 107 21.67 54.92 -55.00
CA ARG G 107 21.71 55.51 -56.33
C ARG G 107 22.69 54.79 -57.23
N THR G 108 22.95 55.36 -58.41
CA THR G 108 23.89 54.78 -59.36
C THR G 108 25.32 55.16 -59.02
N VAL G 109 26.27 54.70 -59.83
CA VAL G 109 27.69 54.98 -59.62
C VAL G 109 28.01 56.44 -59.90
N ALA G 110 28.86 57.02 -59.06
CA ALA G 110 29.30 58.41 -59.24
C ALA G 110 30.81 58.52 -59.09
N ALA G 111 31.42 59.40 -59.89
CA ALA G 111 32.85 59.61 -59.85
C ALA G 111 33.21 60.80 -58.98
N PRO G 112 34.20 60.63 -58.09
CA PRO G 112 34.66 61.66 -57.16
C PRO G 112 35.40 62.80 -57.86
N SER G 113 35.50 63.95 -57.20
CA SER G 113 36.23 65.09 -57.73
C SER G 113 37.46 65.35 -56.86
N VAL G 114 38.61 64.86 -57.31
CA VAL G 114 39.83 64.94 -56.51
C VAL G 114 40.50 66.31 -56.60
N PHE G 115 40.91 66.83 -55.44
CA PHE G 115 41.62 68.11 -55.37
C PHE G 115 42.74 68.06 -54.34
N ILE G 116 43.80 68.83 -54.58
CA ILE G 116 44.93 68.90 -53.64
C ILE G 116 45.11 70.33 -53.12
N PHE G 117 45.62 70.45 -51.90
CA PHE G 117 45.78 71.77 -51.27
C PHE G 117 47.02 71.86 -50.40
N PRO G 118 48.06 72.54 -50.90
CA PRO G 118 49.31 72.78 -50.17
C PRO G 118 49.06 73.61 -48.92
N PRO G 119 49.80 73.34 -47.84
CA PRO G 119 49.71 74.07 -46.57
C PRO G 119 49.94 75.56 -46.76
N SER G 120 49.10 76.38 -46.15
CA SER G 120 49.22 77.83 -46.27
C SER G 120 50.56 78.32 -45.71
N ASP G 121 50.98 79.50 -46.17
CA ASP G 121 52.23 80.10 -45.72
C ASP G 121 52.14 80.49 -44.25
N GLU G 122 50.91 80.70 -43.77
CA GLU G 122 50.67 81.08 -42.39
C GLU G 122 50.79 79.87 -41.46
N GLN G 123 50.78 78.68 -42.06
CA GLN G 123 50.88 77.44 -41.29
C GLN G 123 52.32 76.93 -41.27
N LEU G 124 53.23 77.71 -41.83
CA LEU G 124 54.65 77.35 -41.83
C LEU G 124 55.34 78.01 -40.63
N LYS G 125 54.73 79.07 -40.11
CA LYS G 125 55.21 79.71 -38.90
C LYS G 125 54.92 78.81 -37.70
N SER G 126 53.81 78.08 -37.76
CA SER G 126 53.42 77.20 -36.68
C SER G 126 54.31 75.95 -36.59
N GLY G 127 54.97 75.64 -37.70
CA GLY G 127 55.89 74.50 -37.73
C GLY G 127 55.20 73.17 -37.97
N THR G 128 53.96 73.23 -38.44
CA THR G 128 53.20 72.03 -38.75
C THR G 128 52.45 72.18 -40.07
N ALA G 129 53.10 71.77 -41.16
CA ALA G 129 52.50 71.86 -42.49
C ALA G 129 51.55 70.70 -42.74
N SER G 130 50.27 71.02 -42.96
CA SER G 130 49.27 70.00 -43.23
C SER G 130 48.69 70.10 -44.64
N VAL G 131 48.85 69.04 -45.42
CA VAL G 131 48.31 68.99 -46.77
C VAL G 131 46.92 68.37 -46.75
N VAL G 132 46.07 68.77 -47.70
CA VAL G 132 44.70 68.27 -47.74
C VAL G 132 44.31 67.72 -49.11
N CYS G 133 43.56 66.63 -49.11
CA CYS G 133 43.05 66.02 -50.34
C CYS G 133 41.53 65.86 -50.25
N LEU G 134 40.82 66.32 -51.27
CA LEU G 134 39.36 66.34 -51.23
C LEU G 134 38.72 65.52 -52.35
N LEU G 135 37.64 64.81 -52.02
CA LEU G 135 36.86 64.05 -52.99
C LEU G 135 35.39 64.40 -52.85
N ASN G 136 34.85 65.16 -53.80
CA ASN G 136 33.49 65.65 -53.69
C ASN G 136 32.49 64.91 -54.57
N ASN G 137 31.35 64.55 -53.99
CA ASN G 137 30.25 63.92 -54.71
C ASN G 137 30.60 62.59 -55.36
N PHE G 138 30.32 61.50 -54.67
CA PHE G 138 30.55 60.16 -55.20
C PHE G 138 29.60 59.13 -54.59
N TYR G 139 29.75 57.89 -55.03
CA TYR G 139 28.95 56.77 -54.53
C TYR G 139 29.48 55.48 -55.14
N PRO G 140 29.51 54.39 -54.35
CA PRO G 140 29.05 54.32 -52.96
C PRO G 140 29.93 55.05 -51.97
N ARG G 141 29.76 54.75 -50.69
CA ARG G 141 30.47 55.42 -49.62
C ARG G 141 31.93 54.95 -49.54
N GLU G 142 32.20 53.77 -50.11
CA GLU G 142 33.52 53.16 -50.02
C GLU G 142 34.49 53.75 -51.05
N ALA G 143 35.50 54.47 -50.55
CA ALA G 143 36.52 55.06 -51.42
C ALA G 143 37.87 55.14 -50.70
N LYS G 144 38.78 54.25 -51.07
CA LYS G 144 40.09 54.16 -50.42
C LYS G 144 41.08 55.19 -50.99
N VAL G 145 41.81 55.86 -50.09
CA VAL G 145 42.75 56.91 -50.49
C VAL G 145 44.09 56.76 -49.78
N GLN G 146 45.17 56.77 -50.57
CA GLN G 146 46.52 56.72 -50.02
C GLN G 146 47.29 57.99 -50.34
N TRP G 147 48.51 58.09 -49.84
CA TRP G 147 49.34 59.28 -50.04
C TRP G 147 50.73 58.93 -50.55
N LYS G 148 51.31 59.83 -51.33
CA LYS G 148 52.67 59.64 -51.85
C LYS G 148 53.51 60.91 -51.71
N VAL G 149 54.56 60.83 -50.90
CA VAL G 149 55.49 61.93 -50.74
C VAL G 149 56.85 61.55 -51.33
N ASP G 150 57.13 62.06 -52.53
CA ASP G 150 58.34 61.72 -53.26
C ASP G 150 58.41 60.22 -53.55
N ASN G 151 57.34 59.69 -54.15
CA ASN G 151 57.28 58.29 -54.53
C ASN G 151 57.26 57.32 -53.35
N ALA G 152 57.09 57.87 -52.15
CA ALA G 152 57.06 57.07 -50.94
C ALA G 152 55.64 56.95 -50.38
N LEU G 153 55.23 55.73 -50.03
CA LEU G 153 53.89 55.47 -49.54
C LEU G 153 53.76 55.80 -48.05
N GLN G 154 52.82 56.68 -47.71
CA GLN G 154 52.60 57.07 -46.33
C GLN G 154 51.55 56.18 -45.66
N SER G 155 51.71 55.95 -44.36
CA SER G 155 50.80 55.09 -43.62
C SER G 155 50.92 55.32 -42.11
N GLY G 156 50.18 56.30 -41.60
CA GLY G 156 50.18 56.58 -40.17
C GLY G 156 49.86 58.03 -39.82
N ASN G 157 50.31 58.95 -40.66
CA ASN G 157 50.12 60.38 -40.40
C ASN G 157 49.03 61.03 -41.24
N SER G 158 47.93 60.32 -41.45
CA SER G 158 46.83 60.85 -42.24
C SER G 158 45.47 60.31 -41.77
N GLN G 159 44.55 61.22 -41.50
CA GLN G 159 43.20 60.85 -41.10
C GLN G 159 42.21 61.24 -42.18
N GLU G 160 40.92 61.02 -41.94
CA GLU G 160 39.89 61.39 -42.91
C GLU G 160 38.48 61.30 -42.32
N SER G 161 37.60 62.18 -42.79
CA SER G 161 36.21 62.18 -42.34
C SER G 161 35.25 62.18 -43.53
N VAL G 162 33.98 61.85 -43.26
CA VAL G 162 32.98 61.76 -44.31
C VAL G 162 31.68 62.47 -43.94
N THR G 163 31.22 63.35 -44.81
CA THR G 163 29.94 64.04 -44.59
C THR G 163 28.78 63.07 -44.79
N GLU G 164 27.71 63.27 -44.04
CA GLU G 164 26.54 62.42 -44.16
C GLU G 164 25.96 62.54 -45.57
N GLN G 165 25.24 61.51 -46.00
CA GLN G 165 24.67 61.46 -47.34
C GLN G 165 23.93 62.76 -47.67
N ASP G 166 24.28 63.37 -48.78
CA ASP G 166 23.66 64.62 -49.20
C ASP G 166 22.18 64.42 -49.50
N SER G 167 21.33 65.25 -48.90
CA SER G 167 19.89 65.08 -48.97
C SER G 167 19.27 65.55 -50.29
N LYS G 168 20.07 65.60 -51.35
CA LYS G 168 19.59 66.01 -52.66
C LYS G 168 20.20 65.18 -53.78
N ASP G 169 21.51 65.30 -53.96
CA ASP G 169 22.21 64.55 -55.00
C ASP G 169 22.60 63.15 -54.54
N SER G 170 22.33 62.85 -53.27
CA SER G 170 22.54 61.51 -52.72
C SER G 170 24.00 61.04 -52.80
N THR G 171 24.93 61.94 -52.50
CA THR G 171 26.35 61.62 -52.58
C THR G 171 27.10 61.97 -51.30
N TYR G 172 28.13 61.19 -51.00
CA TYR G 172 28.99 61.45 -49.84
C TYR G 172 30.18 62.30 -50.24
N SER G 173 31.05 62.59 -49.27
CA SER G 173 32.27 63.34 -49.52
C SER G 173 33.31 63.00 -48.46
N LEU G 174 34.59 63.09 -48.85
CA LEU G 174 35.69 62.74 -47.94
C LEU G 174 36.79 63.81 -47.98
N SER G 175 37.56 63.91 -46.89
CA SER G 175 38.67 64.85 -46.82
C SER G 175 39.83 64.31 -46.01
N SER G 176 40.87 63.85 -46.69
CA SER G 176 42.06 63.30 -46.03
C SER G 176 43.07 64.41 -45.70
N THR G 177 43.77 64.25 -44.59
CA THR G 177 44.72 65.25 -44.13
C THR G 177 46.10 64.65 -43.83
N LEU G 178 47.11 65.13 -44.56
CA LEU G 178 48.48 64.67 -44.36
C LEU G 178 49.22 65.63 -43.41
N THR G 179 49.26 65.25 -42.13
CA THR G 179 49.90 66.09 -41.13
C THR G 179 51.41 65.86 -41.07
N LEU G 180 52.17 66.92 -41.28
CA LEU G 180 53.63 66.86 -41.23
C LEU G 180 54.20 68.03 -40.45
N SER G 181 55.49 67.97 -40.15
CA SER G 181 56.17 69.09 -39.51
C SER G 181 56.85 69.96 -40.56
N LYS G 182 57.13 71.21 -40.20
CA LYS G 182 57.80 72.12 -41.10
C LYS G 182 59.13 71.53 -41.59
N ALA G 183 59.77 70.78 -40.70
CA ALA G 183 61.04 70.14 -41.03
C ALA G 183 60.86 69.08 -42.11
N ASP G 184 59.94 68.14 -41.87
CA ASP G 184 59.68 67.06 -42.80
C ASP G 184 59.18 67.55 -44.15
N TYR G 185 58.47 68.68 -44.13
CA TYR G 185 57.87 69.23 -45.35
C TYR G 185 58.90 69.89 -46.27
N GLU G 186 59.80 70.67 -45.69
CA GLU G 186 60.80 71.39 -46.48
C GLU G 186 61.97 70.48 -46.88
N LYS G 187 61.79 69.18 -46.73
CA LYS G 187 62.79 68.21 -47.14
C LYS G 187 62.26 67.37 -48.31
N HIS G 188 61.12 67.78 -48.86
CA HIS G 188 60.50 67.09 -49.98
C HIS G 188 59.83 68.08 -50.93
N LYS G 189 59.37 67.58 -52.07
CA LYS G 189 58.77 68.44 -53.08
C LYS G 189 57.50 67.84 -53.70
N LEU G 190 57.53 66.54 -53.95
CA LEU G 190 56.39 65.86 -54.57
C LEU G 190 55.36 65.40 -53.56
N TYR G 191 54.10 65.78 -53.78
CA TYR G 191 53.01 65.40 -52.90
C TYR G 191 51.76 65.06 -53.71
N ALA G 192 51.22 63.86 -53.49
CA ALA G 192 50.06 63.39 -54.26
C ALA G 192 48.99 62.78 -53.35
N CYS G 193 47.90 62.33 -53.97
CA CYS G 193 46.83 61.63 -53.26
C CYS G 193 46.06 60.68 -54.19
N GLU G 194 46.51 59.44 -54.25
CA GLU G 194 45.88 58.44 -55.11
C GLU G 194 44.47 58.08 -54.62
N VAL G 195 43.58 57.82 -55.56
CA VAL G 195 42.19 57.50 -55.24
C VAL G 195 41.70 56.27 -55.99
N THR G 196 41.47 55.18 -55.26
CA THR G 196 40.94 53.96 -55.83
C THR G 196 39.46 53.81 -55.48
N HIS G 197 38.60 54.37 -56.32
CA HIS G 197 37.16 54.25 -56.13
C HIS G 197 36.62 53.06 -56.90
N GLN G 198 35.52 52.50 -56.44
CA GLN G 198 34.90 51.35 -57.09
C GLN G 198 34.01 51.81 -58.24
N GLY G 199 34.32 52.97 -58.78
CA GLY G 199 33.60 53.52 -59.92
C GLY G 199 34.56 54.23 -60.87
N LEU G 200 35.86 54.00 -60.67
CA LEU G 200 36.89 54.59 -61.51
C LEU G 200 37.76 53.51 -62.13
N SER G 201 37.96 53.61 -63.44
CA SER G 201 38.76 52.62 -64.16
C SER G 201 40.23 52.72 -63.81
N SER G 202 40.76 53.95 -63.78
CA SER G 202 42.16 54.19 -63.48
C SER G 202 42.33 54.97 -62.18
N PRO G 203 43.30 54.54 -61.34
CA PRO G 203 43.61 55.21 -60.08
C PRO G 203 43.91 56.70 -60.28
N VAL G 204 42.95 57.55 -59.91
CA VAL G 204 43.10 58.98 -60.10
C VAL G 204 44.19 59.57 -59.20
N THR G 205 45.05 60.40 -59.79
CA THR G 205 46.11 61.04 -59.04
C THR G 205 46.05 62.56 -59.20
N LYS G 206 46.35 63.28 -58.12
CA LYS G 206 46.34 64.74 -58.14
C LYS G 206 47.50 65.27 -57.31
N SER G 207 48.64 65.47 -57.97
CA SER G 207 49.86 65.87 -57.28
C SER G 207 50.31 67.29 -57.61
N PHE G 208 51.39 67.71 -56.96
CA PHE G 208 51.96 69.04 -57.19
C PHE G 208 53.39 69.10 -56.65
N ASN G 209 54.13 70.13 -57.04
CA ASN G 209 55.48 70.34 -56.54
C ASN G 209 55.58 71.53 -55.60
N ARG G 210 56.44 71.43 -54.59
CA ARG G 210 56.63 72.49 -53.62
C ARG G 210 57.56 73.56 -54.17
N GLY G 211 57.11 74.81 -54.13
CA GLY G 211 57.90 75.92 -54.65
C GLY G 211 57.56 76.24 -56.10
N GLU G 212 56.26 76.26 -56.39
CA GLU G 212 55.80 76.54 -57.75
C GLU G 212 54.35 77.00 -57.77
N GLU H 1 4.39 70.57 -23.70
CA GLU H 1 3.84 70.45 -22.35
C GLU H 1 4.81 69.73 -21.42
N VAL H 2 5.14 68.48 -21.77
CA VAL H 2 6.12 67.71 -21.02
C VAL H 2 7.52 67.98 -21.57
N GLN H 3 8.47 68.22 -20.67
CA GLN H 3 9.82 68.63 -21.08
C GLN H 3 10.88 68.22 -20.07
N LEU H 4 12.09 67.96 -20.56
CA LEU H 4 13.21 67.58 -19.71
C LEU H 4 14.43 68.46 -19.97
N VAL H 5 14.60 69.49 -19.14
CA VAL H 5 15.69 70.44 -19.30
C VAL H 5 16.94 70.00 -18.54
N GLN H 6 17.99 69.63 -19.27
CA GLN H 6 19.21 69.15 -18.65
C GLN H 6 20.18 70.29 -18.34
N SER H 7 21.44 69.94 -18.09
CA SER H 7 22.46 70.94 -17.78
C SER H 7 23.39 71.17 -18.95
N GLY H 8 24.21 72.23 -18.85
CA GLY H 8 25.12 72.59 -19.92
C GLY H 8 26.27 71.61 -20.08
N ALA H 9 26.99 71.72 -21.19
CA ALA H 9 28.10 70.82 -21.48
C ALA H 9 29.23 70.98 -20.47
N GLU H 10 30.12 69.99 -20.43
CA GLU H 10 31.23 70.00 -19.48
C GLU H 10 32.49 69.37 -20.03
N VAL H 11 33.61 69.63 -19.35
CA VAL H 11 34.90 69.07 -19.74
C VAL H 11 35.66 68.63 -18.48
N LYS H 12 35.99 67.34 -18.43
CA LYS H 12 36.68 66.79 -17.27
C LYS H 12 37.90 65.97 -17.69
N LYS H 13 38.92 65.97 -16.83
CA LYS H 13 40.14 65.22 -17.10
C LYS H 13 39.89 63.75 -16.84
N PRO H 14 40.64 62.87 -17.54
CA PRO H 14 40.49 61.42 -17.40
C PRO H 14 40.69 60.96 -15.95
N GLY H 15 39.81 60.10 -15.48
CA GLY H 15 39.88 59.59 -14.11
C GLY H 15 38.98 60.36 -13.16
N ALA H 16 38.68 61.61 -13.50
CA ALA H 16 37.88 62.47 -12.64
C ALA H 16 36.43 62.00 -12.54
N THR H 17 35.56 62.89 -12.08
CA THR H 17 34.15 62.57 -11.88
C THR H 17 33.26 63.73 -12.28
N VAL H 18 32.23 63.44 -13.08
CA VAL H 18 31.28 64.46 -13.51
C VAL H 18 29.89 64.16 -12.97
N LYS H 19 29.04 65.18 -12.91
CA LYS H 19 27.68 65.01 -12.42
C LYS H 19 26.70 65.93 -13.15
N ILE H 20 25.97 65.38 -14.12
CA ILE H 20 25.02 66.16 -14.89
C ILE H 20 23.61 66.06 -14.31
N SER H 21 22.82 67.11 -14.53
CA SER H 21 21.46 67.19 -13.97
C SER H 21 20.38 67.18 -15.05
N CYS H 22 19.13 67.00 -14.62
CA CYS H 22 18.02 66.91 -15.56
C CYS H 22 16.69 67.28 -14.89
N LYS H 23 16.26 68.53 -15.08
CA LYS H 23 14.99 69.02 -14.53
C LYS H 23 13.80 68.37 -15.24
N ALA H 24 12.73 68.12 -14.49
CA ALA H 24 11.53 67.52 -15.06
C ALA H 24 10.31 68.42 -14.88
N SER H 25 9.45 68.46 -15.90
CA SER H 25 8.25 69.28 -15.88
C SER H 25 7.14 68.72 -16.77
N GLY H 26 5.91 68.75 -16.28
CA GLY H 26 4.77 68.30 -17.06
C GLY H 26 4.10 67.07 -16.47
N TYR H 27 4.81 66.36 -15.61
CA TYR H 27 4.27 65.15 -14.99
C TYR H 27 4.71 65.03 -13.54
N THR H 28 4.06 64.13 -12.80
CA THR H 28 4.43 63.88 -11.41
C THR H 28 5.76 63.13 -11.38
N PHE H 29 6.80 63.82 -10.92
CA PHE H 29 8.17 63.31 -10.98
C PHE H 29 8.40 62.02 -10.20
N SER H 30 7.86 61.96 -8.98
CA SER H 30 8.13 60.83 -8.09
C SER H 30 7.32 59.58 -8.39
N ASP H 31 6.56 59.61 -9.48
CA ASP H 31 5.68 58.50 -9.83
C ASP H 31 6.14 57.73 -11.07
N PHE H 32 7.28 58.12 -11.63
CA PHE H 32 7.77 57.50 -12.86
C PHE H 32 9.25 57.19 -12.83
N TYR H 33 9.67 56.28 -13.70
CA TYR H 33 11.08 55.92 -13.85
C TYR H 33 11.79 56.95 -14.74
N MET H 34 12.93 57.45 -14.27
CA MET H 34 13.78 58.29 -15.11
C MET H 34 14.99 57.50 -15.57
N TYR H 35 15.17 57.42 -16.88
CA TYR H 35 16.25 56.64 -17.45
C TYR H 35 17.39 57.53 -17.92
N TRP H 36 18.52 56.93 -18.27
CA TRP H 36 19.68 57.66 -18.75
C TRP H 36 20.37 56.90 -19.86
N VAL H 37 20.57 57.58 -20.99
CA VAL H 37 21.25 56.99 -22.13
C VAL H 37 22.41 57.90 -22.50
N ARG H 38 23.37 57.37 -23.25
CA ARG H 38 24.43 58.19 -23.79
C ARG H 38 24.71 57.80 -25.23
N GLN H 39 25.54 58.58 -25.91
CA GLN H 39 25.87 58.29 -27.30
C GLN H 39 27.22 58.87 -27.69
N ALA H 40 28.17 57.99 -27.99
CA ALA H 40 29.48 58.39 -28.46
C ALA H 40 29.37 59.18 -29.76
N PRO H 41 30.46 59.83 -30.18
CA PRO H 41 30.46 60.57 -31.44
C PRO H 41 30.10 59.68 -32.63
N GLY H 42 28.87 59.80 -33.12
CA GLY H 42 28.43 59.07 -34.29
C GLY H 42 28.27 57.58 -34.08
N LYS H 43 28.47 57.13 -32.84
CA LYS H 43 28.37 55.71 -32.52
C LYS H 43 27.00 55.36 -31.93
N GLY H 44 26.74 54.06 -31.79
CA GLY H 44 25.43 53.57 -31.41
C GLY H 44 24.92 54.04 -30.05
N LEU H 45 23.61 53.90 -29.84
CA LEU H 45 23.00 54.25 -28.57
C LEU H 45 23.42 53.27 -27.48
N GLU H 46 23.54 53.78 -26.26
CA GLU H 46 23.95 52.96 -25.13
C GLU H 46 23.20 53.37 -23.87
N TRP H 47 22.44 52.42 -23.32
CA TRP H 47 21.69 52.64 -22.10
C TRP H 47 22.60 52.49 -20.88
N MET H 48 22.44 53.38 -19.91
CA MET H 48 23.30 53.39 -18.73
C MET H 48 22.61 52.90 -17.47
N GLY H 49 21.49 53.52 -17.11
CA GLY H 49 20.78 53.15 -15.91
C GLY H 49 19.33 53.56 -15.86
N LEU H 50 18.74 53.48 -14.65
CA LEU H 50 17.37 53.88 -14.42
C LEU H 50 17.13 54.08 -12.93
N ILE H 51 15.97 54.62 -12.58
CA ILE H 51 15.67 54.88 -11.17
C ILE H 51 14.19 55.14 -10.87
N ASP H 52 13.72 54.56 -9.77
CA ASP H 52 12.41 54.88 -9.22
C ASP H 52 12.63 55.83 -8.05
N PRO H 53 12.31 57.12 -8.26
CA PRO H 53 12.62 58.20 -7.31
C PRO H 53 12.07 57.96 -5.91
N GLU H 54 10.93 57.27 -5.82
CA GLU H 54 10.25 57.06 -4.55
C GLU H 54 11.12 56.35 -3.50
N ASP H 55 11.63 55.17 -3.86
CA ASP H 55 12.47 54.40 -2.94
C ASP H 55 13.92 54.30 -3.40
N ALA H 56 14.27 55.08 -4.43
CA ALA H 56 15.64 55.17 -4.92
C ALA H 56 16.17 53.87 -5.53
N ASP H 57 15.27 53.01 -6.00
CA ASP H 57 15.66 51.75 -6.62
C ASP H 57 16.40 51.98 -7.94
N THR H 58 17.71 51.78 -7.93
CA THR H 58 18.53 52.04 -9.11
C THR H 58 18.93 50.75 -9.83
N MET H 59 19.16 50.86 -11.14
CA MET H 59 19.54 49.71 -11.96
C MET H 59 20.48 50.14 -13.08
N TYR H 60 21.73 49.71 -13.01
CA TYR H 60 22.73 50.13 -14.00
C TYR H 60 23.10 49.00 -14.95
N ALA H 61 23.49 49.38 -16.17
CA ALA H 61 23.94 48.42 -17.16
C ALA H 61 25.29 47.86 -16.72
N GLU H 62 25.68 46.73 -17.32
CA GLU H 62 26.87 46.02 -16.90
C GLU H 62 28.15 46.84 -17.00
N LYS H 63 28.29 47.61 -18.07
CA LYS H 63 29.52 48.36 -18.34
C LYS H 63 29.82 49.41 -17.27
N PHE H 64 28.77 49.94 -16.64
CA PHE H 64 28.92 51.08 -15.75
C PHE H 64 28.73 50.77 -14.27
N ARG H 65 28.54 49.50 -13.95
CA ARG H 65 28.33 49.10 -12.56
C ARG H 65 29.52 49.47 -11.68
N GLY H 66 29.24 49.93 -10.47
CA GLY H 66 30.28 50.33 -9.53
C GLY H 66 31.13 51.44 -10.11
N ARG H 67 30.49 52.33 -10.84
CA ARG H 67 31.18 53.43 -11.50
C ARG H 67 30.23 54.60 -11.69
N VAL H 68 28.95 54.29 -11.86
CA VAL H 68 27.92 55.31 -12.07
C VAL H 68 26.92 55.31 -10.93
N THR H 69 26.38 56.49 -10.62
CA THR H 69 25.38 56.64 -9.56
C THR H 69 24.26 57.57 -9.99
N ILE H 70 23.08 57.01 -10.23
CA ILE H 70 21.92 57.80 -10.65
C ILE H 70 21.06 58.18 -9.47
N THR H 71 20.99 59.49 -9.17
CA THR H 71 20.16 59.98 -8.08
C THR H 71 18.95 60.73 -8.60
N ALA H 72 18.09 61.15 -7.68
CA ALA H 72 16.88 61.89 -8.05
C ALA H 72 16.31 62.64 -6.85
N ASP H 73 16.29 63.97 -6.94
CA ASP H 73 15.74 64.80 -5.89
C ASP H 73 14.24 64.99 -6.10
N THR H 74 13.45 64.34 -5.24
CA THR H 74 12.00 64.37 -5.37
C THR H 74 11.40 65.70 -4.90
N SER H 75 12.23 66.55 -4.33
CA SER H 75 11.77 67.85 -3.84
C SER H 75 11.88 68.92 -4.92
N THR H 76 12.93 68.84 -5.74
CA THR H 76 13.16 69.82 -6.79
C THR H 76 12.91 69.24 -8.18
N ASP H 77 12.45 68.00 -8.22
CA ASP H 77 12.15 67.31 -9.47
C ASP H 77 13.36 67.29 -10.41
N THR H 78 14.50 66.82 -9.90
CA THR H 78 15.73 66.81 -10.68
C THR H 78 16.49 65.49 -10.53
N GLY H 79 16.70 64.80 -11.64
CA GLY H 79 17.50 63.59 -11.65
C GLY H 79 18.93 63.88 -12.04
N TYR H 80 19.88 63.20 -11.40
CA TYR H 80 21.29 63.41 -11.67
C TYR H 80 21.97 62.14 -12.16
N LEU H 81 23.20 62.27 -12.62
CA LEU H 81 23.99 61.13 -13.06
C LEU H 81 25.47 61.35 -12.81
N GLU H 82 25.99 60.80 -11.72
CA GLU H 82 27.40 60.93 -11.40
C GLU H 82 28.20 59.77 -12.00
N LEU H 83 29.19 60.10 -12.81
CA LEU H 83 30.04 59.07 -13.42
C LEU H 83 31.48 59.21 -12.97
N SER H 84 31.96 58.19 -12.25
CA SER H 84 33.31 58.20 -11.70
C SER H 84 34.28 57.46 -12.61
N SER H 85 35.58 57.65 -12.38
CA SER H 85 36.63 56.99 -13.16
C SER H 85 36.42 57.19 -14.66
N LEU H 86 36.47 58.44 -15.10
CA LEU H 86 36.23 58.78 -16.49
C LEU H 86 37.34 58.28 -17.42
N ARG H 87 37.00 58.13 -18.70
CA ARG H 87 37.94 57.62 -19.69
C ARG H 87 37.74 58.31 -21.02
N SER H 88 38.72 58.18 -21.91
CA SER H 88 38.63 58.80 -23.23
C SER H 88 37.42 58.29 -24.01
N GLU H 89 37.07 57.02 -23.78
CA GLU H 89 35.95 56.39 -24.47
C GLU H 89 34.61 56.83 -23.89
N ASP H 90 34.68 57.60 -22.80
CA ASP H 90 33.48 58.11 -22.15
C ASP H 90 33.07 59.49 -22.67
N THR H 91 33.71 59.93 -23.75
CA THR H 91 33.33 61.18 -24.40
C THR H 91 32.09 60.96 -25.25
N ALA H 92 30.96 61.49 -24.79
CA ALA H 92 29.69 61.27 -25.49
C ALA H 92 28.63 62.28 -25.10
N VAL H 93 27.46 62.15 -25.72
CA VAL H 93 26.30 62.97 -25.36
C VAL H 93 25.41 62.16 -24.42
N TYR H 94 24.97 62.79 -23.34
CA TYR H 94 24.19 62.09 -22.32
C TYR H 94 22.77 62.61 -22.24
N TYR H 95 21.80 61.73 -22.53
CA TYR H 95 20.39 62.09 -22.48
C TYR H 95 19.75 61.65 -21.17
N CYS H 96 18.48 62.00 -20.98
CA CYS H 96 17.71 61.51 -19.85
C CYS H 96 16.26 61.30 -20.27
N ALA H 97 15.97 60.10 -20.77
CA ALA H 97 14.64 59.77 -21.26
C ALA H 97 13.66 59.54 -20.13
N ALA H 98 12.38 59.40 -20.48
CA ALA H 98 11.35 59.16 -19.49
C ALA H 98 10.16 58.41 -20.11
N ASP H 99 9.20 58.05 -19.26
CA ASP H 99 8.09 57.21 -19.69
C ASP H 99 6.80 57.72 -19.03
N PRO H 100 6.39 58.95 -19.37
CA PRO H 100 5.28 59.66 -18.71
C PRO H 100 3.92 59.00 -18.88
N TRP H 101 3.76 58.14 -19.89
CA TRP H 101 2.48 57.49 -20.14
C TRP H 101 2.58 55.97 -20.02
N GLU H 102 3.62 55.50 -19.35
CA GLU H 102 3.79 54.07 -19.06
C GLU H 102 3.67 53.20 -20.31
N LEU H 103 4.45 53.55 -21.34
CA LEU H 103 4.46 52.77 -22.57
C LEU H 103 5.59 51.75 -22.55
N ASN H 104 6.36 51.75 -21.47
CA ASN H 104 7.57 50.93 -21.37
C ASN H 104 8.56 51.24 -22.47
N ALA H 105 8.72 52.53 -22.75
CA ALA H 105 9.66 53.00 -23.76
C ALA H 105 9.99 54.46 -23.49
N PHE H 106 11.14 54.90 -23.98
CA PHE H 106 11.59 56.27 -23.77
C PHE H 106 10.82 57.22 -24.69
N ASN H 107 9.72 57.75 -24.17
CA ASN H 107 8.82 58.60 -24.95
C ASN H 107 9.39 60.01 -25.12
N VAL H 108 9.59 60.69 -24.00
CA VAL H 108 10.16 62.03 -24.00
C VAL H 108 11.66 61.94 -23.77
N TRP H 109 12.38 63.04 -24.03
CA TRP H 109 13.83 63.06 -23.90
C TRP H 109 14.36 64.39 -23.40
N GLY H 110 15.67 64.53 -23.40
CA GLY H 110 16.32 65.78 -23.05
C GLY H 110 17.19 66.25 -24.19
N GLN H 111 17.64 67.50 -24.13
CA GLN H 111 18.43 68.08 -25.21
C GLN H 111 19.80 67.43 -25.33
N GLY H 112 20.16 66.64 -24.31
CA GLY H 112 21.44 65.96 -24.29
C GLY H 112 22.54 66.83 -23.73
N THR H 113 23.53 66.20 -23.11
CA THR H 113 24.65 66.92 -22.51
C THR H 113 25.98 66.38 -23.02
N LEU H 114 26.78 67.23 -23.63
CA LEU H 114 28.06 66.80 -24.18
C LEU H 114 29.17 66.86 -23.13
N VAL H 115 29.76 65.71 -22.85
CA VAL H 115 30.89 65.63 -21.94
C VAL H 115 32.13 65.16 -22.69
N SER H 116 33.24 65.85 -22.49
CA SER H 116 34.48 65.49 -23.16
C SER H 116 35.56 65.08 -22.15
N VAL H 117 36.11 63.88 -22.33
CA VAL H 117 37.17 63.39 -21.46
C VAL H 117 38.51 63.39 -22.18
N SER H 118 39.37 64.33 -21.80
CA SER H 118 40.69 64.45 -22.42
C SER H 118 41.65 65.18 -21.49
N SER H 119 42.90 64.73 -21.46
CA SER H 119 43.90 65.33 -20.59
C SER H 119 44.32 66.71 -21.11
N ALA H 120 44.02 66.98 -22.36
CA ALA H 120 44.30 68.28 -22.96
C ALA H 120 43.36 69.35 -22.40
N SER H 121 43.77 70.61 -22.50
CA SER H 121 42.99 71.71 -21.95
C SER H 121 42.21 72.46 -23.03
N THR H 122 41.27 73.29 -22.60
CA THR H 122 40.46 74.09 -23.52
C THR H 122 41.34 75.07 -24.28
N LYS H 123 41.15 75.15 -25.60
CA LYS H 123 41.98 76.01 -26.44
C LYS H 123 41.21 76.44 -27.69
N GLY H 124 41.49 77.65 -28.16
CA GLY H 124 40.84 78.18 -29.35
C GLY H 124 41.49 77.70 -30.63
N PRO H 125 40.71 77.58 -31.70
CA PRO H 125 41.20 77.07 -32.98
C PRO H 125 42.01 78.09 -33.78
N SER H 126 42.81 77.59 -34.71
CA SER H 126 43.53 78.45 -35.65
C SER H 126 43.09 78.10 -37.05
N VAL H 127 42.83 79.11 -37.88
CA VAL H 127 42.32 78.88 -39.23
C VAL H 127 43.33 79.22 -40.31
N PHE H 128 43.36 78.40 -41.35
CA PHE H 128 44.28 78.61 -42.48
C PHE H 128 43.55 78.37 -43.79
N PRO H 129 43.72 79.30 -44.75
CA PRO H 129 43.05 79.21 -46.06
C PRO H 129 43.61 78.12 -46.95
N LEU H 130 42.78 77.62 -47.86
CA LEU H 130 43.19 76.61 -48.83
C LEU H 130 42.82 77.05 -50.24
N ALA H 131 43.47 78.11 -50.73
CA ALA H 131 43.13 78.70 -52.01
C ALA H 131 43.69 77.91 -53.18
N PRO H 132 42.97 77.91 -54.32
CA PRO H 132 43.41 77.28 -55.57
C PRO H 132 44.45 78.13 -56.27
N SER H 133 45.66 77.61 -56.41
CA SER H 133 46.75 78.35 -57.04
C SER H 133 46.80 78.12 -58.55
N SER H 134 45.67 78.32 -59.22
CA SER H 134 45.58 78.14 -60.67
C SER H 134 46.01 76.74 -61.09
N LYS H 135 45.84 75.79 -60.19
CA LYS H 135 46.20 74.40 -60.45
C LYS H 135 45.07 73.46 -60.05
N SER H 136 44.48 73.74 -58.89
CA SER H 136 43.35 72.95 -58.40
C SER H 136 42.14 73.11 -59.33
N THR H 137 42.12 74.22 -60.06
CA THR H 137 41.04 74.49 -61.01
C THR H 137 41.10 73.54 -62.20
N SER H 138 39.96 72.94 -62.54
CA SER H 138 39.87 72.05 -63.68
C SER H 138 39.71 72.84 -64.97
N GLY H 139 39.33 74.10 -64.84
CA GLY H 139 39.12 74.96 -65.99
C GLY H 139 37.68 75.47 -66.04
N GLY H 140 36.82 74.85 -65.25
CA GLY H 140 35.41 75.21 -65.22
C GLY H 140 34.87 75.36 -63.81
N THR H 141 35.27 74.45 -62.93
CA THR H 141 34.84 74.50 -61.53
C THR H 141 36.02 74.39 -60.58
N ALA H 142 36.27 75.47 -59.85
CA ALA H 142 37.35 75.49 -58.87
C ALA H 142 36.86 75.04 -57.50
N ALA H 143 37.80 74.73 -56.61
CA ALA H 143 37.46 74.30 -55.26
C ALA H 143 38.39 74.95 -54.23
N LEU H 144 37.80 75.47 -53.16
CA LEU H 144 38.56 76.12 -52.10
C LEU H 144 37.81 76.02 -50.77
N GLY H 145 38.55 76.20 -49.67
CA GLY H 145 37.93 76.11 -48.35
C GLY H 145 38.83 76.59 -47.23
N CYS H 146 38.56 76.11 -46.02
CA CYS H 146 39.34 76.47 -44.85
C CYS H 146 39.78 75.22 -44.09
N LEU H 147 40.53 75.43 -43.00
CA LEU H 147 41.04 74.32 -42.20
C LEU H 147 41.16 74.72 -40.73
N VAL H 148 40.18 74.31 -39.93
CA VAL H 148 40.21 74.60 -38.50
C VAL H 148 40.99 73.53 -37.75
N LYS H 149 42.22 73.85 -37.37
CA LYS H 149 43.10 72.87 -36.74
C LYS H 149 43.36 73.20 -35.27
N ASP H 150 43.48 72.16 -34.46
CA ASP H 150 43.86 72.27 -33.05
C ASP H 150 42.98 73.21 -32.22
N TYR H 151 41.98 72.62 -31.57
CA TYR H 151 41.10 73.34 -30.66
C TYR H 151 40.43 72.36 -29.73
N PHE H 152 39.78 72.87 -28.68
CA PHE H 152 39.15 72.01 -27.70
C PHE H 152 38.24 72.80 -26.77
N PRO H 153 37.06 72.24 -26.46
CA PRO H 153 36.60 71.00 -27.07
C PRO H 153 35.61 71.29 -28.19
N GLU H 154 34.72 70.34 -28.45
CA GLU H 154 33.64 70.53 -29.39
C GLU H 154 32.50 71.30 -28.72
N PRO H 155 31.54 71.80 -29.50
CA PRO H 155 31.53 71.74 -30.97
C PRO H 155 32.05 73.05 -31.57
N VAL H 156 31.83 73.21 -32.87
CA VAL H 156 32.21 74.45 -33.56
C VAL H 156 31.49 74.54 -34.90
N THR H 157 30.89 75.70 -35.15
CA THR H 157 30.11 75.90 -36.38
C THR H 157 30.91 76.65 -37.43
N VAL H 158 30.66 76.31 -38.69
CA VAL H 158 31.33 76.96 -39.82
C VAL H 158 30.34 77.36 -40.90
N SER H 159 30.31 78.66 -41.22
CA SER H 159 29.48 79.15 -42.30
C SER H 159 30.32 79.92 -43.31
N TRP H 160 29.73 80.25 -44.45
CA TRP H 160 30.45 80.98 -45.50
C TRP H 160 29.73 82.27 -45.88
N ASN H 161 30.42 83.39 -45.72
CA ASN H 161 29.88 84.70 -46.06
C ASN H 161 28.63 85.05 -45.26
N SER H 162 28.64 84.71 -43.98
CA SER H 162 27.54 85.02 -43.07
C SER H 162 26.21 84.44 -43.51
N GLY H 163 26.26 83.34 -44.26
CA GLY H 163 25.06 82.66 -44.70
C GLY H 163 24.73 82.91 -46.16
N ALA H 164 25.39 83.91 -46.74
CA ALA H 164 25.14 84.27 -48.15
C ALA H 164 25.39 83.09 -49.07
N LEU H 165 26.40 82.29 -48.76
CA LEU H 165 26.72 81.11 -49.55
C LEU H 165 26.47 79.83 -48.76
N THR H 166 25.40 79.11 -49.11
CA THR H 166 25.06 77.87 -48.44
C THR H 166 24.82 76.74 -49.43
N SER H 167 25.06 77.02 -50.71
CA SER H 167 24.84 76.03 -51.76
C SER H 167 26.14 75.30 -52.13
N GLY H 168 26.22 74.03 -51.74
CA GLY H 168 27.38 73.20 -52.04
C GLY H 168 28.53 73.46 -51.09
N VAL H 169 28.22 73.61 -49.81
CA VAL H 169 29.24 73.88 -48.79
C VAL H 169 29.41 72.68 -47.86
N HIS H 170 30.32 71.78 -48.21
CA HIS H 170 30.56 70.59 -47.41
C HIS H 170 31.41 70.89 -46.18
N THR H 171 30.81 70.77 -45.00
CA THR H 171 31.53 70.94 -43.74
C THR H 171 31.71 69.58 -43.08
N PHE H 172 32.84 68.95 -43.35
CA PHE H 172 33.12 67.61 -42.84
C PHE H 172 33.21 67.57 -41.33
N PRO H 173 32.83 66.43 -40.73
CA PRO H 173 32.95 66.22 -39.28
C PRO H 173 34.41 66.28 -38.84
N ALA H 174 34.65 66.69 -37.61
CA ALA H 174 36.00 66.82 -37.09
C ALA H 174 36.63 65.45 -36.83
N VAL H 175 37.92 65.45 -36.54
CA VAL H 175 38.62 64.21 -36.17
C VAL H 175 39.51 64.44 -34.96
N LEU H 176 39.58 63.43 -34.08
CA LEU H 176 40.39 63.52 -32.88
C LEU H 176 41.86 63.21 -33.22
N GLN H 177 42.69 64.25 -33.24
CA GLN H 177 44.10 64.10 -33.58
C GLN H 177 44.84 63.31 -32.51
N SER H 178 46.07 62.92 -32.83
CA SER H 178 46.91 62.17 -31.89
C SER H 178 47.30 63.03 -30.70
N SER H 179 47.24 64.35 -30.87
CA SER H 179 47.62 65.29 -29.83
C SER H 179 46.44 65.65 -28.93
N GLY H 180 45.40 64.81 -28.95
CA GLY H 180 44.23 65.01 -28.11
C GLY H 180 43.39 66.23 -28.47
N LEU H 181 43.59 66.75 -29.68
CA LEU H 181 42.85 67.93 -30.12
C LEU H 181 42.10 67.63 -31.41
N TYR H 182 41.05 68.40 -31.67
CA TYR H 182 40.23 68.19 -32.85
C TYR H 182 40.79 68.90 -34.09
N SER H 183 40.13 68.71 -35.23
CA SER H 183 40.53 69.33 -36.48
C SER H 183 39.53 69.01 -37.58
N LEU H 184 38.92 70.04 -38.15
CA LEU H 184 37.94 69.85 -39.21
C LEU H 184 38.34 70.58 -40.47
N SER H 185 37.61 70.34 -41.55
CA SER H 185 37.85 71.02 -42.81
C SER H 185 36.55 71.24 -43.58
N SER H 186 36.23 72.50 -43.84
CA SER H 186 35.01 72.86 -44.57
C SER H 186 35.35 73.49 -45.92
N VAL H 187 34.80 72.93 -46.99
CA VAL H 187 35.10 73.39 -48.34
C VAL H 187 33.86 73.81 -49.11
N VAL H 188 34.06 74.31 -50.33
CA VAL H 188 32.98 74.73 -51.21
C VAL H 188 33.48 74.86 -52.64
N THR H 189 32.70 74.36 -53.59
CA THR H 189 33.06 74.44 -55.00
C THR H 189 32.41 75.63 -55.69
N VAL H 190 33.19 76.38 -56.44
CA VAL H 190 32.70 77.56 -57.14
C VAL H 190 33.23 77.61 -58.57
N PRO H 191 32.54 78.34 -59.46
CA PRO H 191 32.98 78.51 -60.85
C PRO H 191 34.38 79.12 -60.93
N SER H 192 35.22 78.59 -61.80
CA SER H 192 36.59 79.08 -61.93
C SER H 192 36.64 80.49 -62.50
N SER H 193 35.55 80.92 -63.11
CA SER H 193 35.46 82.26 -63.68
C SER H 193 35.15 83.29 -62.59
N SER H 194 34.49 82.83 -61.53
CA SER H 194 34.12 83.71 -60.42
C SER H 194 35.10 83.58 -59.25
N LEU H 195 36.36 83.90 -59.51
CA LEU H 195 37.39 83.80 -58.47
C LEU H 195 38.04 85.17 -58.21
N GLY H 196 38.67 85.72 -59.24
CA GLY H 196 39.36 86.99 -59.10
C GLY H 196 38.43 88.18 -58.96
N THR H 197 37.13 87.91 -58.92
CA THR H 197 36.12 88.95 -58.78
C THR H 197 35.10 88.60 -57.70
N GLN H 198 35.56 87.93 -56.65
CA GLN H 198 34.67 87.53 -55.56
C GLN H 198 35.41 87.40 -54.23
N THR H 199 34.73 87.74 -53.14
CA THR H 199 35.32 87.69 -51.80
C THR H 199 34.84 86.45 -51.04
N TYR H 200 35.79 85.60 -50.66
CA TYR H 200 35.48 84.38 -49.91
C TYR H 200 36.13 84.38 -48.53
N ILE H 201 35.28 84.43 -47.49
CA ILE H 201 35.75 84.45 -46.11
C ILE H 201 35.04 83.38 -45.28
N CYS H 202 35.82 82.49 -44.67
CA CYS H 202 35.25 81.40 -43.85
C CYS H 202 34.95 81.87 -42.43
N ASN H 203 33.82 81.43 -41.90
CA ASN H 203 33.37 81.85 -40.58
C ASN H 203 33.57 80.77 -39.51
N VAL H 204 33.85 81.20 -38.28
CA VAL H 204 34.10 80.30 -37.18
C VAL H 204 33.59 80.86 -35.85
N ASN H 205 32.97 80.00 -35.04
CA ASN H 205 32.52 80.39 -33.72
C ASN H 205 32.67 79.26 -32.70
N HIS H 206 33.74 79.32 -31.92
CA HIS H 206 34.01 78.31 -30.91
C HIS H 206 33.46 78.74 -29.55
N LYS H 207 32.20 78.41 -29.29
CA LYS H 207 31.51 78.84 -28.09
C LYS H 207 32.21 78.51 -26.77
N PRO H 208 32.79 77.31 -26.65
CA PRO H 208 33.48 76.90 -25.42
C PRO H 208 34.56 77.88 -24.96
N SER H 209 35.25 78.52 -25.89
CA SER H 209 36.30 79.46 -25.55
C SER H 209 35.97 80.88 -25.99
N ASN H 210 34.69 81.14 -26.24
CA ASN H 210 34.23 82.45 -26.69
C ASN H 210 35.14 83.05 -27.75
N THR H 211 35.25 82.35 -28.88
CA THR H 211 36.14 82.77 -29.96
C THR H 211 35.41 82.81 -31.30
N LYS H 212 35.51 83.96 -31.98
CA LYS H 212 34.87 84.14 -33.28
C LYS H 212 35.87 84.71 -34.28
N VAL H 213 36.17 83.93 -35.31
CA VAL H 213 37.24 84.28 -36.25
C VAL H 213 36.87 84.06 -37.71
N ASP H 214 37.33 84.97 -38.57
CA ASP H 214 37.15 84.85 -40.01
C ASP H 214 38.48 84.96 -40.74
N LYS H 215 38.59 84.31 -41.89
CA LYS H 215 39.86 84.29 -42.63
C LYS H 215 39.67 84.60 -44.11
N LYS H 216 40.69 85.23 -44.71
CA LYS H 216 40.64 85.60 -46.12
C LYS H 216 41.25 84.51 -47.01
N VAL H 217 40.54 84.15 -48.07
CA VAL H 217 41.03 83.17 -49.03
C VAL H 217 41.31 83.83 -50.38
N GLU H 218 42.58 83.85 -50.77
CA GLU H 218 42.99 84.53 -52.00
C GLU H 218 44.01 83.72 -52.80
N PRO H 219 43.87 83.74 -54.13
CA PRO H 219 44.85 83.10 -55.03
C PRO H 219 46.17 83.87 -55.05
#